data_9HMS
#
_entry.id   9HMS
#
_cell.length_a   1.00
_cell.length_b   1.00
_cell.length_c   1.00
_cell.angle_alpha   90.00
_cell.angle_beta   90.00
_cell.angle_gamma   90.00
#
_symmetry.space_group_name_H-M   'P 1'
#
loop_
_entity.id
_entity.type
_entity.pdbx_description
1 polymer 'Cohesin subunit SA-2'
2 polymer 'Double-strand-break repair protein rad21 homolog'
3 polymer Separin
4 non-polymer 'ZINC ION'
#
loop_
_entity_poly.entity_id
_entity_poly.type
_entity_poly.pdbx_seq_one_letter_code
_entity_poly.pdbx_strand_id
1 'polypeptide(L)'
;MIAAPEIPTDFNLLQESETHFSSDTDFEDIEGKNQKQGKGKTCKKGKKGPAEKGKGGNGGGKPPSGPNRMNGHHQQNGVE
NMMLFEVVKMGKSAMQSVVDDWIESYKHDRDIALLDLINFFIQCSGCKGVVTAEMFRHMQNSEIIRKMTEEFDEDSGDYP
LTMAGPQWKKFKSSFCEFIGVLVRQCQYSIIYDEYMMDTVISLLTGLSDSQVRAFRHTSTLAAMKLMTALVNVALNLSIN
MDNTQRQYEAERNKMIGKRANERLELLLQKRKELQENQDEIENMMNAIFKGVFVHRYRDAIAEIRAICIEEIGIWMKMYS
DAFLNDSYLKYVGWTMHDKQGEVRLKCLTALQGLYYNKELNSKLELFTSRFKDRIVSMTLDKEYDVAVQAIKLLTLVLQS
SEEVLTAEDCENVYHLVYSAHRPVAVAAGEFLYKKLFSRRDPEEDGMMKRRGRQGPNANLVKTLVFFFLESELHEHAAYL
VDSMWDCATELLKDWECMNSLLLEEPLSGEEALTDRQESALIEIMLCTIRQAAECHPPVGRGTGKRVLTAKEKKTQLDDR
TKITELFAVALPQLLAKYSVDAEKVTNLLQLPQYFDLEIYTTGRLEKHLDALLRQIRNIVEKHTDTDVLEACSKTYHALC
NEEFTIFNRVDISRSQLIDELADKFNRLLEDFLQEGEEPDEDDAYQVLSTLKRITAFHNAHDLSKWDLFACNYKLLKTGI
ENGDMPEQIVIHALQCTHYVILWQLAKITESSSTKEDLLRLKKQMRVFCQICQHYLTNVNTTVKEQAFTILCDILMIFSH
QIMSGGRDMLEPLVYTPDSSLQSELLSFILDHVFIEQDDDNNSADGQQEDEASKIEALHKRRNLLAAFCKLIVYTVVEMN
TAADIFKQYMKYYNDYGDIIKETMSKTRQIDKIQCAKTLILSLQQLFNEMIQENGYNFDRSSSTFSGIKELARRFALTFG
LDQLKTREAIAMLHKDGIEFAFKEPNPQGESHPPLNLAFLDILSEFSSKLLRQDKRTVYVYLEKFMTFQMSLRREDVWLP
LMSYRNSLLAGGDDDTMSVISGISSRGSTVRSKKSKPSTGKRKVVEGMQLSLTEESSSSDSMWLSREQTLHTPVMMQTPQ
LTSTIMREPKRLRPEDSFMSVYPMQTEHHQTPLDYNRRGTSLMEDDEEPIVEDVMMSSEGRIEDLNEGMDFDTMDIDLPP
SKNRRERTELKPDFFDPASIMDESVLGVSMFSSLAEENLYFQSWSHPQFEKGGGSGGGSGGGSWSHPQFEK
;
A
2 'polypeptide(L)'
;DITVKETKAKRKRKLIVDSVKELDSKTIRAQLSDYSDIVTTLDLAPPTKKLMMWKETGGVEKLFSLPAQPLWNNRLLKLF
TRCLTPLVPEDLRKRRKGGEADNLDEFLKEFENPEVPREDQQQQHQQRDVIDEPIIEEPSRLQESVMEASRTNIDESAMP
PPPPQGVKRKAGQIDPEPVMPPQQVEQMEIPPVELPPEEPPNICQLIPELELLPEKEKEKEKEKEDDEEEEDEDASGGDQ
D
;
B
3 'polypeptide(L)'
;MDYKDHDGDYKDHDIDYKDDDDKSGPGGSGGSGGGSGGGSGENLYFQGGGSGGSGMRSFKRVNFGTLLSSQKEAEELLPD
LKEFLSNPPAGFPSSRSDAERRQACDAILRACNQQLTAKLACPRHLGSLLELAELACDGYLVSTPQRPPLYLERILFVLL
RNAAAQGSPEVTLRLAQPLHACLVQCSREAAPQDYEAVARGSFSLLWKGAEALLERRAAFAARLKALSFLVLLEDESTPC
EVPHFASPTACRAVAAHQLFDASGHGLNEADADFLDDLLSRHVIRALVGERGSSSGLLSPQRALCLLELTLEHCRRFCWS
RHHDKAISAVEKAHSYLRNTNLAPSLQLCQLGVKLLQVGEEGPQAVAKLLIKASAVLSKSMEAPSPPLRALYESCQFFLS
GLERGTKRRYRLDAILSLFAFLGGYCSLLQQLRDDGVYGGSSKQQQSFLQMYFQGLHLYTVVVYDFAQGCQIVDLADLTQ
LVDSCKSTVVWMLEALEGLSGQELTDHMGMTASYTSNLAYSFYSHKLYAEACAISEPLCQHLGLVKPGTYPEVPPEKLHR
CFRLQVESLKKLGKQAQGCKMVILWLAALQPCSPEHMAEPVTFWVRVKMDAARAGDKELQLKTLRDSLSGWDPETLALLL
REELQAYKAVRADTGQERFNIICDLLELSPEETPAGAWARATHLVELAQVLCYHDFTQQTNCSALDAIREALQLLDSVRP
EAQARDQLLDDKAQALLWLYICTLEAKMQEGIERDRRAQAPGNLEEFEVNDLNYEDKLQEDRFLYSNIAFNLAADAAQSK
CLDQALALWKELLTKGQAPAVRCLQQTAASLQILAALYQLVAKPMQALEVLLLLRIVSERLKDHSKAAGSSCHITQLLLT
LGCPSYAQLHLEEAASSLKHLDQTTDTYLLLSLTCDLLRSQLYWTHQKVTKGVSLLLSVLRDPALQKSSKAWYLLRVQVL
QLVAAYLSLPSNNLSHSLWEQLCAQGWQTPEIALIDSHKLLRSIILLLMGSDILSTQKAAVETSFLDYGENLVQKWQVLS
EVLSCSEKLVCHLGRLGSVSEAKAFCLEALKLTTKLQIPRQCALFLVLKGELELARNDIDLCQSDLQQVLFLLESCTEFG
GVTQHLDSVKKVHLQKGKQQAQVPCPPQLPEEELFLRGPALELVATVAKEPGPIAPSTNSSPVLKTKPQPIPNFLSHSPT
CDCSLCASPVLTAVCLRWVLVTAGVRLAMGHQAQGLDLLQVVLKGCPEAAERLTQALQASLNHKTPPSLVPSLLDEILAQ
AYTLLALEGLNQPSNESLQKVLQSGLKFVAARIPHLEPWRASLLLIWALTKLGGLSCCTTQLFASSWGWQPPLIKSVPGS
EPSKTQGQKRSGRGRQKLASAPLSLNNTSQKGLEGRGLPCTPKPPDRIRQAGPHVPFTVFEEVCPTESKPEVPQAPRVQQ
RVQTRLKVNFSDDSDLEDPVSAEAWLAEEPKRRGTASRGRGRARKGLSLKTDAVVAPGSAPGNPGLNGRSRRAKKVASRH
CEERRPQRASDQARPGGLEVLFQGPGSGDSSKKKLPSPCPDKESDKDLGPRLQLPSAPVATGLSTLDSICDSLSVAFRGI
SHCPPSGLYAHLCRFLALCLGHRDPYATAFLVTESVSITCRHQLLTHLHRQLSKAQKHRGSLEIADQLQGLSLQEMPGDV
PLARIQRLFSFRALESGHFPQPEKESFQERLALIPSGVTVCVLALATLQPGTVGNTLLLTRLEKDSPPVSVQIPTGQNKL
HLRSVLNEFDAIQKAQKENSSCTDKREWWTGRLALDHRMEVLIASLEKSVLGCWKGLLLPSSEEPGPAQEASRLQELLQD
CGWKYPDRTLLKIMLSGAGALTPQDIQALAYGLCPTQPERAQELLNEAVGRLQGLTVPSNSHLVLVLDKDLQKLPWESMP
SLQALPVTRLPSFRFLLSYSIIKEYGASPVLSQGVDPRSTFYVLNPHNNLSSTEEQFRANFSSEAGWRGVVGEVPRPEQV
QEALTKHDLYIYAGHGAGARFLDGQAVLRLSCRAVALLFGSSSAALAVHGNLEGAGIVLKYIMAGCPLFLGNLWDVTDRD
IDRYTEALLQGWLGAGPGAPLLYYVNQARQAPRLKYLIGAAPIAYGLPVSLRSSLAEENLYFQSWSHPQFEKGGGSGGGS
GGGSWSHPQFEK
;
C
#
# COMPACT_ATOMS: atom_id res chain seq x y z
N LEU A 84 -31.20 -23.31 -47.59
CA LEU A 84 -32.06 -22.14 -47.47
C LEU A 84 -31.24 -20.86 -47.40
N PHE A 85 -31.48 -20.07 -46.34
CA PHE A 85 -30.69 -18.85 -46.14
C PHE A 85 -29.24 -19.15 -45.85
N GLU A 86 -28.90 -20.38 -45.49
CA GLU A 86 -27.51 -20.75 -45.26
C GLU A 86 -26.68 -20.63 -46.52
N VAL A 87 -27.30 -20.74 -47.69
CA VAL A 87 -26.58 -20.50 -48.94
C VAL A 87 -26.08 -19.06 -49.00
N VAL A 88 -26.92 -18.11 -48.56
CA VAL A 88 -26.49 -16.73 -48.45
C VAL A 88 -25.48 -16.56 -47.32
N LYS A 89 -25.70 -17.26 -46.20
CA LYS A 89 -24.79 -17.14 -45.06
C LYS A 89 -23.39 -17.61 -45.43
N MET A 90 -23.28 -18.73 -46.13
CA MET A 90 -21.99 -19.23 -46.59
C MET A 90 -21.55 -18.60 -47.90
N GLY A 91 -22.36 -17.73 -48.50
CA GLY A 91 -22.07 -17.14 -49.77
C GLY A 91 -22.39 -18.00 -50.97
N LYS A 92 -23.01 -19.16 -50.76
CA LYS A 92 -23.31 -20.09 -51.84
C LYS A 92 -24.55 -19.71 -52.63
N SER A 93 -25.31 -18.70 -52.20
CA SER A 93 -26.45 -18.23 -52.97
C SER A 93 -25.98 -17.72 -54.32
N ALA A 94 -26.71 -18.10 -55.38
CA ALA A 94 -26.25 -17.80 -56.73
C ALA A 94 -27.47 -17.69 -57.65
N MET A 95 -27.23 -17.70 -58.95
CA MET A 95 -28.30 -17.54 -59.92
C MET A 95 -28.59 -18.84 -60.68
N GLN A 96 -27.58 -19.40 -61.32
CA GLN A 96 -27.77 -20.58 -62.18
C GLN A 96 -28.28 -21.78 -61.40
N SER A 97 -27.50 -22.24 -60.42
CA SER A 97 -27.89 -23.43 -59.65
C SER A 97 -29.14 -23.16 -58.83
N VAL A 98 -29.28 -21.95 -58.31
CA VAL A 98 -30.45 -21.60 -57.53
C VAL A 98 -31.70 -21.66 -58.39
N VAL A 99 -31.61 -21.16 -59.63
CA VAL A 99 -32.74 -21.23 -60.55
C VAL A 99 -33.01 -22.66 -60.96
N ASP A 100 -31.96 -23.47 -61.08
CA ASP A 100 -32.17 -24.89 -61.33
C ASP A 100 -32.98 -25.54 -60.22
N ASP A 101 -32.63 -25.21 -58.96
CA ASP A 101 -33.38 -25.71 -57.82
C ASP A 101 -34.81 -25.18 -57.81
N TRP A 102 -34.98 -23.90 -58.17
CA TRP A 102 -36.32 -23.31 -58.21
C TRP A 102 -37.19 -23.97 -59.26
N ILE A 103 -36.61 -24.26 -60.43
CA ILE A 103 -37.32 -24.97 -61.48
C ILE A 103 -37.62 -26.41 -61.07
N GLU A 104 -36.71 -27.06 -60.35
CA GLU A 104 -37.01 -28.39 -59.82
C GLU A 104 -38.17 -28.35 -58.84
N SER A 105 -38.22 -27.32 -58.00
CA SER A 105 -39.36 -27.15 -57.10
C SER A 105 -40.64 -26.90 -57.90
N TYR A 106 -40.55 -26.09 -58.95
CA TYR A 106 -41.72 -25.84 -59.79
C TYR A 106 -42.19 -27.09 -60.50
N LYS A 107 -41.26 -28.03 -60.76
CA LYS A 107 -41.64 -29.30 -61.37
C LYS A 107 -42.64 -30.03 -60.50
N HIS A 108 -42.48 -29.96 -59.18
CA HIS A 108 -43.52 -30.46 -58.28
C HIS A 108 -44.75 -29.57 -58.31
N ASP A 109 -44.59 -28.31 -57.90
CA ASP A 109 -45.68 -27.33 -57.91
C ASP A 109 -45.17 -25.96 -57.48
N ARG A 110 -46.03 -24.95 -57.61
CA ARG A 110 -45.77 -23.64 -57.04
C ARG A 110 -46.60 -23.40 -55.78
N ASP A 111 -47.35 -24.40 -55.32
CA ASP A 111 -48.17 -24.24 -54.13
C ASP A 111 -47.33 -24.02 -52.89
N ILE A 112 -46.24 -24.77 -52.75
CA ILE A 112 -45.32 -24.63 -51.63
C ILE A 112 -44.03 -23.91 -52.02
N ALA A 113 -43.84 -23.65 -53.32
CA ALA A 113 -42.66 -22.91 -53.79
C ALA A 113 -42.78 -21.44 -53.42
N LEU A 114 -43.94 -21.06 -52.88
CA LEU A 114 -44.15 -19.75 -52.27
C LEU A 114 -44.02 -19.79 -50.76
N LEU A 115 -44.52 -20.84 -50.10
CA LEU A 115 -44.32 -20.97 -48.66
C LEU A 115 -42.84 -21.07 -48.32
N ASP A 116 -42.10 -21.90 -49.05
CA ASP A 116 -40.67 -22.00 -48.85
C ASP A 116 -39.95 -20.71 -49.25
N LEU A 117 -40.40 -20.07 -50.34
CA LEU A 117 -39.78 -18.82 -50.78
C LEU A 117 -39.91 -17.74 -49.72
N ILE A 118 -41.07 -17.64 -49.09
CA ILE A 118 -41.26 -16.68 -48.01
C ILE A 118 -40.46 -17.08 -46.78
N ASN A 119 -40.47 -18.37 -46.44
CA ASN A 119 -39.80 -18.83 -45.22
C ASN A 119 -38.30 -18.57 -45.28
N PHE A 120 -37.67 -18.95 -46.39
CA PHE A 120 -36.22 -18.77 -46.53
C PHE A 120 -35.86 -17.30 -46.52
N PHE A 121 -36.62 -16.48 -47.25
CA PHE A 121 -36.33 -15.05 -47.33
C PHE A 121 -36.51 -14.37 -45.98
N ILE A 122 -37.48 -14.81 -45.19
CA ILE A 122 -37.71 -14.19 -43.89
C ILE A 122 -36.50 -14.39 -42.98
N GLN A 123 -35.98 -15.61 -42.94
CA GLN A 123 -34.78 -15.89 -42.15
C GLN A 123 -33.52 -15.34 -42.81
N CYS A 124 -33.58 -14.97 -44.10
CA CYS A 124 -32.42 -14.38 -44.76
C CYS A 124 -32.05 -13.03 -44.16
N SER A 125 -32.98 -12.39 -43.44
CA SER A 125 -32.66 -11.13 -42.78
C SER A 125 -31.59 -11.33 -41.70
N GLY A 126 -31.65 -12.44 -40.99
CA GLY A 126 -30.73 -12.73 -39.91
C GLY A 126 -31.39 -13.19 -38.62
N CYS A 127 -32.69 -13.01 -38.46
CA CYS A 127 -33.38 -13.47 -37.27
C CYS A 127 -33.74 -14.96 -37.42
N LYS A 128 -34.33 -15.53 -36.37
CA LYS A 128 -34.73 -16.93 -36.36
C LYS A 128 -36.23 -17.01 -36.04
N GLY A 129 -37.05 -16.88 -37.08
CA GLY A 129 -38.48 -17.02 -36.96
C GLY A 129 -38.93 -18.43 -37.27
N VAL A 130 -40.23 -18.58 -37.49
CA VAL A 130 -40.84 -19.87 -37.80
C VAL A 130 -41.92 -19.66 -38.84
N VAL A 131 -42.26 -20.73 -39.55
CA VAL A 131 -43.32 -20.73 -40.56
C VAL A 131 -44.21 -21.93 -40.29
N THR A 132 -45.38 -21.68 -39.70
CA THR A 132 -46.37 -22.72 -39.50
C THR A 132 -47.19 -22.91 -40.76
N ALA A 133 -47.75 -24.11 -40.92
CA ALA A 133 -48.56 -24.41 -42.10
C ALA A 133 -49.70 -23.41 -42.25
N GLU A 134 -50.32 -23.05 -41.13
CA GLU A 134 -51.36 -22.02 -41.13
C GLU A 134 -50.98 -20.90 -40.18
N MET A 135 -49.72 -20.45 -40.24
CA MET A 135 -49.22 -19.39 -39.38
C MET A 135 -50.12 -18.16 -39.51
N PHE A 136 -50.45 -17.79 -40.74
CA PHE A 136 -51.47 -16.77 -40.98
C PHE A 136 -52.29 -17.13 -42.20
N ARG A 137 -52.38 -18.43 -42.52
CA ARG A 137 -53.00 -18.86 -43.77
C ARG A 137 -54.44 -18.37 -43.87
N HIS A 138 -55.24 -18.62 -42.83
CA HIS A 138 -56.60 -18.09 -42.80
C HIS A 138 -56.63 -16.60 -42.52
N MET A 139 -55.62 -16.10 -41.78
CA MET A 139 -55.57 -14.69 -41.42
C MET A 139 -54.82 -13.87 -42.47
N GLN A 140 -54.47 -12.64 -42.11
CA GLN A 140 -53.64 -11.80 -42.94
C GLN A 140 -52.18 -12.15 -42.70
N ASN A 141 -51.43 -12.35 -43.79
CA ASN A 141 -50.02 -12.71 -43.67
C ASN A 141 -49.23 -11.64 -42.93
N SER A 142 -49.64 -10.37 -43.08
CA SER A 142 -48.94 -9.24 -42.48
C SER A 142 -48.82 -9.39 -40.98
N GLU A 143 -49.75 -10.11 -40.36
CA GLU A 143 -49.72 -10.36 -38.93
C GLU A 143 -48.43 -11.04 -38.49
N ILE A 144 -47.82 -11.80 -39.40
CA ILE A 144 -46.64 -12.60 -39.08
C ILE A 144 -45.48 -11.71 -38.68
N ILE A 145 -45.59 -10.40 -38.93
CA ILE A 145 -44.51 -9.45 -38.67
C ILE A 145 -44.09 -9.52 -37.21
N ARG A 146 -45.00 -9.20 -36.30
CA ARG A 146 -44.65 -9.20 -34.88
C ARG A 146 -44.41 -10.62 -34.36
N LYS A 147 -45.10 -11.61 -34.93
CA LYS A 147 -44.92 -12.99 -34.50
C LYS A 147 -43.49 -13.45 -34.74
N MET A 148 -42.92 -13.10 -35.89
CA MET A 148 -41.54 -13.43 -36.19
C MET A 148 -40.58 -12.50 -35.48
N THR A 149 -41.03 -11.27 -35.23
CA THR A 149 -40.19 -10.30 -34.50
C THR A 149 -39.92 -10.79 -33.09
N GLU A 150 -40.93 -11.40 -32.46
CA GLU A 150 -40.72 -11.99 -31.14
C GLU A 150 -39.64 -13.05 -31.18
N GLU A 151 -39.66 -13.90 -32.21
CA GLU A 151 -38.62 -14.90 -32.44
C GLU A 151 -37.47 -14.24 -33.22
N PHE A 152 -36.77 -13.34 -32.53
CA PHE A 152 -35.71 -12.57 -33.16
C PHE A 152 -34.33 -13.23 -33.06
N ASP A 153 -34.08 -13.99 -32.00
CA ASP A 153 -32.76 -14.59 -31.75
C ASP A 153 -31.67 -13.52 -31.81
N GLU A 154 -31.93 -12.39 -31.16
CA GLU A 154 -31.03 -11.24 -31.25
C GLU A 154 -29.70 -11.54 -30.57
N ASP A 155 -28.62 -11.30 -31.30
CA ASP A 155 -27.27 -11.47 -30.78
C ASP A 155 -26.51 -10.14 -30.84
N SER A 156 -26.58 -9.48 -31.99
CA SER A 156 -25.91 -8.20 -32.18
C SER A 156 -26.72 -7.35 -33.16
N GLY A 157 -26.46 -6.06 -33.14
CA GLY A 157 -27.16 -5.13 -34.02
C GLY A 157 -26.58 -5.10 -35.42
N ASP A 158 -26.78 -6.19 -36.18
CA ASP A 158 -26.28 -6.28 -37.54
C ASP A 158 -27.10 -7.31 -38.29
N TYR A 159 -27.77 -6.88 -39.36
CA TYR A 159 -28.52 -7.78 -40.20
C TYR A 159 -27.55 -8.56 -41.09
N PRO A 160 -28.07 -9.45 -41.94
CA PRO A 160 -27.17 -10.22 -42.82
C PRO A 160 -26.29 -9.34 -43.69
N LEU A 161 -26.82 -8.24 -44.21
CA LEU A 161 -26.00 -7.32 -44.99
C LEU A 161 -25.11 -6.48 -44.07
N THR A 162 -25.65 -6.06 -42.92
CA THR A 162 -24.88 -5.22 -42.01
C THR A 162 -23.73 -5.96 -41.38
N MET A 163 -23.87 -7.27 -41.16
CA MET A 163 -22.80 -8.08 -40.58
C MET A 163 -21.59 -8.06 -41.52
N ALA A 164 -20.53 -7.39 -41.09
CA ALA A 164 -19.43 -7.05 -41.97
C ALA A 164 -18.64 -8.31 -42.38
N GLY A 165 -17.72 -8.10 -43.32
CA GLY A 165 -16.86 -9.16 -43.79
C GLY A 165 -17.44 -9.93 -44.96
N PRO A 166 -16.98 -11.17 -45.14
CA PRO A 166 -17.53 -12.00 -46.22
C PRO A 166 -19.02 -12.20 -46.11
N GLN A 167 -19.56 -12.34 -44.88
CA GLN A 167 -21.00 -12.48 -44.72
C GLN A 167 -21.75 -11.28 -45.25
N TRP A 168 -21.09 -10.13 -45.37
CA TRP A 168 -21.68 -8.97 -46.00
C TRP A 168 -21.46 -8.97 -47.52
N LYS A 169 -20.19 -9.10 -47.94
CA LYS A 169 -19.87 -8.95 -49.36
C LYS A 169 -20.53 -10.05 -50.20
N LYS A 170 -20.31 -11.32 -49.81
CA LYS A 170 -20.86 -12.42 -50.59
C LYS A 170 -22.38 -12.40 -50.60
N PHE A 171 -23.00 -12.08 -49.46
CA PHE A 171 -24.46 -12.04 -49.39
C PHE A 171 -25.01 -10.92 -50.27
N LYS A 172 -24.39 -9.74 -50.23
CA LYS A 172 -24.87 -8.63 -51.04
C LYS A 172 -24.72 -8.93 -52.53
N SER A 173 -23.61 -9.55 -52.92
CA SER A 173 -23.44 -9.94 -54.31
C SER A 173 -24.43 -11.03 -54.71
N SER A 174 -24.72 -11.96 -53.79
CA SER A 174 -25.52 -13.13 -54.09
C SER A 174 -27.02 -12.84 -54.18
N PHE A 175 -27.52 -11.96 -53.31
CA PHE A 175 -28.96 -11.75 -53.16
C PHE A 175 -29.63 -11.45 -54.50
N CYS A 176 -29.07 -10.51 -55.26
CA CYS A 176 -29.65 -10.09 -56.53
C CYS A 176 -29.78 -11.27 -57.49
N GLU A 177 -28.87 -12.24 -57.37
CA GLU A 177 -28.85 -13.37 -58.30
C GLU A 177 -30.13 -14.18 -58.20
N PHE A 178 -30.61 -14.43 -56.99
CA PHE A 178 -31.82 -15.24 -56.82
C PHE A 178 -33.03 -14.55 -57.43
N ILE A 179 -33.18 -13.25 -57.20
CA ILE A 179 -34.30 -12.47 -57.72
C ILE A 179 -34.25 -12.45 -59.25
N GLY A 180 -33.07 -12.17 -59.80
CA GLY A 180 -32.91 -12.15 -61.23
C GLY A 180 -33.21 -13.49 -61.85
N VAL A 181 -32.78 -14.55 -61.17
CA VAL A 181 -33.02 -15.91 -61.67
C VAL A 181 -34.51 -16.21 -61.68
N LEU A 182 -35.21 -15.83 -60.61
CA LEU A 182 -36.66 -16.05 -60.55
C LEU A 182 -37.37 -15.31 -61.68
N VAL A 183 -36.99 -14.05 -61.89
CA VAL A 183 -37.62 -13.26 -62.94
C VAL A 183 -37.33 -13.86 -64.31
N ARG A 184 -36.06 -14.19 -64.58
CA ARG A 184 -35.68 -14.68 -65.89
C ARG A 184 -36.31 -16.04 -66.19
N GLN A 185 -36.36 -16.92 -65.19
CA GLN A 185 -37.03 -18.20 -65.37
C GLN A 185 -38.52 -17.99 -65.59
N CYS A 186 -39.10 -16.96 -64.96
CA CYS A 186 -40.53 -16.66 -65.23
C CYS A 186 -40.75 -16.71 -66.75
N GLN A 187 -39.76 -16.31 -67.54
CA GLN A 187 -39.85 -16.41 -69.02
C GLN A 187 -41.23 -15.94 -69.51
N TYR A 188 -41.61 -14.71 -69.18
CA TYR A 188 -42.91 -14.15 -69.65
C TYR A 188 -44.03 -15.14 -69.34
N SER A 189 -44.00 -15.78 -68.17
CA SER A 189 -45.08 -16.71 -67.77
C SER A 189 -45.20 -16.74 -66.24
N ILE A 190 -46.29 -17.30 -65.70
CA ILE A 190 -46.49 -17.40 -64.22
C ILE A 190 -46.63 -16.00 -63.63
N ILE A 191 -45.54 -15.23 -63.60
CA ILE A 191 -45.62 -13.82 -63.12
C ILE A 191 -46.53 -13.06 -64.09
N TYR A 192 -46.42 -13.34 -65.39
CA TYR A 192 -47.31 -12.72 -66.40
C TYR A 192 -48.69 -13.37 -66.29
N ASP A 193 -48.79 -14.46 -65.52
CA ASP A 193 -50.08 -15.17 -65.36
C ASP A 193 -50.83 -14.65 -64.12
N GLU A 194 -50.62 -15.25 -62.95
CA GLU A 194 -51.37 -14.84 -61.76
C GLU A 194 -50.70 -15.42 -60.52
N TYR A 195 -51.05 -14.85 -59.37
CA TYR A 195 -50.92 -15.50 -58.06
C TYR A 195 -49.49 -15.89 -57.72
N MET A 196 -48.53 -15.45 -58.52
CA MET A 196 -47.13 -15.67 -58.20
C MET A 196 -46.46 -14.33 -57.94
N MET A 197 -46.57 -13.43 -58.92
CA MET A 197 -46.08 -12.07 -58.77
C MET A 197 -46.84 -11.38 -57.66
N ASP A 198 -48.15 -11.62 -57.60
CA ASP A 198 -48.98 -11.01 -56.56
C ASP A 198 -48.60 -11.49 -55.18
N THR A 199 -48.31 -12.79 -55.04
CA THR A 199 -47.97 -13.36 -53.73
C THR A 199 -46.78 -12.62 -53.14
N VAL A 200 -45.69 -12.48 -53.90
CA VAL A 200 -44.45 -11.85 -53.37
C VAL A 200 -44.69 -10.38 -53.03
N ILE A 201 -45.53 -9.68 -53.81
CA ILE A 201 -45.74 -8.21 -53.59
C ILE A 201 -46.14 -7.96 -52.13
N SER A 202 -47.09 -8.74 -51.60
CA SER A 202 -47.57 -8.53 -50.22
C SER A 202 -46.41 -8.57 -49.22
N LEU A 203 -45.63 -9.65 -49.22
CA LEU A 203 -44.54 -9.80 -48.24
C LEU A 203 -43.57 -8.62 -48.33
N LEU A 204 -43.14 -8.27 -49.56
CA LEU A 204 -42.15 -7.17 -49.73
C LEU A 204 -42.74 -5.87 -49.15
N THR A 205 -44.00 -5.57 -49.47
CA THR A 205 -44.60 -4.31 -49.00
C THR A 205 -44.58 -4.26 -47.48
N GLY A 206 -45.00 -5.35 -46.83
CA GLY A 206 -45.05 -5.37 -45.36
C GLY A 206 -43.68 -5.13 -44.75
N LEU A 207 -42.64 -5.78 -45.30
CA LEU A 207 -41.28 -5.65 -44.73
C LEU A 207 -40.81 -4.19 -44.84
N SER A 208 -41.06 -3.55 -45.98
CA SER A 208 -40.58 -2.15 -46.19
C SER A 208 -41.03 -1.24 -45.03
N ASP A 209 -42.20 -1.52 -44.45
CA ASP A 209 -42.75 -0.64 -43.37
C ASP A 209 -42.19 -1.04 -42.00
N SER A 210 -42.08 -2.34 -41.72
CA SER A 210 -41.65 -2.82 -40.37
C SER A 210 -40.46 -2.00 -39.84
N GLN A 211 -40.58 -1.46 -38.62
CA GLN A 211 -39.50 -0.70 -38.02
C GLN A 211 -38.43 -1.63 -37.44
N VAL A 212 -38.51 -2.91 -37.78
CA VAL A 212 -37.43 -3.84 -37.51
C VAL A 212 -36.28 -3.48 -38.45
N ARG A 213 -35.07 -3.33 -37.89
CA ARG A 213 -33.90 -3.00 -38.70
C ARG A 213 -33.71 -3.99 -39.84
N ALA A 214 -34.00 -5.27 -39.58
CA ALA A 214 -33.82 -6.29 -40.60
C ALA A 214 -34.64 -5.99 -41.85
N PHE A 215 -35.97 -6.03 -41.73
CA PHE A 215 -36.82 -5.90 -42.91
C PHE A 215 -36.63 -4.55 -43.58
N ARG A 216 -36.64 -3.46 -42.80
CA ARG A 216 -36.54 -2.14 -43.40
C ARG A 216 -35.26 -1.99 -44.20
N HIS A 217 -34.21 -2.69 -43.80
CA HIS A 217 -32.95 -2.60 -44.53
C HIS A 217 -32.89 -3.58 -45.71
N THR A 218 -33.09 -4.87 -45.47
CA THR A 218 -32.88 -5.83 -46.55
C THR A 218 -34.04 -5.95 -47.51
N SER A 219 -35.23 -5.47 -47.14
CA SER A 219 -36.33 -5.47 -48.10
C SER A 219 -36.00 -4.50 -49.23
N THR A 220 -35.62 -3.27 -48.86
CA THR A 220 -35.22 -2.29 -49.88
C THR A 220 -34.07 -2.83 -50.70
N LEU A 221 -33.19 -3.61 -50.08
CA LEU A 221 -32.13 -4.28 -50.82
C LEU A 221 -32.70 -5.24 -51.86
N ALA A 222 -33.86 -5.84 -51.57
CA ALA A 222 -34.44 -6.84 -52.46
C ALA A 222 -35.76 -6.42 -53.08
N ALA A 223 -36.68 -5.82 -52.32
CA ALA A 223 -37.97 -5.42 -52.87
C ALA A 223 -37.80 -4.34 -53.93
N MET A 224 -36.99 -3.33 -53.64
CA MET A 224 -36.71 -2.32 -54.69
C MET A 224 -36.05 -3.06 -55.82
N LYS A 225 -34.97 -3.77 -55.47
CA LYS A 225 -34.23 -4.49 -56.53
C LYS A 225 -35.22 -5.24 -57.41
N LEU A 226 -36.35 -5.67 -56.87
CA LEU A 226 -37.26 -6.49 -57.71
C LEU A 226 -37.80 -5.61 -58.84
N MET A 227 -38.12 -4.34 -58.56
CA MET A 227 -38.54 -3.44 -59.68
C MET A 227 -37.38 -3.39 -60.66
N THR A 228 -36.17 -3.17 -60.15
CA THR A 228 -34.99 -3.17 -61.02
C THR A 228 -35.01 -4.45 -61.82
N ALA A 229 -35.53 -5.53 -61.24
CA ALA A 229 -35.48 -6.79 -61.96
C ALA A 229 -36.53 -6.84 -63.06
N LEU A 230 -37.75 -6.38 -62.78
CA LEU A 230 -38.84 -6.58 -63.73
C LEU A 230 -38.85 -5.56 -64.86
N VAL A 231 -38.17 -4.43 -64.70
CA VAL A 231 -38.19 -3.40 -65.74
C VAL A 231 -37.60 -3.94 -67.03
N ASN A 232 -36.54 -4.75 -66.91
CA ASN A 232 -35.97 -5.40 -68.08
C ASN A 232 -36.95 -6.39 -68.71
N VAL A 233 -37.73 -7.09 -67.88
CA VAL A 233 -38.74 -8.00 -68.41
C VAL A 233 -39.76 -7.24 -69.23
N ALA A 234 -40.22 -6.11 -68.71
CA ALA A 234 -41.12 -5.26 -69.49
C ALA A 234 -40.39 -4.66 -70.68
N LEU A 235 -39.10 -4.37 -70.54
CA LEU A 235 -38.32 -3.84 -71.65
C LEU A 235 -38.33 -4.80 -72.83
N ASN A 236 -38.33 -6.11 -72.55
CA ASN A 236 -38.39 -7.09 -73.63
C ASN A 236 -39.78 -7.13 -74.26
N LEU A 237 -40.81 -6.70 -73.52
CA LEU A 237 -42.17 -6.73 -74.06
C LEU A 237 -42.31 -5.78 -75.23
N SER A 238 -41.66 -4.62 -75.15
CA SER A 238 -41.73 -3.65 -76.24
C SER A 238 -41.11 -4.21 -77.51
N ILE A 239 -39.98 -4.91 -77.38
CA ILE A 239 -39.26 -5.44 -78.54
C ILE A 239 -40.16 -6.39 -79.33
N ASN A 240 -40.78 -7.33 -78.62
CA ASN A 240 -41.68 -8.30 -79.31
C ASN A 240 -42.82 -7.51 -79.96
N MET A 241 -43.39 -6.55 -79.22
CA MET A 241 -44.53 -5.77 -79.77
C MET A 241 -44.09 -5.14 -81.09
N ASP A 242 -42.95 -4.45 -81.06
CA ASP A 242 -42.44 -3.80 -82.29
C ASP A 242 -42.25 -4.88 -83.36
N ASN A 243 -41.70 -6.03 -82.97
CA ASN A 243 -41.48 -7.10 -83.94
C ASN A 243 -42.80 -7.61 -84.50
N THR A 244 -43.79 -7.82 -83.62
CA THR A 244 -45.11 -8.22 -84.07
C THR A 244 -45.83 -7.08 -84.77
N GLN A 245 -45.50 -5.83 -84.44
CA GLN A 245 -46.11 -4.68 -85.10
C GLN A 245 -45.86 -4.74 -86.60
N ARG A 246 -44.62 -5.02 -87.01
CA ARG A 246 -44.33 -5.21 -88.42
C ARG A 246 -45.04 -6.45 -88.96
N GLN A 247 -45.11 -7.51 -88.16
CA GLN A 247 -45.86 -8.69 -88.55
C GLN A 247 -47.34 -8.38 -88.73
N TYR A 248 -47.86 -7.41 -87.98
CA TYR A 248 -49.25 -6.95 -88.12
C TYR A 248 -49.37 -5.74 -89.06
N GLU A 249 -48.25 -5.17 -89.50
CA GLU A 249 -48.31 -4.01 -90.39
C GLU A 249 -49.09 -4.32 -91.66
N ALA A 250 -48.76 -5.44 -92.31
CA ALA A 250 -49.44 -5.88 -93.53
C ALA A 250 -49.50 -4.78 -94.60
N ASN A 261 -57.87 -14.65 -91.22
CA ASN A 261 -57.90 -16.08 -90.95
C ASN A 261 -57.36 -16.38 -89.56
N GLU A 262 -57.27 -17.68 -89.23
CA GLU A 262 -56.74 -18.07 -87.93
C GLU A 262 -55.30 -17.62 -87.74
N ARG A 263 -54.60 -17.32 -88.82
CA ARG A 263 -53.31 -16.64 -88.69
C ARG A 263 -53.49 -15.16 -88.36
N LEU A 264 -54.44 -14.49 -89.03
CA LEU A 264 -54.75 -13.12 -88.65
C LEU A 264 -55.44 -13.06 -87.30
N GLU A 265 -56.33 -14.01 -87.02
CA GLU A 265 -56.91 -14.09 -85.68
C GLU A 265 -55.86 -14.46 -84.63
N LEU A 266 -54.81 -15.19 -85.03
CA LEU A 266 -53.70 -15.47 -84.13
C LEU A 266 -52.89 -14.23 -83.85
N LEU A 267 -52.65 -13.41 -84.88
CA LEU A 267 -52.07 -12.09 -84.65
C LEU A 267 -52.92 -11.31 -83.68
N LEU A 268 -54.25 -11.35 -83.85
CA LEU A 268 -55.15 -10.57 -83.01
C LEU A 268 -55.06 -11.05 -81.56
N GLN A 269 -55.08 -12.38 -81.37
CA GLN A 269 -54.96 -12.98 -80.05
C GLN A 269 -53.63 -12.67 -79.39
N LYS A 270 -52.54 -12.88 -80.12
CA LYS A 270 -51.22 -12.59 -79.56
C LYS A 270 -51.09 -11.12 -79.23
N ARG A 271 -51.78 -10.25 -79.98
CA ARG A 271 -51.72 -8.83 -79.68
C ARG A 271 -52.53 -8.47 -78.44
N LYS A 272 -53.74 -9.02 -78.29
CA LYS A 272 -54.45 -8.75 -77.04
C LYS A 272 -53.63 -9.22 -75.86
N GLU A 273 -53.08 -10.44 -75.93
CA GLU A 273 -52.34 -10.92 -74.77
C GLU A 273 -51.07 -10.11 -74.55
N LEU A 274 -50.43 -9.66 -75.64
CA LEU A 274 -49.26 -8.80 -75.53
C LEU A 274 -49.62 -7.49 -74.86
N GLN A 275 -50.89 -7.11 -74.90
CA GLN A 275 -51.31 -5.94 -74.14
C GLN A 275 -51.76 -6.29 -72.72
N GLU A 276 -52.47 -7.39 -72.51
CA GLU A 276 -52.96 -7.72 -71.17
C GLU A 276 -51.81 -7.99 -70.23
N ASN A 277 -50.80 -8.74 -70.69
CA ASN A 277 -49.64 -8.93 -69.82
C ASN A 277 -49.00 -7.59 -69.53
N GLN A 278 -48.63 -6.86 -70.58
CA GLN A 278 -47.98 -5.53 -70.42
C GLN A 278 -48.70 -4.73 -69.32
N ASP A 279 -50.02 -4.52 -69.46
CA ASP A 279 -50.72 -3.70 -68.50
C ASP A 279 -50.61 -4.25 -67.08
N GLU A 280 -50.74 -5.56 -66.91
CA GLU A 280 -50.67 -6.09 -65.56
C GLU A 280 -49.27 -5.98 -65.00
N ILE A 281 -48.25 -6.26 -65.81
CA ILE A 281 -46.86 -6.04 -65.42
C ILE A 281 -46.65 -4.59 -65.04
N GLU A 282 -47.31 -3.67 -65.75
CA GLU A 282 -47.22 -2.26 -65.41
C GLU A 282 -47.80 -1.98 -64.02
N ASN A 283 -48.93 -2.61 -63.68
CA ASN A 283 -49.48 -2.38 -62.33
C ASN A 283 -48.59 -2.97 -61.25
N MET A 284 -48.03 -4.14 -61.58
CA MET A 284 -47.09 -4.79 -60.64
C MET A 284 -45.90 -3.85 -60.48
N MET A 285 -45.58 -3.08 -61.51
CA MET A 285 -44.50 -2.08 -61.30
C MET A 285 -45.02 -1.02 -60.33
N ASN A 286 -46.13 -0.40 -60.69
CA ASN A 286 -46.63 0.72 -59.85
C ASN A 286 -46.50 0.27 -58.40
N ALA A 287 -46.72 -1.02 -58.17
CA ALA A 287 -46.75 -1.52 -56.81
C ALA A 287 -45.52 -1.06 -56.02
N ILE A 288 -44.33 -1.38 -56.54
CA ILE A 288 -43.08 -1.05 -55.86
C ILE A 288 -42.89 0.46 -55.78
N PHE A 289 -42.93 1.13 -56.92
CA PHE A 289 -42.64 2.57 -56.95
C PHE A 289 -43.56 3.33 -55.99
N LYS A 290 -44.86 3.05 -56.05
CA LYS A 290 -45.82 3.71 -55.17
C LYS A 290 -45.56 3.37 -53.71
N GLY A 291 -45.33 2.10 -53.41
CA GLY A 291 -45.24 1.69 -52.03
C GLY A 291 -43.84 1.51 -51.50
N VAL A 292 -42.98 0.86 -52.28
CA VAL A 292 -41.65 0.51 -51.78
C VAL A 292 -40.66 1.64 -52.01
N PHE A 293 -40.92 2.51 -52.99
CA PHE A 293 -39.96 3.54 -53.38
C PHE A 293 -40.37 4.92 -52.86
N VAL A 294 -41.62 5.33 -53.05
CA VAL A 294 -42.03 6.70 -52.76
C VAL A 294 -41.64 7.09 -51.34
N HIS A 295 -41.81 6.17 -50.40
CA HIS A 295 -41.56 6.48 -49.00
C HIS A 295 -40.12 6.15 -48.57
N ARG A 296 -39.58 5.02 -49.04
CA ARG A 296 -38.22 4.62 -48.63
C ARG A 296 -37.18 5.51 -49.34
N TYR A 297 -37.61 6.30 -50.34
CA TYR A 297 -36.69 7.18 -51.06
C TYR A 297 -36.04 8.20 -50.15
N ARG A 298 -36.79 8.71 -49.17
CA ARG A 298 -36.27 9.66 -48.19
C ARG A 298 -36.23 9.06 -46.78
N ASP A 299 -35.81 7.80 -46.67
CA ASP A 299 -35.76 7.11 -45.39
C ASP A 299 -34.74 7.79 -44.47
N ALA A 300 -34.94 7.62 -43.17
CA ALA A 300 -34.10 8.29 -42.18
C ALA A 300 -32.63 7.89 -42.31
N ILE A 301 -32.36 6.58 -42.42
CA ILE A 301 -30.97 6.14 -42.48
C ILE A 301 -30.46 6.26 -43.92
N ALA A 302 -29.15 6.48 -44.06
CA ALA A 302 -28.60 6.93 -45.33
C ALA A 302 -28.49 5.79 -46.34
N GLU A 303 -28.18 4.59 -45.87
CA GLU A 303 -27.86 3.49 -46.79
C GLU A 303 -29.06 3.14 -47.67
N ILE A 304 -30.26 3.12 -47.08
CA ILE A 304 -31.45 2.78 -47.84
C ILE A 304 -31.71 3.83 -48.92
N ARG A 305 -31.51 5.11 -48.58
CA ARG A 305 -31.63 6.16 -49.59
C ARG A 305 -30.60 5.96 -50.70
N ALA A 306 -29.40 5.52 -50.34
CA ALA A 306 -28.38 5.25 -51.35
C ALA A 306 -28.84 4.16 -52.31
N ILE A 307 -29.44 3.09 -51.77
CA ILE A 307 -29.97 2.04 -52.63
C ILE A 307 -31.05 2.59 -53.54
N CYS A 308 -31.95 3.41 -52.99
CA CYS A 308 -33.02 3.98 -53.80
C CYS A 308 -32.46 4.77 -54.98
N ILE A 309 -31.49 5.63 -54.72
CA ILE A 309 -30.95 6.48 -55.78
C ILE A 309 -30.19 5.65 -56.80
N GLU A 310 -29.43 4.66 -56.35
CA GLU A 310 -28.67 3.84 -57.28
C GLU A 310 -29.61 3.06 -58.20
N GLU A 311 -30.68 2.50 -57.64
CA GLU A 311 -31.63 1.78 -58.47
C GLU A 311 -32.36 2.71 -59.43
N ILE A 312 -32.65 3.95 -59.00
CA ILE A 312 -33.30 4.88 -59.94
C ILE A 312 -32.38 5.23 -61.09
N GLY A 313 -31.08 5.35 -60.82
CA GLY A 313 -30.14 5.59 -61.91
C GLY A 313 -30.03 4.39 -62.85
N ILE A 314 -30.10 3.19 -62.27
CA ILE A 314 -30.10 1.98 -63.09
C ILE A 314 -31.32 1.97 -64.01
N TRP A 315 -32.48 2.35 -63.47
CA TRP A 315 -33.70 2.46 -64.27
C TRP A 315 -33.49 3.45 -65.40
N MET A 316 -32.88 4.58 -65.10
CA MET A 316 -32.70 5.58 -66.16
C MET A 316 -31.87 4.93 -67.26
N LYS A 317 -30.72 4.33 -66.91
CA LYS A 317 -29.87 3.75 -67.99
C LYS A 317 -30.62 2.60 -68.67
N MET A 318 -31.51 1.89 -67.98
CA MET A 318 -32.16 0.70 -68.59
C MET A 318 -33.30 1.10 -69.54
N TYR A 319 -34.01 2.18 -69.22
CA TYR A 319 -35.07 2.64 -70.16
C TYR A 319 -34.89 4.13 -70.44
N SER A 320 -34.79 4.50 -71.72
CA SER A 320 -34.57 5.92 -72.10
C SER A 320 -35.89 6.58 -72.48
N ASP A 321 -37.02 5.97 -72.09
CA ASP A 321 -38.36 6.56 -72.38
C ASP A 321 -39.22 6.47 -71.11
N ALA A 322 -39.92 5.35 -70.93
CA ALA A 322 -40.74 5.14 -69.72
C ALA A 322 -40.11 5.81 -68.51
N PHE A 323 -38.82 5.58 -68.26
CA PHE A 323 -38.20 6.12 -67.03
C PHE A 323 -37.26 7.25 -67.37
N LEU A 324 -37.72 8.20 -68.17
CA LEU A 324 -36.90 9.41 -68.47
C LEU A 324 -37.83 10.63 -68.45
N ASN A 325 -38.75 10.69 -67.48
CA ASN A 325 -39.71 11.81 -67.39
C ASN A 325 -39.60 12.44 -66.00
N ASP A 326 -39.80 13.76 -65.90
CA ASP A 326 -39.62 14.45 -64.59
C ASP A 326 -40.46 13.74 -63.53
N SER A 327 -41.58 13.15 -63.93
CA SER A 327 -42.34 12.32 -62.97
C SER A 327 -41.34 11.40 -62.26
N TYR A 328 -40.35 10.88 -62.99
CA TYR A 328 -39.32 10.01 -62.36
C TYR A 328 -38.01 10.78 -62.26
N LEU A 329 -37.81 11.78 -63.14
CA LEU A 329 -36.58 12.59 -63.13
C LEU A 329 -36.79 13.82 -62.24
N LYS A 330 -36.82 13.62 -60.91
CA LYS A 330 -37.00 14.75 -59.97
C LYS A 330 -36.49 14.33 -58.59
N TYR A 331 -36.69 13.06 -58.22
CA TYR A 331 -36.24 12.59 -56.92
C TYR A 331 -34.75 12.84 -56.74
N VAL A 332 -33.97 12.60 -57.79
CA VAL A 332 -32.53 12.87 -57.71
C VAL A 332 -32.28 14.36 -57.52
N GLY A 333 -33.02 15.19 -58.25
CA GLY A 333 -32.86 16.63 -58.12
C GLY A 333 -33.14 17.12 -56.71
N TRP A 334 -34.10 16.47 -56.04
CA TRP A 334 -34.41 16.83 -54.64
C TRP A 334 -33.25 16.45 -53.71
N THR A 335 -32.91 15.16 -53.67
CA THR A 335 -31.87 14.67 -52.74
C THR A 335 -30.50 15.15 -53.17
N MET A 336 -30.45 16.07 -54.12
CA MET A 336 -29.14 16.67 -54.53
C MET A 336 -28.62 17.53 -53.35
N HIS A 337 -29.50 17.86 -52.40
CA HIS A 337 -29.11 18.72 -51.26
C HIS A 337 -29.06 17.89 -49.97
N ASP A 338 -28.84 16.58 -50.09
CA ASP A 338 -28.74 15.70 -48.88
C ASP A 338 -27.57 16.15 -48.03
N LYS A 339 -27.59 15.84 -46.72
CA LYS A 339 -26.52 16.34 -45.82
C LYS A 339 -25.44 15.26 -45.63
N GLN A 340 -25.67 14.04 -46.15
CA GLN A 340 -24.63 13.03 -46.08
C GLN A 340 -23.72 13.19 -47.29
N GLY A 341 -22.75 12.29 -47.46
CA GLY A 341 -21.89 12.38 -48.63
C GLY A 341 -22.02 11.21 -49.56
N GLU A 342 -22.27 10.02 -49.01
CA GLU A 342 -22.48 8.85 -49.85
C GLU A 342 -23.70 9.02 -50.74
N VAL A 343 -24.78 9.55 -50.17
CA VAL A 343 -26.00 9.74 -50.94
C VAL A 343 -25.77 10.74 -52.06
N ARG A 344 -25.10 11.86 -51.75
CA ARG A 344 -24.84 12.87 -52.77
C ARG A 344 -23.98 12.33 -53.89
N LEU A 345 -22.93 11.56 -53.54
CA LEU A 345 -22.12 10.92 -54.55
C LEU A 345 -22.97 10.00 -55.42
N LYS A 346 -23.89 9.26 -54.80
CA LYS A 346 -24.72 8.34 -55.57
C LYS A 346 -25.64 9.08 -56.54
N CYS A 347 -26.25 10.18 -56.11
CA CYS A 347 -27.10 10.95 -57.02
C CYS A 347 -26.27 11.53 -58.16
N LEU A 348 -25.10 12.07 -57.85
CA LEU A 348 -24.25 12.62 -58.91
C LEU A 348 -23.84 11.54 -59.90
N THR A 349 -23.50 10.35 -59.41
CA THR A 349 -23.14 9.24 -60.28
C THR A 349 -24.31 8.83 -61.16
N ALA A 350 -25.50 8.72 -60.58
CA ALA A 350 -26.68 8.32 -61.34
C ALA A 350 -26.95 9.32 -62.45
N LEU A 351 -26.89 10.62 -62.13
CA LEU A 351 -27.13 11.63 -63.15
C LEU A 351 -26.06 11.60 -64.23
N GLN A 352 -24.80 11.41 -63.82
CA GLN A 352 -23.72 11.31 -64.80
C GLN A 352 -23.94 10.14 -65.75
N GLY A 353 -24.64 9.11 -65.28
CA GLY A 353 -24.94 7.96 -66.14
C GLY A 353 -25.67 8.39 -67.41
N LEU A 354 -26.74 9.17 -67.27
CA LEU A 354 -27.55 9.58 -68.45
C LEU A 354 -26.70 10.43 -69.41
N TYR A 355 -25.99 11.42 -68.87
CA TYR A 355 -25.12 12.29 -69.72
C TYR A 355 -24.03 11.44 -70.36
N TYR A 356 -23.60 10.39 -69.66
CA TYR A 356 -22.57 9.47 -70.24
C TYR A 356 -23.21 8.76 -71.44
N ASN A 357 -22.51 8.74 -72.58
CA ASN A 357 -23.09 8.14 -73.80
C ASN A 357 -24.54 8.64 -73.93
N LYS A 358 -24.74 9.96 -73.82
CA LYS A 358 -26.12 10.53 -73.84
C LYS A 358 -26.76 10.30 -75.22
N GLU A 359 -28.08 10.21 -75.26
CA GLU A 359 -28.80 10.08 -76.56
C GLU A 359 -29.34 11.47 -76.92
N LEU A 360 -28.71 12.52 -76.39
CA LEU A 360 -29.17 13.91 -76.65
C LEU A 360 -30.65 14.03 -76.23
N ASN A 361 -31.01 13.40 -75.12
CA ASN A 361 -32.40 13.51 -74.64
C ASN A 361 -32.80 14.98 -74.52
N SER A 362 -33.97 15.33 -75.06
CA SER A 362 -34.40 16.72 -75.06
C SER A 362 -34.86 17.19 -73.69
N LYS A 363 -35.66 16.37 -73.00
CA LYS A 363 -36.16 16.75 -71.68
C LYS A 363 -35.02 16.92 -70.69
N LEU A 364 -33.92 16.18 -70.92
CA LEU A 364 -32.75 16.25 -69.99
C LEU A 364 -32.17 17.68 -70.01
N GLU A 365 -32.29 18.36 -71.15
CA GLU A 365 -31.74 19.75 -71.28
C GLU A 365 -32.48 20.67 -70.30
N LEU A 366 -33.81 20.53 -70.22
CA LEU A 366 -34.59 21.36 -69.26
C LEU A 366 -34.09 21.07 -67.84
N PHE A 367 -33.93 19.79 -67.50
CA PHE A 367 -33.45 19.40 -66.15
C PHE A 367 -32.12 20.08 -65.89
N THR A 368 -31.23 20.10 -66.90
CA THR A 368 -29.89 20.70 -66.72
C THR A 368 -30.05 22.13 -66.25
N SER A 369 -30.86 22.92 -66.97
CA SER A 369 -31.02 24.36 -66.62
C SER A 369 -31.69 24.49 -65.24
N ARG A 370 -32.75 23.74 -64.97
CA ARG A 370 -33.43 23.96 -63.68
C ARG A 370 -32.48 23.66 -62.51
N PHE A 371 -31.32 23.05 -62.76
CA PHE A 371 -30.44 22.67 -61.66
C PHE A 371 -28.99 23.09 -61.85
N LYS A 372 -28.68 23.84 -62.92
CA LYS A 372 -27.32 24.27 -63.19
C LYS A 372 -26.70 24.96 -61.98
N ASP A 373 -27.49 25.80 -61.29
CA ASP A 373 -26.96 26.55 -60.17
C ASP A 373 -26.39 25.63 -59.10
N ARG A 374 -27.14 24.58 -58.74
CA ARG A 374 -26.64 23.67 -57.71
C ARG A 374 -25.50 22.81 -58.23
N ILE A 375 -25.65 22.26 -59.44
CA ILE A 375 -24.61 21.39 -59.96
C ILE A 375 -23.29 22.14 -60.11
N VAL A 376 -23.35 23.46 -60.28
CA VAL A 376 -22.16 24.29 -60.33
C VAL A 376 -21.67 24.69 -58.94
N SER A 377 -22.59 24.97 -58.00
CA SER A 377 -22.17 25.27 -56.64
C SER A 377 -21.62 24.06 -55.91
N MET A 378 -21.78 22.87 -56.49
CA MET A 378 -21.20 21.65 -55.87
C MET A 378 -19.72 21.55 -56.23
N THR A 379 -19.24 22.44 -57.11
CA THR A 379 -17.82 22.44 -57.45
C THR A 379 -16.94 22.81 -56.26
N LEU A 380 -17.52 23.35 -55.19
CA LEU A 380 -16.77 23.71 -53.99
C LEU A 380 -17.39 23.05 -52.77
N ASP A 381 -17.78 21.78 -52.91
CA ASP A 381 -18.40 21.06 -51.81
C ASP A 381 -17.38 20.80 -50.69
N LYS A 382 -17.88 20.67 -49.46
CA LYS A 382 -17.01 20.39 -48.32
C LYS A 382 -16.22 19.12 -48.54
N GLU A 383 -16.90 18.06 -48.98
CA GLU A 383 -16.25 16.78 -49.23
C GLU A 383 -15.58 16.83 -50.59
N TYR A 384 -14.26 16.79 -50.60
CA TYR A 384 -13.51 16.84 -51.85
C TYR A 384 -13.67 15.58 -52.68
N ASP A 385 -14.36 14.57 -52.19
CA ASP A 385 -14.66 13.37 -52.95
C ASP A 385 -15.94 13.54 -53.78
N VAL A 386 -16.64 14.66 -53.61
CA VAL A 386 -17.85 14.96 -54.36
C VAL A 386 -17.60 16.00 -55.45
N ALA A 387 -16.70 16.96 -55.19
CA ALA A 387 -16.42 17.99 -56.18
C ALA A 387 -15.83 17.39 -57.45
N VAL A 388 -15.04 16.32 -57.33
CA VAL A 388 -14.48 15.67 -58.51
C VAL A 388 -15.58 15.17 -59.42
N GLN A 389 -16.55 14.44 -58.87
CA GLN A 389 -17.65 13.87 -59.62
C GLN A 389 -18.71 14.89 -59.97
N ALA A 390 -18.63 16.09 -59.39
CA ALA A 390 -19.52 17.18 -59.77
C ALA A 390 -18.95 17.97 -60.94
N ILE A 391 -17.61 18.08 -60.98
CA ILE A 391 -16.95 18.72 -62.12
C ILE A 391 -16.87 17.80 -63.33
N LYS A 392 -16.78 16.49 -63.13
CA LYS A 392 -16.78 15.56 -64.26
C LYS A 392 -18.16 15.42 -64.89
N LEU A 393 -19.18 16.07 -64.33
CA LEU A 393 -20.51 16.14 -64.94
C LEU A 393 -20.71 17.40 -65.75
N LEU A 394 -20.10 18.51 -65.33
CA LEU A 394 -20.18 19.74 -66.11
C LEU A 394 -19.54 19.59 -67.48
N THR A 395 -18.39 18.93 -67.54
CA THR A 395 -17.76 18.66 -68.83
C THR A 395 -18.65 17.77 -69.69
N LEU A 396 -19.29 16.78 -69.07
CA LEU A 396 -20.17 15.88 -69.80
C LEU A 396 -21.37 16.61 -70.38
N VAL A 397 -21.93 17.55 -69.62
CA VAL A 397 -23.00 18.40 -70.15
C VAL A 397 -22.47 19.26 -71.29
N LEU A 398 -21.31 19.89 -71.09
CA LEU A 398 -20.72 20.77 -72.09
C LEU A 398 -20.46 20.05 -73.42
N GLN A 399 -20.16 18.75 -73.37
CA GLN A 399 -19.92 18.02 -74.62
C GLN A 399 -21.08 18.11 -75.61
N SER A 400 -22.32 18.18 -75.12
CA SER A 400 -23.47 18.25 -76.03
C SER A 400 -24.18 19.59 -75.94
N SER A 401 -24.59 19.98 -74.74
CA SER A 401 -25.32 21.24 -74.52
C SER A 401 -24.30 22.34 -74.26
N GLU A 402 -23.92 23.04 -75.32
CA GLU A 402 -22.89 24.07 -75.25
C GLU A 402 -23.49 25.43 -74.95
N GLU A 403 -24.69 25.47 -74.38
CA GLU A 403 -25.37 26.74 -74.15
C GLU A 403 -25.83 26.98 -72.72
N VAL A 404 -26.06 25.93 -71.91
CA VAL A 404 -26.63 26.15 -70.59
C VAL A 404 -25.69 26.92 -69.68
N LEU A 405 -24.39 26.78 -69.89
CA LEU A 405 -23.41 27.43 -69.03
C LEU A 405 -23.12 28.85 -69.49
N THR A 406 -23.18 29.79 -68.56
CA THR A 406 -22.88 31.19 -68.85
C THR A 406 -21.39 31.49 -68.64
N ALA A 407 -21.04 32.77 -68.60
CA ALA A 407 -19.64 33.19 -68.48
C ALA A 407 -19.15 33.14 -67.05
N GLU A 408 -19.88 33.73 -66.10
CA GLU A 408 -19.44 33.66 -64.70
C GLU A 408 -19.53 32.23 -64.17
N ASP A 409 -20.48 31.44 -64.67
CA ASP A 409 -20.56 30.03 -64.31
C ASP A 409 -19.31 29.25 -64.69
N CYS A 410 -18.77 29.47 -65.89
CA CYS A 410 -17.53 28.81 -66.29
C CYS A 410 -16.30 29.45 -65.65
N GLU A 411 -16.35 30.75 -65.36
CA GLU A 411 -15.22 31.37 -64.68
C GLU A 411 -15.05 30.86 -63.26
N ASN A 412 -16.16 30.55 -62.57
CA ASN A 412 -16.08 29.94 -61.25
C ASN A 412 -15.30 28.63 -61.31
N VAL A 413 -15.54 27.83 -62.35
CA VAL A 413 -14.77 26.60 -62.54
C VAL A 413 -13.33 26.92 -62.90
N TYR A 414 -13.12 27.98 -63.68
CA TYR A 414 -11.76 28.34 -64.09
C TYR A 414 -10.89 28.65 -62.89
N HIS A 415 -11.41 29.39 -61.92
CA HIS A 415 -10.62 29.69 -60.73
C HIS A 415 -10.24 28.43 -59.97
N LEU A 416 -10.97 27.33 -60.16
CA LEU A 416 -10.73 26.10 -59.42
C LEU A 416 -9.48 25.37 -59.86
N VAL A 417 -8.89 25.74 -61.00
CA VAL A 417 -7.73 25.01 -61.49
C VAL A 417 -6.48 25.36 -60.68
N TYR A 418 -6.52 26.48 -59.96
CA TYR A 418 -5.45 26.81 -59.03
C TYR A 418 -5.75 26.28 -57.63
N SER A 419 -6.13 25.01 -57.53
CA SER A 419 -6.63 24.49 -56.27
C SER A 419 -5.52 23.89 -55.43
N ALA A 420 -5.88 23.21 -54.36
CA ALA A 420 -4.93 22.51 -53.52
C ALA A 420 -5.05 21.00 -53.64
N HIS A 421 -6.25 20.50 -53.93
CA HIS A 421 -6.45 19.07 -54.13
C HIS A 421 -6.27 18.75 -55.61
N ARG A 422 -5.20 18.02 -55.91
CA ARG A 422 -4.94 17.62 -57.28
C ARG A 422 -6.08 16.85 -57.94
N PRO A 423 -6.81 15.96 -57.25
CA PRO A 423 -7.93 15.28 -57.92
C PRO A 423 -9.01 16.22 -58.44
N VAL A 424 -9.28 17.33 -57.76
CA VAL A 424 -10.25 18.29 -58.27
C VAL A 424 -9.60 19.22 -59.29
N ALA A 425 -8.31 19.51 -59.11
CA ALA A 425 -7.61 20.37 -60.05
C ALA A 425 -7.51 19.71 -61.43
N VAL A 426 -7.30 18.39 -61.45
CA VAL A 426 -7.22 17.67 -62.72
C VAL A 426 -8.54 17.78 -63.47
N ALA A 427 -9.67 17.58 -62.77
CA ALA A 427 -10.97 17.66 -63.42
C ALA A 427 -11.24 19.07 -63.92
N ALA A 428 -10.88 20.09 -63.13
CA ALA A 428 -10.99 21.46 -63.61
C ALA A 428 -10.16 21.67 -64.86
N GLY A 429 -8.98 21.04 -64.92
CA GLY A 429 -8.16 21.12 -66.10
C GLY A 429 -8.84 20.55 -67.33
N GLU A 430 -9.51 19.40 -67.18
CA GLU A 430 -10.23 18.82 -68.31
C GLU A 430 -11.40 19.70 -68.73
N PHE A 431 -12.12 20.28 -67.78
CA PHE A 431 -13.22 21.17 -68.14
C PHE A 431 -12.71 22.37 -68.92
N LEU A 432 -11.61 22.97 -68.46
CA LEU A 432 -11.01 24.07 -69.21
C LEU A 432 -10.54 23.61 -70.59
N TYR A 433 -9.94 22.43 -70.65
CA TYR A 433 -9.41 21.92 -71.92
C TYR A 433 -10.51 21.80 -72.96
N LYS A 434 -11.59 21.11 -72.62
CA LYS A 434 -12.67 20.89 -73.58
C LYS A 434 -13.69 22.01 -73.60
N LYS A 435 -13.48 23.09 -72.85
CA LYS A 435 -14.26 24.30 -73.03
C LYS A 435 -13.58 25.33 -73.90
N LEU A 436 -12.29 25.57 -73.69
CA LEU A 436 -11.60 26.69 -74.33
C LEU A 436 -10.37 26.27 -75.12
N PHE A 437 -9.82 25.08 -74.88
CA PHE A 437 -8.51 24.71 -75.42
C PHE A 437 -8.63 23.48 -76.32
N SER A 438 -9.70 23.42 -77.12
CA SER A 438 -9.90 22.26 -77.98
C SER A 438 -9.65 22.61 -79.44
N ARG A 439 -10.37 23.62 -79.95
CA ARG A 439 -10.26 24.05 -81.35
C ARG A 439 -10.46 22.89 -82.31
N LYS A 449 3.50 24.96 -92.83
CA LYS A 449 3.78 25.69 -91.60
C LYS A 449 3.78 24.74 -90.40
N ARG A 450 4.34 23.55 -90.59
CA ARG A 450 4.35 22.56 -89.52
C ARG A 450 5.20 23.02 -88.34
N ARG A 451 6.23 23.83 -88.60
CA ARG A 451 7.07 24.41 -87.56
C ARG A 451 7.13 25.91 -87.75
N GLY A 452 6.84 26.66 -86.69
CA GLY A 452 6.99 28.10 -86.74
C GLY A 452 5.95 28.80 -85.90
N ARG A 453 6.12 30.11 -85.79
CA ARG A 453 5.18 30.96 -85.07
C ARG A 453 3.80 30.95 -85.70
N GLN A 454 3.70 30.56 -86.97
CA GLN A 454 2.46 30.57 -87.72
C GLN A 454 1.78 29.21 -87.75
N GLY A 455 2.41 28.19 -87.15
CA GLY A 455 1.87 26.82 -87.22
C GLY A 455 0.81 26.54 -86.19
N PRO A 456 0.53 25.26 -85.86
CA PRO A 456 -0.51 24.91 -84.90
C PRO A 456 -0.07 25.17 -83.48
N ASN A 457 -0.98 24.94 -82.53
CA ASN A 457 -0.65 25.17 -81.09
C ASN A 457 -0.01 26.55 -80.93
N ALA A 458 -0.28 27.47 -81.86
CA ALA A 458 0.22 28.83 -81.74
C ALA A 458 -0.80 29.76 -81.11
N ASN A 459 -2.01 29.85 -81.66
CA ASN A 459 -3.08 30.55 -80.97
C ASN A 459 -3.46 29.85 -79.68
N LEU A 460 -3.41 28.51 -79.67
CA LEU A 460 -3.67 27.77 -78.45
C LEU A 460 -2.67 28.10 -77.35
N VAL A 461 -1.38 28.24 -77.70
CA VAL A 461 -0.36 28.59 -76.72
C VAL A 461 -0.34 30.09 -76.43
N LYS A 462 -0.90 30.91 -77.31
CA LYS A 462 -1.13 32.34 -77.09
C LYS A 462 -2.30 32.63 -76.17
N THR A 463 -3.27 31.72 -76.08
CA THR A 463 -4.40 31.92 -75.20
C THR A 463 -4.06 31.67 -73.72
N LEU A 464 -3.14 30.75 -73.43
CA LEU A 464 -2.83 30.42 -72.05
C LEU A 464 -2.10 31.57 -71.35
N VAL A 465 -1.22 32.28 -72.06
CA VAL A 465 -0.58 33.44 -71.45
C VAL A 465 -1.61 34.52 -71.14
N PHE A 466 -2.58 34.70 -72.03
CA PHE A 466 -3.67 35.63 -71.74
C PHE A 466 -4.45 35.20 -70.50
N PHE A 467 -4.73 33.90 -70.38
CA PHE A 467 -5.44 33.40 -69.20
C PHE A 467 -4.65 33.71 -67.93
N PHE A 468 -3.37 33.37 -67.92
CA PHE A 468 -2.57 33.56 -66.72
C PHE A 468 -2.43 35.03 -66.37
N LEU A 469 -2.34 35.91 -67.37
CA LEU A 469 -2.22 37.33 -67.09
C LEU A 469 -3.57 37.97 -66.78
N GLU A 470 -4.68 37.26 -66.99
CA GLU A 470 -6.00 37.80 -66.60
C GLU A 470 -6.27 37.37 -65.16
N SER A 471 -6.61 36.10 -64.94
CA SER A 471 -6.81 35.60 -63.55
C SER A 471 -5.55 35.92 -62.73
N GLU A 472 -5.72 36.63 -61.61
CA GLU A 472 -4.54 37.09 -60.84
C GLU A 472 -4.56 36.52 -59.42
N LEU A 473 -4.90 35.24 -59.29
CA LEU A 473 -4.88 34.58 -57.95
C LEU A 473 -3.44 34.18 -57.62
N HIS A 474 -2.65 33.79 -58.63
CA HIS A 474 -1.24 33.39 -58.41
C HIS A 474 -0.33 34.24 -59.30
N GLU A 475 0.93 34.44 -58.88
CA GLU A 475 1.91 35.21 -59.69
C GLU A 475 2.84 34.21 -60.39
N HIS A 476 2.87 32.98 -59.90
CA HIS A 476 3.74 31.92 -60.49
C HIS A 476 2.84 30.95 -61.26
N ALA A 477 3.35 30.22 -62.26
CA ALA A 477 2.46 29.41 -63.12
C ALA A 477 2.51 27.89 -62.88
N ALA A 478 3.31 27.46 -61.91
CA ALA A 478 3.49 26.00 -61.70
C ALA A 478 2.16 25.27 -61.57
N TYR A 479 1.22 25.81 -60.78
CA TYR A 479 -0.02 25.04 -60.49
C TYR A 479 -0.86 24.88 -61.76
N LEU A 480 -1.02 25.97 -62.54
CA LEU A 480 -1.78 25.86 -63.80
C LEU A 480 -1.10 24.80 -64.66
N VAL A 481 0.23 24.88 -64.77
CA VAL A 481 0.94 23.93 -65.67
C VAL A 481 0.64 22.49 -65.23
N ASP A 482 0.67 22.21 -63.93
CA ASP A 482 0.47 20.82 -63.44
C ASP A 482 -0.98 20.37 -63.65
N SER A 483 -1.96 21.27 -63.51
CA SER A 483 -3.39 20.81 -63.57
C SER A 483 -3.80 20.35 -64.98
N MET A 484 -2.86 20.28 -65.92
CA MET A 484 -3.24 19.93 -67.30
C MET A 484 -2.19 18.98 -67.87
N TRP A 485 -1.22 18.60 -67.04
CA TRP A 485 -0.12 17.78 -67.49
C TRP A 485 -0.52 16.35 -67.80
N ASP A 486 -1.79 16.00 -67.56
CA ASP A 486 -2.31 14.70 -67.95
C ASP A 486 -3.37 14.79 -69.05
N CYS A 487 -3.79 16.00 -69.42
CA CYS A 487 -4.76 16.19 -70.49
C CYS A 487 -4.20 17.00 -71.65
N ALA A 488 -3.53 18.12 -71.38
CA ALA A 488 -2.88 18.91 -72.42
C ALA A 488 -1.39 18.58 -72.41
N THR A 489 -1.05 17.46 -73.04
CA THR A 489 0.32 16.96 -73.07
C THR A 489 1.05 17.31 -74.35
N GLU A 490 0.43 18.08 -75.24
CA GLU A 490 1.10 18.50 -76.47
C GLU A 490 1.19 20.02 -76.53
N LEU A 491 0.26 20.71 -75.88
CA LEU A 491 0.33 22.16 -75.84
C LEU A 491 1.43 22.64 -74.92
N LEU A 492 1.60 21.99 -73.76
CA LEU A 492 2.57 22.39 -72.77
C LEU A 492 3.89 21.62 -72.90
N LYS A 493 4.17 21.11 -74.11
CA LYS A 493 5.40 20.30 -74.32
C LYS A 493 6.11 20.73 -75.62
N ASP A 494 5.39 21.39 -76.53
CA ASP A 494 6.00 21.79 -77.84
C ASP A 494 6.75 23.13 -77.65
N TRP A 495 7.90 23.10 -76.97
CA TRP A 495 8.63 24.36 -76.68
C TRP A 495 9.08 25.03 -77.99
N GLU A 496 9.12 24.27 -79.09
CA GLU A 496 9.57 24.85 -80.35
C GLU A 496 8.79 26.11 -80.70
N CYS A 497 7.53 26.18 -80.28
CA CYS A 497 6.71 27.36 -80.49
C CYS A 497 6.82 28.37 -79.37
N MET A 498 7.09 27.90 -78.15
CA MET A 498 7.26 28.88 -77.04
C MET A 498 8.53 29.69 -77.30
N ASN A 499 9.60 29.03 -77.77
CA ASN A 499 10.80 29.76 -78.15
C ASN A 499 10.52 30.68 -79.33
N SER A 500 9.77 30.19 -80.32
CA SER A 500 9.49 30.96 -81.52
C SER A 500 8.75 32.24 -81.20
N LEU A 501 7.78 32.15 -80.29
CA LEU A 501 6.90 33.27 -79.97
C LEU A 501 7.62 34.38 -79.24
N LEU A 502 8.85 34.09 -78.79
CA LEU A 502 9.63 35.10 -78.01
C LEU A 502 10.87 35.53 -78.80
N LEU A 503 11.29 34.74 -79.79
CA LEU A 503 12.50 35.09 -80.52
C LEU A 503 12.22 35.49 -81.95
N GLU A 504 11.43 34.69 -82.65
CA GLU A 504 11.10 34.99 -84.08
C GLU A 504 10.43 36.37 -84.16
N GLU A 505 10.79 37.16 -85.18
CA GLU A 505 10.24 38.54 -85.31
C GLU A 505 8.73 38.46 -85.59
N PRO A 506 7.92 39.44 -85.13
CA PRO A 506 6.49 39.45 -85.40
C PRO A 506 6.20 39.45 -86.90
N LEU A 507 5.31 38.56 -87.33
CA LEU A 507 4.94 38.47 -88.77
C LEU A 507 3.99 39.63 -89.12
N SER A 508 4.22 40.30 -90.25
CA SER A 508 3.29 41.35 -90.67
C SER A 508 1.88 40.79 -90.74
N GLY A 509 0.93 41.53 -90.18
CA GLY A 509 -0.42 41.03 -90.04
C GLY A 509 -0.65 40.24 -88.77
N GLU A 510 0.19 40.42 -87.75
CA GLU A 510 0.01 39.76 -86.47
C GLU A 510 0.53 40.67 -85.39
N GLU A 511 -0.21 40.78 -84.29
CA GLU A 511 0.17 41.69 -83.21
C GLU A 511 1.22 41.03 -82.32
N ALA A 512 2.28 41.78 -82.02
CA ALA A 512 3.36 41.26 -81.19
C ALA A 512 2.93 41.22 -79.72
N LEU A 513 3.67 40.42 -78.95
CA LEU A 513 3.34 40.24 -77.51
C LEU A 513 3.86 41.43 -76.70
N THR A 514 3.15 41.82 -75.64
CA THR A 514 3.61 42.92 -74.78
C THR A 514 4.71 42.42 -73.90
N ASP A 515 5.47 43.33 -73.28
CA ASP A 515 6.58 42.93 -72.37
C ASP A 515 6.03 42.01 -71.29
N ARG A 516 4.91 42.38 -70.67
CA ARG A 516 4.36 41.57 -69.56
C ARG A 516 3.98 40.18 -70.08
N GLN A 517 3.38 40.12 -71.27
CA GLN A 517 2.94 38.81 -71.83
C GLN A 517 4.17 37.94 -72.08
N GLU A 518 5.26 38.55 -72.55
CA GLU A 518 6.50 37.78 -72.81
C GLU A 518 7.03 37.20 -71.49
N SER A 519 7.08 38.02 -70.44
CA SER A 519 7.58 37.54 -69.13
C SER A 519 6.74 36.35 -68.67
N ALA A 520 5.41 36.46 -68.76
CA ALA A 520 4.54 35.36 -68.40
C ALA A 520 4.86 34.11 -69.22
N LEU A 521 5.13 34.29 -70.52
CA LEU A 521 5.46 33.14 -71.36
C LEU A 521 6.77 32.51 -70.93
N ILE A 522 7.74 33.34 -70.53
CA ILE A 522 9.00 32.79 -70.03
C ILE A 522 8.75 31.96 -68.78
N GLU A 523 7.89 32.44 -67.89
CA GLU A 523 7.55 31.66 -66.71
C GLU A 523 6.90 30.34 -67.07
N ILE A 524 5.96 30.36 -68.02
CA ILE A 524 5.29 29.13 -68.43
C ILE A 524 6.29 28.17 -69.05
N MET A 525 7.20 28.71 -69.85
CA MET A 525 8.22 27.85 -70.50
C MET A 525 9.03 27.18 -69.40
N LEU A 526 9.53 27.96 -68.45
CA LEU A 526 10.39 27.41 -67.42
C LEU A 526 9.68 26.35 -66.60
N CYS A 527 8.40 26.57 -66.29
CA CYS A 527 7.68 25.60 -65.47
C CYS A 527 7.38 24.33 -66.25
N THR A 528 7.09 24.46 -67.56
CA THR A 528 6.97 23.28 -68.40
C THR A 528 8.29 22.52 -68.46
N ILE A 529 9.40 23.24 -68.58
CA ILE A 529 10.71 22.62 -68.60
C ILE A 529 10.94 21.85 -67.30
N ARG A 530 10.57 22.45 -66.18
CA ARG A 530 10.77 21.82 -64.88
C ARG A 530 9.94 20.56 -64.71
N GLN A 531 8.65 20.62 -65.05
CA GLN A 531 7.84 19.41 -64.89
C GLN A 531 8.13 18.37 -65.97
N ALA A 532 8.84 18.75 -67.03
CA ALA A 532 9.34 17.74 -67.96
C ALA A 532 10.58 17.06 -67.40
N ALA A 533 11.56 17.85 -66.97
CA ALA A 533 12.82 17.33 -66.43
C ALA A 533 12.60 16.52 -65.16
N GLU A 534 12.19 17.18 -64.08
CA GLU A 534 11.86 16.42 -62.85
C GLU A 534 10.38 16.02 -62.90
N CYS A 535 10.10 14.73 -63.12
CA CYS A 535 8.69 14.29 -63.27
C CYS A 535 8.02 14.16 -61.90
N HIS A 536 8.16 15.19 -61.05
CA HIS A 536 7.46 15.19 -59.74
C HIS A 536 6.55 16.42 -59.71
N PRO A 537 5.27 16.28 -59.34
CA PRO A 537 4.37 17.42 -59.26
C PRO A 537 4.84 18.46 -58.26
N PRO A 538 4.28 19.69 -58.27
CA PRO A 538 4.74 20.75 -57.39
C PRO A 538 4.39 20.51 -55.94
N VAL A 539 5.12 21.13 -55.01
CA VAL A 539 4.92 20.89 -53.59
C VAL A 539 3.48 21.22 -53.21
N GLY A 540 2.88 20.34 -52.40
CA GLY A 540 1.51 20.52 -51.97
C GLY A 540 0.59 19.49 -52.61
N ARG A 541 0.91 19.12 -53.84
CA ARG A 541 0.12 18.16 -54.62
C ARG A 541 1.02 17.01 -55.02
N GLY A 542 0.66 15.80 -54.60
CA GLY A 542 1.46 14.63 -54.86
C GLY A 542 2.16 14.15 -53.59
N THR A 543 2.50 12.86 -53.60
CA THR A 543 3.13 12.24 -52.44
C THR A 543 4.51 12.83 -52.17
N GLY A 544 5.28 13.10 -53.23
CA GLY A 544 6.65 13.55 -53.11
C GLY A 544 7.67 12.45 -53.29
N LYS A 545 7.27 11.19 -53.14
CA LYS A 545 8.12 10.04 -53.41
C LYS A 545 7.39 9.14 -54.40
N ARG A 546 8.07 8.74 -55.47
CA ARG A 546 7.43 7.86 -56.44
C ARG A 546 8.51 7.12 -57.22
N VAL A 547 8.35 5.80 -57.32
CA VAL A 547 9.24 4.98 -58.14
C VAL A 547 8.78 5.08 -59.58
N LEU A 548 9.49 5.89 -60.38
CA LEU A 548 9.08 6.15 -61.76
C LEU A 548 9.08 4.86 -62.56
N THR A 549 8.03 4.66 -63.34
CA THR A 549 7.93 3.47 -64.18
C THR A 549 8.85 3.62 -65.39
N ALA A 550 8.93 2.53 -66.17
CA ALA A 550 9.79 2.53 -67.35
C ALA A 550 9.35 3.58 -68.35
N LYS A 551 8.04 3.70 -68.56
CA LYS A 551 7.52 4.73 -69.46
C LYS A 551 7.86 6.12 -68.97
N GLU A 552 7.76 6.35 -67.66
CA GLU A 552 8.08 7.67 -67.12
C GLU A 552 9.56 7.98 -67.26
N LYS A 553 10.43 7.00 -67.05
CA LYS A 553 11.86 7.22 -67.25
C LYS A 553 12.17 7.52 -68.72
N LYS A 554 11.52 6.79 -69.63
CA LYS A 554 11.71 7.04 -71.06
C LYS A 554 11.25 8.45 -71.42
N THR A 555 10.10 8.87 -70.88
CA THR A 555 9.61 10.22 -71.13
C THR A 555 10.58 11.25 -70.58
N GLN A 556 11.13 10.99 -69.38
CA GLN A 556 12.12 11.90 -68.81
C GLN A 556 13.32 12.05 -69.72
N LEU A 557 13.88 10.93 -70.18
CA LEU A 557 15.07 10.99 -71.02
C LEU A 557 14.79 11.72 -72.32
N ASP A 558 13.67 11.40 -72.97
CA ASP A 558 13.33 12.04 -74.24
C ASP A 558 13.12 13.54 -74.06
N ASP A 559 12.38 13.92 -73.02
CA ASP A 559 12.10 15.34 -72.79
C ASP A 559 13.38 16.11 -72.48
N ARG A 560 14.26 15.54 -71.64
CA ARG A 560 15.50 16.22 -71.33
C ARG A 560 16.39 16.35 -72.57
N THR A 561 16.44 15.30 -73.40
CA THR A 561 17.23 15.37 -74.62
C THR A 561 16.72 16.47 -75.53
N LYS A 562 15.39 16.55 -75.72
CA LYS A 562 14.85 17.62 -76.56
C LYS A 562 15.13 18.99 -75.97
N ILE A 563 15.00 19.11 -74.64
CA ILE A 563 15.19 20.38 -73.97
C ILE A 563 16.61 20.87 -74.19
N THR A 564 17.58 19.98 -74.01
CA THR A 564 18.97 20.33 -74.29
C THR A 564 19.14 20.69 -75.76
N GLU A 565 18.78 19.76 -76.64
CA GLU A 565 19.00 19.98 -78.10
C GLU A 565 18.30 21.27 -78.57
N LEU A 566 17.39 21.83 -77.77
CA LEU A 566 16.62 23.01 -78.25
C LEU A 566 17.14 24.30 -77.58
N PHE A 567 17.26 24.30 -76.25
CA PHE A 567 17.64 25.57 -75.56
C PHE A 567 19.16 25.76 -75.54
N ALA A 568 19.93 24.68 -75.73
CA ALA A 568 21.40 24.83 -75.80
C ALA A 568 21.74 25.80 -76.94
N VAL A 569 21.00 25.71 -78.05
CA VAL A 569 21.29 26.59 -79.24
C VAL A 569 20.41 27.85 -79.15
N ALA A 570 19.30 27.80 -78.42
CA ALA A 570 18.43 28.96 -78.31
C ALA A 570 18.79 29.95 -77.20
N LEU A 571 19.37 29.50 -76.09
CA LEU A 571 19.48 30.31 -74.88
C LEU A 571 20.33 31.56 -75.02
N PRO A 572 21.51 31.55 -75.67
CA PRO A 572 22.31 32.80 -75.72
C PRO A 572 21.56 33.97 -76.34
N GLN A 573 20.74 33.71 -77.37
CA GLN A 573 19.97 34.77 -78.00
C GLN A 573 18.91 35.32 -77.06
N LEU A 574 18.24 34.43 -76.31
CA LEU A 574 17.27 34.86 -75.32
C LEU A 574 17.93 35.72 -74.26
N LEU A 575 19.08 35.28 -73.76
CA LEU A 575 19.81 35.99 -72.71
C LEU A 575 20.63 37.13 -73.28
N ALA A 576 20.41 37.48 -74.54
CA ALA A 576 20.97 38.68 -75.14
C ALA A 576 19.90 39.70 -75.49
N LYS A 577 18.69 39.26 -75.82
CA LYS A 577 17.60 40.19 -76.05
C LYS A 577 16.91 40.56 -74.74
N TYR A 578 16.50 39.57 -73.95
CA TYR A 578 15.91 39.81 -72.64
C TYR A 578 16.98 39.78 -71.55
N SER A 579 17.94 40.70 -71.68
CA SER A 579 19.11 40.73 -70.82
C SER A 579 19.23 42.09 -70.14
N VAL A 580 18.08 42.74 -69.92
CA VAL A 580 18.05 43.99 -69.17
C VAL A 580 16.98 43.89 -68.11
N ASP A 581 16.15 42.85 -68.18
CA ASP A 581 15.00 42.68 -67.31
C ASP A 581 15.28 41.60 -66.27
N ALA A 582 15.14 41.98 -64.99
CA ALA A 582 15.51 41.09 -63.89
C ALA A 582 14.75 39.78 -63.98
N GLU A 583 13.44 39.83 -63.75
CA GLU A 583 12.63 38.57 -63.73
C GLU A 583 13.01 37.71 -64.93
N LYS A 584 13.04 38.29 -66.12
CA LYS A 584 13.30 37.50 -67.32
C LYS A 584 14.63 36.77 -67.22
N VAL A 585 15.70 37.45 -66.77
CA VAL A 585 16.99 36.76 -66.69
C VAL A 585 16.99 35.72 -65.57
N THR A 586 16.34 36.02 -64.45
CA THR A 586 16.33 35.07 -63.32
C THR A 586 15.47 33.87 -63.64
N ASN A 587 14.56 34.00 -64.61
CA ASN A 587 13.76 32.88 -65.04
C ASN A 587 14.33 32.15 -66.25
N LEU A 588 15.25 32.77 -67.00
CA LEU A 588 15.90 32.07 -68.11
C LEU A 588 17.24 31.47 -67.74
N LEU A 589 17.82 31.86 -66.61
CA LEU A 589 19.10 31.29 -66.20
C LEU A 589 18.96 29.97 -65.46
N GLN A 590 17.74 29.47 -65.28
CA GLN A 590 17.53 28.20 -64.61
C GLN A 590 17.50 27.01 -65.55
N LEU A 591 17.23 27.26 -66.83
CA LEU A 591 17.15 26.17 -67.84
C LEU A 591 18.46 25.36 -67.88
N PRO A 592 19.67 25.97 -67.87
CA PRO A 592 20.90 25.20 -67.85
C PRO A 592 20.86 24.04 -66.88
N GLN A 593 20.24 24.23 -65.71
CA GLN A 593 20.18 23.18 -64.66
C GLN A 593 19.39 21.96 -65.17
N TYR A 594 18.54 22.15 -66.18
CA TYR A 594 17.68 21.02 -66.66
C TYR A 594 18.20 20.49 -68.00
N PHE A 595 19.50 20.66 -68.27
CA PHE A 595 20.03 20.23 -69.60
C PHE A 595 20.96 19.04 -69.44
N ASP A 596 20.69 17.95 -70.16
CA ASP A 596 21.65 16.80 -70.15
C ASP A 596 22.96 17.34 -70.72
N LEU A 597 23.98 17.51 -69.89
CA LEU A 597 25.22 18.17 -70.37
C LEU A 597 26.10 17.19 -71.15
N GLU A 598 25.70 15.92 -71.23
CA GLU A 598 26.45 14.95 -72.03
C GLU A 598 26.25 15.18 -73.51
N ILE A 599 25.07 15.69 -73.92
CA ILE A 599 24.82 15.93 -75.33
C ILE A 599 25.65 17.10 -75.84
N TYR A 600 26.12 17.95 -74.92
CA TYR A 600 27.05 19.02 -75.31
C TYR A 600 28.28 18.46 -75.98
N THR A 601 28.87 17.42 -75.39
CA THR A 601 30.13 16.88 -75.89
C THR A 601 29.93 16.09 -77.18
N THR A 602 28.98 15.15 -77.18
CA THR A 602 28.71 14.38 -78.39
C THR A 602 27.68 15.03 -79.29
N GLY A 603 27.80 16.32 -79.55
CA GLY A 603 26.98 16.96 -80.57
C GLY A 603 27.71 18.10 -81.25
N ARG A 604 28.97 18.31 -80.90
CA ARG A 604 29.81 19.41 -81.38
C ARG A 604 29.24 20.78 -81.04
N LEU A 605 28.25 20.86 -80.14
CA LEU A 605 27.68 22.13 -79.71
C LEU A 605 28.51 22.69 -78.56
N GLU A 606 29.59 23.39 -78.93
CA GLU A 606 30.49 24.00 -77.96
C GLU A 606 30.69 25.49 -78.16
N LYS A 607 30.55 25.99 -79.39
CA LYS A 607 30.53 27.44 -79.58
C LYS A 607 29.36 28.07 -78.83
N HIS A 608 28.24 27.35 -78.74
CA HIS A 608 27.11 27.83 -77.95
C HIS A 608 27.43 27.81 -76.46
N LEU A 609 28.22 26.84 -76.00
CA LEU A 609 28.68 26.87 -74.62
C LEU A 609 29.54 28.10 -74.35
N ASP A 610 30.44 28.41 -75.28
CA ASP A 610 31.25 29.62 -75.14
C ASP A 610 30.36 30.86 -75.11
N ALA A 611 29.35 30.92 -75.98
CA ALA A 611 28.43 32.06 -76.01
C ALA A 611 27.65 32.17 -74.70
N LEU A 612 27.21 31.04 -74.16
CA LEU A 612 26.47 31.03 -72.90
C LEU A 612 27.33 31.57 -71.77
N LEU A 613 28.58 31.13 -71.69
CA LEU A 613 29.46 31.61 -70.64
C LEU A 613 29.75 33.10 -70.79
N ARG A 614 29.96 33.55 -72.04
CA ARG A 614 30.20 34.97 -72.28
C ARG A 614 28.99 35.81 -71.87
N GLN A 615 27.79 35.37 -72.22
CA GLN A 615 26.60 36.11 -71.84
C GLN A 615 26.41 36.14 -70.34
N ILE A 616 26.74 35.04 -69.66
CA ILE A 616 26.62 35.01 -68.21
C ILE A 616 27.58 36.02 -67.59
N ARG A 617 28.79 36.11 -68.14
CA ARG A 617 29.73 37.12 -67.68
C ARG A 617 29.17 38.52 -67.91
N ASN A 618 28.50 38.74 -69.04
CA ASN A 618 27.88 40.02 -69.30
C ASN A 618 26.81 40.35 -68.28
N ILE A 619 25.98 39.37 -67.90
CA ILE A 619 25.00 39.62 -66.84
C ILE A 619 25.69 39.94 -65.52
N VAL A 620 26.74 39.20 -65.17
CA VAL A 620 27.39 39.39 -63.88
C VAL A 620 28.00 40.77 -63.78
N GLU A 621 28.62 41.25 -64.85
CA GLU A 621 29.31 42.54 -64.81
C GLU A 621 28.35 43.72 -65.03
N LYS A 622 27.04 43.48 -65.07
CA LYS A 622 26.11 44.56 -65.36
C LYS A 622 24.94 44.60 -64.37
N HIS A 623 24.66 43.49 -63.70
CA HIS A 623 23.55 43.43 -62.76
C HIS A 623 24.05 43.42 -61.33
N THR A 624 23.24 43.97 -60.42
CA THR A 624 23.58 44.04 -59.00
C THR A 624 22.50 43.46 -58.11
N ASP A 625 21.50 42.78 -58.67
CA ASP A 625 20.41 42.23 -57.87
C ASP A 625 20.92 41.06 -57.03
N THR A 626 20.26 40.85 -55.89
CA THR A 626 20.63 39.80 -54.96
C THR A 626 20.11 38.43 -55.36
N ASP A 627 19.33 38.35 -56.43
CA ASP A 627 18.86 37.07 -56.95
C ASP A 627 19.43 36.72 -58.31
N VAL A 628 19.70 37.73 -59.15
CA VAL A 628 20.31 37.48 -60.45
C VAL A 628 21.66 36.79 -60.26
N LEU A 629 22.50 37.35 -59.40
CA LEU A 629 23.82 36.78 -59.17
C LEU A 629 23.74 35.41 -58.52
N GLU A 630 22.74 35.17 -57.68
CA GLU A 630 22.51 33.84 -57.16
C GLU A 630 22.24 32.86 -58.29
N ALA A 631 21.40 33.26 -59.24
CA ALA A 631 21.12 32.40 -60.38
C ALA A 631 22.39 32.12 -61.18
N CYS A 632 23.21 33.13 -61.42
CA CYS A 632 24.45 32.91 -62.16
C CYS A 632 25.39 31.96 -61.41
N SER A 633 25.52 32.14 -60.10
CA SER A 633 26.42 31.27 -59.35
C SER A 633 25.94 29.83 -59.39
N LYS A 634 24.63 29.62 -59.21
CA LYS A 634 24.10 28.26 -59.25
C LYS A 634 24.26 27.64 -60.63
N THR A 635 24.08 28.42 -61.70
CA THR A 635 24.26 27.88 -63.04
C THR A 635 25.72 27.51 -63.29
N TYR A 636 26.67 28.35 -62.85
CA TYR A 636 28.08 27.99 -63.00
C TYR A 636 28.39 26.70 -62.26
N HIS A 637 27.90 26.57 -61.03
CA HIS A 637 28.17 25.35 -60.27
C HIS A 637 27.54 24.13 -60.95
N ALA A 638 26.36 24.31 -61.55
CA ALA A 638 25.73 23.22 -62.28
C ALA A 638 26.51 22.83 -63.53
N LEU A 639 27.19 23.77 -64.17
CA LEU A 639 27.98 23.49 -65.36
C LEU A 639 29.43 23.16 -65.05
N CYS A 640 29.83 23.17 -63.77
CA CYS A 640 31.21 22.87 -63.40
C CYS A 640 31.37 21.46 -62.81
N ASN A 641 30.49 20.53 -63.17
CA ASN A 641 30.62 19.18 -62.66
C ASN A 641 31.76 18.45 -63.35
N GLU A 642 32.65 17.83 -62.55
CA GLU A 642 33.83 17.18 -63.11
C GLU A 642 33.46 15.99 -63.99
N GLU A 643 32.47 15.20 -63.60
CA GLU A 643 32.14 13.99 -64.36
C GLU A 643 31.79 14.32 -65.81
N PHE A 644 31.25 15.51 -66.05
CA PHE A 644 30.99 15.97 -67.40
C PHE A 644 32.28 16.52 -68.01
N THR A 645 32.48 16.24 -69.30
CA THR A 645 33.74 16.59 -69.96
C THR A 645 33.73 18.04 -70.44
N ILE A 646 33.43 18.98 -69.55
CA ILE A 646 33.50 20.40 -69.85
C ILE A 646 34.24 21.18 -68.78
N PHE A 647 34.85 20.49 -67.81
CA PHE A 647 35.44 21.17 -66.66
C PHE A 647 36.55 22.10 -67.12
N ASN A 648 37.37 21.66 -68.09
CA ASN A 648 38.48 22.49 -68.55
C ASN A 648 38.00 23.86 -69.02
N ARG A 649 37.03 23.87 -69.94
CA ARG A 649 36.54 25.14 -70.50
C ARG A 649 35.82 25.97 -69.45
N VAL A 650 34.92 25.35 -68.69
CA VAL A 650 34.15 26.13 -67.71
C VAL A 650 35.08 26.65 -66.63
N ASP A 651 36.16 25.94 -66.34
CA ASP A 651 37.10 26.36 -65.31
C ASP A 651 37.96 27.50 -65.80
N ILE A 652 38.38 27.46 -67.07
CA ILE A 652 39.05 28.62 -67.65
C ILE A 652 38.18 29.86 -67.51
N SER A 653 36.90 29.73 -67.90
CA SER A 653 35.99 30.88 -67.85
C SER A 653 35.80 31.37 -66.41
N ARG A 654 35.60 30.44 -65.48
CA ARG A 654 35.46 30.73 -64.06
C ARG A 654 36.66 31.50 -63.56
N SER A 655 37.84 31.03 -63.93
CA SER A 655 39.10 31.65 -63.51
C SER A 655 39.18 33.07 -64.02
N GLN A 656 38.86 33.31 -65.30
CA GLN A 656 38.91 34.69 -65.78
C GLN A 656 37.94 35.58 -65.00
N LEU A 657 36.70 35.14 -64.84
CA LEU A 657 35.71 36.00 -64.17
C LEU A 657 36.16 36.34 -62.76
N ILE A 658 36.50 35.32 -61.97
CA ILE A 658 36.88 35.55 -60.58
C ILE A 658 38.17 36.36 -60.51
N ASP A 659 39.08 36.15 -61.46
CA ASP A 659 40.30 36.93 -61.45
C ASP A 659 40.00 38.41 -61.62
N GLU A 660 39.22 38.77 -62.64
CA GLU A 660 38.92 40.19 -62.85
C GLU A 660 38.23 40.78 -61.63
N LEU A 661 37.27 40.04 -61.06
CA LEU A 661 36.59 40.55 -59.87
C LEU A 661 37.58 40.79 -58.74
N ALA A 662 38.51 39.85 -58.52
CA ALA A 662 39.46 39.99 -57.42
C ALA A 662 40.41 41.17 -57.63
N ASP A 663 40.93 41.33 -58.86
CA ASP A 663 41.86 42.45 -59.07
C ASP A 663 41.14 43.78 -58.88
N LYS A 664 39.91 43.88 -59.41
CA LYS A 664 39.16 45.11 -59.24
C LYS A 664 38.87 45.38 -57.77
N PHE A 665 38.51 44.34 -57.02
CA PHE A 665 38.22 44.50 -55.60
C PHE A 665 39.43 45.01 -54.85
N ASN A 666 40.59 44.40 -55.06
CA ASN A 666 41.79 44.85 -54.36
C ASN A 666 42.14 46.28 -54.73
N ARG A 667 42.11 46.60 -56.03
CA ARG A 667 42.45 47.94 -56.48
C ARG A 667 41.52 48.97 -55.86
N LEU A 668 40.22 48.68 -55.85
CA LEU A 668 39.26 49.62 -55.29
C LEU A 668 39.43 49.76 -53.79
N LEU A 669 39.69 48.67 -53.09
CA LEU A 669 39.82 48.72 -51.63
C LEU A 669 41.02 49.57 -51.21
N GLU A 670 42.13 49.47 -51.96
CA GLU A 670 43.30 50.27 -51.63
C GLU A 670 42.95 51.74 -51.51
N ASP A 671 42.24 52.28 -52.50
CA ASP A 671 41.85 53.69 -52.45
C ASP A 671 40.69 53.90 -51.48
N PHE A 672 39.85 52.86 -51.29
CA PHE A 672 38.69 52.97 -50.43
C PHE A 672 39.08 53.29 -49.00
N LEU A 673 39.80 52.36 -48.36
CA LEU A 673 40.17 52.62 -46.97
C LEU A 673 41.12 53.81 -46.89
N GLN A 674 42.36 53.61 -47.34
CA GLN A 674 43.35 54.65 -47.63
C GLN A 674 43.82 55.39 -46.39
N GLU A 675 43.05 55.34 -45.30
CA GLU A 675 43.42 55.90 -44.00
C GLU A 675 43.74 57.39 -44.07
N GLY A 676 43.63 57.98 -45.26
CA GLY A 676 44.21 59.31 -45.46
C GLY A 676 43.17 60.42 -45.50
N GLU A 677 42.06 60.19 -46.21
CA GLU A 677 41.06 61.23 -46.37
C GLU A 677 39.66 60.63 -46.33
N GLU A 678 38.65 61.40 -46.72
CA GLU A 678 37.29 60.92 -46.64
C GLU A 678 36.84 60.29 -47.95
N PRO A 679 36.14 59.17 -47.90
CA PRO A 679 35.68 58.50 -49.11
C PRO A 679 34.40 59.13 -49.65
N ASP A 680 34.19 58.92 -50.95
CA ASP A 680 33.00 59.41 -51.65
C ASP A 680 31.90 58.36 -51.66
N GLU A 681 30.88 58.56 -52.49
CA GLU A 681 29.72 57.66 -52.55
C GLU A 681 29.69 56.76 -53.78
N ASP A 682 30.10 57.24 -54.95
CA ASP A 682 30.07 56.39 -56.12
C ASP A 682 31.06 55.23 -56.01
N ASP A 683 32.26 55.49 -55.48
CA ASP A 683 33.20 54.40 -55.26
C ASP A 683 32.68 53.42 -54.22
N ALA A 684 31.95 53.91 -53.22
CA ALA A 684 31.31 53.01 -52.27
C ALA A 684 30.30 52.12 -52.99
N TYR A 685 29.55 52.70 -53.93
CA TYR A 685 28.62 51.91 -54.73
C TYR A 685 29.34 50.83 -55.52
N GLN A 686 30.46 51.20 -56.14
CA GLN A 686 31.23 50.21 -56.91
C GLN A 686 31.76 49.10 -56.01
N VAL A 687 32.28 49.46 -54.83
CA VAL A 687 32.82 48.46 -53.91
C VAL A 687 31.72 47.50 -53.47
N LEU A 688 30.56 48.05 -53.12
CA LEU A 688 29.44 47.21 -52.73
C LEU A 688 29.02 46.30 -53.87
N SER A 689 28.99 46.82 -55.11
CA SER A 689 28.58 46.03 -56.25
C SER A 689 29.55 44.87 -56.50
N THR A 690 30.84 45.13 -56.43
CA THR A 690 31.83 44.08 -56.62
C THR A 690 31.74 43.03 -55.52
N LEU A 691 31.56 43.49 -54.28
CA LEU A 691 31.51 42.56 -53.16
C LEU A 691 30.26 41.68 -53.23
N LYS A 692 29.15 42.25 -53.71
CA LYS A 692 27.93 41.46 -53.87
C LYS A 692 28.09 40.32 -54.87
N ARG A 693 29.01 40.46 -55.83
CA ARG A 693 29.27 39.41 -56.79
C ARG A 693 30.26 38.39 -56.25
N ILE A 694 31.32 38.88 -55.59
CA ILE A 694 32.30 37.96 -54.99
C ILE A 694 31.63 37.08 -53.94
N THR A 695 30.79 37.67 -53.10
CA THR A 695 30.05 36.91 -52.09
C THR A 695 29.12 35.90 -52.76
N ALA A 696 28.39 36.33 -53.78
CA ALA A 696 27.46 35.44 -54.45
C ALA A 696 28.17 34.24 -55.04
N PHE A 697 29.39 34.44 -55.51
CA PHE A 697 30.13 33.33 -56.11
C PHE A 697 30.88 32.48 -55.09
N HIS A 698 31.22 33.05 -53.93
CA HIS A 698 31.98 32.32 -52.91
C HIS A 698 31.12 31.37 -52.11
N ASN A 699 29.81 31.30 -52.40
CA ASN A 699 28.92 30.39 -51.72
C ASN A 699 28.90 29.02 -52.39
N ALA A 700 29.11 28.95 -53.70
CA ALA A 700 29.20 27.68 -54.39
C ALA A 700 30.54 27.47 -55.11
N HIS A 701 31.47 28.41 -55.06
CA HIS A 701 32.75 28.28 -55.74
C HIS A 701 33.89 28.50 -54.75
N ASP A 702 34.92 27.68 -54.88
CA ASP A 702 36.06 27.69 -53.95
C ASP A 702 37.05 28.79 -54.34
N LEU A 703 36.65 30.02 -54.05
CA LEU A 703 37.51 31.17 -54.33
C LEU A 703 38.53 31.32 -53.20
N SER A 704 39.36 30.30 -53.01
CA SER A 704 40.38 30.29 -51.96
C SER A 704 41.75 30.68 -52.47
N LYS A 705 42.09 30.27 -53.70
CA LYS A 705 43.38 30.61 -54.27
C LYS A 705 43.58 32.11 -54.36
N TRP A 706 42.48 32.85 -54.55
CA TRP A 706 42.49 34.31 -54.46
C TRP A 706 42.16 34.68 -53.01
N ASP A 707 43.18 34.61 -52.17
CA ASP A 707 43.03 34.87 -50.75
C ASP A 707 42.46 36.26 -50.50
N LEU A 708 41.26 36.31 -49.90
CA LEU A 708 40.57 37.55 -49.66
C LEU A 708 40.39 37.86 -48.17
N PHE A 709 40.65 36.88 -47.29
CA PHE A 709 40.42 37.07 -45.87
C PHE A 709 41.06 38.35 -45.37
N ALA A 710 42.26 38.66 -45.85
CA ALA A 710 42.92 39.89 -45.44
C ALA A 710 42.07 41.10 -45.81
N CYS A 711 41.56 41.13 -47.04
CA CYS A 711 40.77 42.27 -47.50
C CYS A 711 39.51 42.44 -46.67
N ASN A 712 38.76 41.35 -46.54
CA ASN A 712 37.46 41.44 -45.82
C ASN A 712 37.71 41.82 -44.36
N TYR A 713 38.67 41.16 -43.71
CA TYR A 713 38.91 41.39 -42.29
C TYR A 713 39.40 42.81 -42.04
N LYS A 714 40.27 43.32 -42.91
CA LYS A 714 40.70 44.72 -42.81
C LYS A 714 39.52 45.66 -42.94
N LEU A 715 38.64 45.39 -43.91
CA LEU A 715 37.50 46.26 -44.14
C LEU A 715 36.61 46.31 -42.90
N LEU A 716 36.36 45.15 -42.30
CA LEU A 716 35.54 45.08 -41.09
C LEU A 716 36.20 45.79 -39.92
N LYS A 717 37.53 45.68 -39.80
CA LYS A 717 38.22 46.38 -38.71
C LYS A 717 38.09 47.89 -38.85
N THR A 718 38.29 48.42 -40.06
CA THR A 718 38.08 49.86 -40.24
C THR A 718 36.66 50.25 -39.91
N GLY A 719 35.70 49.37 -40.21
CA GLY A 719 34.32 49.60 -39.83
C GLY A 719 34.05 49.72 -38.34
N ILE A 720 34.64 48.82 -37.54
CA ILE A 720 34.51 48.98 -36.10
C ILE A 720 35.18 50.26 -35.66
N GLU A 721 36.37 50.54 -36.18
CA GLU A 721 37.15 51.65 -35.68
C GLU A 721 36.49 53.00 -35.97
N ASN A 722 35.83 53.13 -37.12
CA ASN A 722 35.22 54.39 -37.48
C ASN A 722 33.72 54.47 -37.17
N GLY A 723 32.97 53.39 -37.32
CA GLY A 723 31.55 53.41 -37.03
C GLY A 723 30.72 54.24 -37.98
N ASP A 724 31.06 54.24 -39.27
CA ASP A 724 30.27 54.94 -40.28
C ASP A 724 30.11 54.14 -41.57
N MET A 725 30.50 52.87 -41.62
CA MET A 725 30.45 52.13 -42.87
C MET A 725 29.01 51.84 -43.31
N PRO A 726 28.76 51.76 -44.63
CA PRO A 726 27.46 51.28 -45.11
C PRO A 726 27.08 49.89 -44.62
N GLU A 727 25.80 49.76 -44.31
CA GLU A 727 25.22 48.55 -43.74
C GLU A 727 25.31 47.36 -44.67
N GLN A 728 24.98 47.54 -45.95
CA GLN A 728 25.04 46.43 -46.88
C GLN A 728 26.48 45.97 -47.10
N ILE A 729 27.42 46.92 -47.10
CA ILE A 729 28.83 46.56 -47.18
C ILE A 729 29.22 45.69 -45.99
N VAL A 730 28.80 46.09 -44.79
CA VAL A 730 29.08 45.28 -43.61
C VAL A 730 28.47 43.89 -43.77
N ILE A 731 27.23 43.81 -44.23
CA ILE A 731 26.54 42.53 -44.32
C ILE A 731 27.27 41.58 -45.26
N HIS A 732 27.57 42.06 -46.47
CA HIS A 732 28.22 41.18 -47.44
C HIS A 732 29.67 40.86 -47.08
N ALA A 733 30.39 41.76 -46.41
CA ALA A 733 31.72 41.38 -45.92
C ALA A 733 31.61 40.29 -44.85
N LEU A 734 30.66 40.43 -43.94
CA LEU A 734 30.42 39.46 -42.89
C LEU A 734 29.98 38.12 -43.43
N GLN A 735 29.36 38.10 -44.61
CA GLN A 735 29.02 36.86 -45.30
C GLN A 735 30.21 36.23 -46.01
N CYS A 736 30.97 37.03 -46.75
CA CYS A 736 32.10 36.49 -47.51
C CYS A 736 33.17 35.92 -46.59
N THR A 737 33.37 36.53 -45.43
CA THR A 737 34.38 36.00 -44.51
C THR A 737 33.93 34.66 -43.91
N HIS A 738 32.63 34.52 -43.63
CA HIS A 738 32.14 33.23 -43.20
C HIS A 738 32.38 32.19 -44.29
N TYR A 739 32.16 32.57 -45.55
CA TYR A 739 32.38 31.64 -46.66
C TYR A 739 33.85 31.22 -46.75
N VAL A 740 34.78 32.17 -46.62
CA VAL A 740 36.20 31.80 -46.74
C VAL A 740 36.62 30.89 -45.59
N ILE A 741 36.14 31.18 -44.38
CA ILE A 741 36.46 30.30 -43.26
C ILE A 741 35.92 28.89 -43.51
N LEU A 742 34.69 28.79 -44.03
CA LEU A 742 34.10 27.48 -44.25
C LEU A 742 34.86 26.69 -45.32
N TRP A 743 35.28 27.35 -46.40
CA TRP A 743 36.07 26.64 -47.40
C TRP A 743 37.44 26.24 -46.88
N GLN A 744 38.08 27.11 -46.11
CA GLN A 744 39.39 26.75 -45.51
C GLN A 744 39.21 25.42 -44.76
N LEU A 745 38.10 25.28 -44.03
CA LEU A 745 37.81 23.98 -43.34
C LEU A 745 37.67 22.90 -44.42
N ALA A 746 36.87 23.19 -45.46
CA ALA A 746 36.65 22.19 -46.53
C ALA A 746 37.98 21.59 -46.98
N LYS A 747 39.07 22.38 -46.93
CA LYS A 747 40.33 21.84 -47.45
C LYS A 747 41.19 21.18 -46.38
N ILE A 748 40.78 21.22 -45.10
CA ILE A 748 41.61 20.70 -44.02
C ILE A 748 41.29 19.23 -43.83
N THR A 749 40.39 18.69 -44.65
CA THR A 749 39.91 17.32 -44.53
C THR A 749 40.82 16.29 -45.19
N GLU A 750 41.52 16.66 -46.26
CA GLU A 750 42.37 15.71 -46.99
C GLU A 750 43.56 15.26 -46.15
N SER A 751 43.89 15.97 -45.08
CA SER A 751 45.04 15.74 -44.20
C SER A 751 46.36 16.07 -44.87
N SER A 752 46.34 16.63 -46.09
CA SER A 752 47.57 17.04 -46.74
C SER A 752 48.16 18.31 -46.14
N SER A 753 47.40 19.01 -45.31
CA SER A 753 47.88 20.26 -44.72
C SER A 753 48.57 20.00 -43.38
N THR A 754 49.61 20.77 -43.10
CA THR A 754 50.39 20.61 -41.89
C THR A 754 49.62 21.15 -40.68
N LYS A 755 50.25 21.02 -39.50
CA LYS A 755 49.62 21.54 -38.28
C LYS A 755 49.52 23.06 -38.31
N GLU A 756 50.37 23.73 -39.09
CA GLU A 756 50.32 25.18 -39.16
C GLU A 756 48.99 25.66 -39.74
N ASP A 757 48.45 24.92 -40.72
CA ASP A 757 47.18 25.32 -41.31
C ASP A 757 46.03 25.17 -40.32
N LEU A 758 46.06 24.12 -39.49
CA LEU A 758 45.01 23.95 -38.49
C LEU A 758 45.02 25.09 -37.49
N LEU A 759 46.22 25.48 -37.02
CA LEU A 759 46.34 26.61 -36.11
C LEU A 759 45.98 27.93 -36.77
N ARG A 760 46.28 28.09 -38.07
CA ARG A 760 45.85 29.27 -38.80
C ARG A 760 44.32 29.34 -38.85
N LEU A 761 43.68 28.20 -39.07
CA LEU A 761 42.22 28.17 -39.09
C LEU A 761 41.65 28.52 -37.72
N LYS A 762 42.27 28.04 -36.66
CA LYS A 762 41.85 28.43 -35.31
C LYS A 762 42.00 29.93 -35.11
N LYS A 763 43.13 30.49 -35.54
CA LYS A 763 43.40 31.92 -35.38
C LYS A 763 42.40 32.77 -36.14
N GLN A 764 42.02 32.37 -37.35
CA GLN A 764 41.00 33.05 -38.12
C GLN A 764 39.62 32.90 -37.50
N MET A 765 39.31 31.70 -37.00
CA MET A 765 37.99 31.47 -36.36
C MET A 765 37.82 32.37 -35.13
N ARG A 766 38.78 32.42 -34.19
CA ARG A 766 38.56 33.19 -32.98
C ARG A 766 38.48 34.68 -33.30
N VAL A 767 39.28 35.13 -34.26
CA VAL A 767 39.19 36.51 -34.71
C VAL A 767 37.79 36.81 -35.23
N PHE A 768 37.25 35.90 -36.05
CA PHE A 768 35.93 36.18 -36.67
C PHE A 768 34.86 36.34 -35.59
N CYS A 769 34.74 35.35 -34.70
CA CYS A 769 33.67 35.39 -33.67
C CYS A 769 33.70 36.72 -32.91
N GLN A 770 34.91 37.20 -32.56
CA GLN A 770 35.03 38.46 -31.77
C GLN A 770 34.34 39.61 -32.54
N ILE A 771 34.64 39.75 -33.83
CA ILE A 771 34.06 40.85 -34.66
C ILE A 771 32.54 40.65 -34.76
N CYS A 772 32.10 39.40 -34.96
CA CYS A 772 30.66 39.11 -35.15
C CYS A 772 29.87 39.52 -33.88
N GLN A 773 30.45 39.28 -32.70
CA GLN A 773 29.76 39.62 -31.42
C GLN A 773 29.40 41.12 -31.41
N HIS A 774 30.40 41.99 -31.62
CA HIS A 774 30.11 43.42 -31.69
C HIS A 774 29.00 43.71 -32.66
N TYR A 775 28.99 43.05 -33.83
CA TYR A 775 27.97 43.26 -34.83
C TYR A 775 26.65 42.59 -34.48
N LEU A 776 26.61 41.78 -33.42
CA LEU A 776 25.35 41.27 -32.91
C LEU A 776 24.61 42.29 -32.06
N THR A 777 25.29 43.35 -31.62
CA THR A 777 24.70 44.37 -30.77
C THR A 777 24.85 45.74 -31.43
N ASN A 778 24.49 45.81 -32.71
CA ASN A 778 24.60 47.04 -33.51
C ASN A 778 23.26 47.75 -33.56
N VAL A 779 23.24 48.90 -34.21
CA VAL A 779 22.02 49.69 -34.35
C VAL A 779 21.17 49.18 -35.52
N ASN A 780 21.81 48.74 -36.59
CA ASN A 780 21.06 48.29 -37.77
C ASN A 780 20.53 46.88 -37.56
N THR A 781 19.21 46.73 -37.65
CA THR A 781 18.59 45.43 -37.42
C THR A 781 18.99 44.41 -38.47
N THR A 782 19.19 44.83 -39.71
CA THR A 782 19.68 43.91 -40.73
C THR A 782 21.06 43.38 -40.37
N VAL A 783 21.94 44.25 -39.90
CA VAL A 783 23.28 43.85 -39.51
C VAL A 783 23.23 42.86 -38.36
N LYS A 784 22.40 43.16 -37.34
CA LYS A 784 22.35 42.24 -36.20
C LYS A 784 21.75 40.90 -36.60
N GLU A 785 20.76 40.90 -37.50
CA GLU A 785 20.20 39.65 -37.97
C GLU A 785 21.24 38.79 -38.68
N GLN A 786 22.03 39.42 -39.56
CA GLN A 786 23.06 38.67 -40.28
C GLN A 786 24.11 38.13 -39.31
N ALA A 787 24.45 38.95 -38.32
CA ALA A 787 25.43 38.47 -37.31
C ALA A 787 24.87 37.21 -36.66
N PHE A 788 23.62 37.23 -36.18
CA PHE A 788 23.09 36.08 -35.43
C PHE A 788 23.20 34.83 -36.26
N THR A 789 22.67 34.87 -37.48
CA THR A 789 22.66 33.66 -38.33
C THR A 789 24.06 33.11 -38.44
N ILE A 790 25.00 33.96 -38.86
CA ILE A 790 26.38 33.50 -39.10
C ILE A 790 26.97 32.91 -37.80
N LEU A 791 26.86 33.60 -36.68
CA LEU A 791 27.49 33.13 -35.41
C LEU A 791 26.91 31.76 -35.08
N CYS A 792 25.58 31.62 -35.16
CA CYS A 792 24.96 30.33 -34.78
C CYS A 792 25.54 29.23 -35.70
N ASP A 793 25.54 29.44 -37.01
CA ASP A 793 26.02 28.34 -37.90
C ASP A 793 27.49 28.03 -37.59
N ILE A 794 28.33 29.05 -37.39
CA ILE A 794 29.79 28.81 -37.17
C ILE A 794 29.92 27.96 -35.91
N LEU A 795 29.18 28.31 -34.85
CA LEU A 795 29.32 27.58 -33.57
C LEU A 795 28.91 26.13 -33.83
N MET A 796 27.78 25.93 -34.49
CA MET A 796 27.30 24.54 -34.72
C MET A 796 28.39 23.75 -35.46
N ILE A 797 29.05 24.37 -36.44
CA ILE A 797 30.10 23.64 -37.25
C ILE A 797 31.40 23.38 -36.47
N PHE A 798 31.88 24.31 -35.63
CA PHE A 798 33.21 24.12 -34.98
C PHE A 798 33.12 23.62 -33.55
N SER A 799 32.14 22.77 -33.25
CA SER A 799 31.85 22.46 -31.86
C SER A 799 32.57 21.18 -31.47
N HIS A 800 32.26 20.69 -30.27
CA HIS A 800 32.78 19.39 -29.85
C HIS A 800 32.19 18.24 -30.65
N GLN A 801 31.13 18.49 -31.41
CA GLN A 801 30.56 17.48 -32.29
C GLN A 801 31.39 17.28 -33.54
N ILE A 802 32.40 18.10 -33.78
CA ILE A 802 33.21 17.98 -34.98
C ILE A 802 34.04 16.70 -34.97
N MET A 803 34.05 16.01 -33.84
CA MET A 803 34.85 14.76 -33.72
C MET A 803 33.89 13.59 -33.47
N SER A 804 32.69 13.67 -34.03
CA SER A 804 31.71 12.61 -33.87
C SER A 804 32.10 11.43 -34.74
N GLY A 805 32.75 10.43 -34.13
CA GLY A 805 33.25 9.28 -34.92
C GLY A 805 34.07 9.81 -36.10
N GLY A 806 34.66 11.00 -35.93
CA GLY A 806 35.46 11.62 -37.03
C GLY A 806 36.91 11.79 -36.56
N ARG A 807 37.77 12.24 -37.48
CA ARG A 807 39.20 12.42 -37.15
C ARG A 807 39.34 13.37 -35.95
N ASP A 808 40.15 12.98 -34.96
CA ASP A 808 40.37 13.83 -33.76
C ASP A 808 41.51 14.81 -34.04
N MET A 809 42.17 14.67 -35.18
CA MET A 809 43.27 15.59 -35.57
C MET A 809 42.72 17.01 -35.51
N LEU A 810 41.41 17.16 -35.70
CA LEU A 810 40.74 18.48 -35.69
C LEU A 810 40.34 18.87 -34.26
N GLU A 811 40.91 18.22 -33.25
CA GLU A 811 40.62 18.61 -31.87
C GLU A 811 40.93 20.06 -31.56
N PRO A 812 42.06 20.66 -32.03
CA PRO A 812 42.31 22.09 -31.80
C PRO A 812 41.14 23.04 -32.04
N LEU A 813 40.48 22.95 -33.19
CA LEU A 813 39.42 23.95 -33.51
C LEU A 813 38.07 23.57 -32.88
N VAL A 814 38.03 23.33 -31.58
CA VAL A 814 36.73 23.08 -30.88
C VAL A 814 36.41 24.35 -30.07
N TYR A 815 35.31 25.05 -30.39
CA TYR A 815 35.04 26.34 -29.71
C TYR A 815 33.88 26.24 -28.75
N THR A 816 34.13 26.50 -27.46
CA THR A 816 33.06 26.53 -26.46
C THR A 816 32.65 27.97 -26.23
N PRO A 817 31.42 28.35 -26.55
CA PRO A 817 31.01 29.75 -26.38
C PRO A 817 31.04 30.16 -24.92
N ASP A 818 31.41 31.41 -24.67
CA ASP A 818 31.44 31.91 -23.31
C ASP A 818 30.05 32.35 -22.86
N SER A 819 29.93 32.53 -21.54
CA SER A 819 28.64 32.93 -20.96
C SER A 819 28.20 34.29 -21.50
N SER A 820 29.15 35.16 -21.84
CA SER A 820 28.80 36.45 -22.42
C SER A 820 28.03 36.26 -23.72
N LEU A 821 28.54 35.41 -24.62
CA LEU A 821 27.84 35.17 -25.88
C LEU A 821 26.54 34.41 -25.65
N GLN A 822 26.53 33.47 -24.70
CA GLN A 822 25.30 32.75 -24.40
C GLN A 822 24.21 33.68 -23.88
N SER A 823 24.57 34.75 -23.19
CA SER A 823 23.61 35.77 -22.78
C SER A 823 23.21 36.69 -23.93
N GLU A 824 24.16 37.08 -24.77
CA GLU A 824 23.85 37.98 -25.87
C GLU A 824 22.89 37.34 -26.87
N LEU A 825 23.09 36.06 -27.17
CA LEU A 825 22.18 35.37 -28.09
C LEU A 825 20.76 35.33 -27.55
N LEU A 826 20.61 35.04 -26.25
CA LEU A 826 19.28 35.02 -25.66
C LEU A 826 18.65 36.40 -25.64
N SER A 827 19.45 37.44 -25.37
CA SER A 827 18.94 38.80 -25.44
C SER A 827 18.41 39.12 -26.83
N PHE A 828 19.17 38.75 -27.86
CA PHE A 828 18.72 38.99 -29.23
C PHE A 828 17.45 38.22 -29.53
N ILE A 829 17.37 36.96 -29.09
CA ILE A 829 16.19 36.16 -29.39
C ILE A 829 14.95 36.77 -28.74
N LEU A 830 15.03 37.12 -27.46
CA LEU A 830 13.91 37.69 -26.73
C LEU A 830 13.62 39.13 -27.13
N ASP A 831 14.51 39.77 -27.87
CA ASP A 831 14.21 41.13 -28.31
C ASP A 831 13.71 41.21 -29.74
N HIS A 832 14.13 40.28 -30.61
CA HIS A 832 13.81 40.38 -32.03
C HIS A 832 13.12 39.14 -32.60
N VAL A 833 12.65 38.22 -31.75
CA VAL A 833 11.91 37.08 -32.26
C VAL A 833 10.53 37.03 -31.61
N PHE A 834 10.49 37.03 -30.27
CA PHE A 834 9.24 37.06 -29.55
C PHE A 834 8.76 38.51 -29.42
N ILE A 835 7.85 38.93 -30.30
CA ILE A 835 7.44 40.32 -30.39
C ILE A 835 5.97 40.42 -30.72
N GLU A 836 5.26 41.28 -30.00
CA GLU A 836 3.87 41.60 -30.30
C GLU A 836 3.62 43.09 -30.10
N GLU A 851 -1.36 40.55 -45.59
CA GLU A 851 -0.37 41.19 -46.44
C GLU A 851 0.78 40.23 -46.73
N ALA A 852 1.80 40.72 -47.43
CA ALA A 852 2.98 39.91 -47.72
C ALA A 852 4.08 40.12 -46.69
N SER A 853 4.11 41.28 -46.04
CA SER A 853 5.14 41.55 -45.04
C SER A 853 4.89 40.77 -43.75
N LYS A 854 3.66 40.26 -43.56
CA LYS A 854 3.37 39.46 -42.37
C LYS A 854 4.10 38.12 -42.44
N ILE A 855 3.89 37.38 -43.53
CA ILE A 855 4.51 36.07 -43.69
C ILE A 855 6.02 36.19 -43.84
N GLU A 856 6.48 37.24 -44.54
CA GLU A 856 7.90 37.59 -44.59
C GLU A 856 8.54 37.51 -43.21
N ALA A 857 8.08 38.37 -42.31
CA ALA A 857 8.69 38.46 -40.99
C ALA A 857 8.43 37.20 -40.16
N LEU A 858 7.25 36.58 -40.34
CA LEU A 858 6.97 35.36 -39.60
C LEU A 858 8.00 34.28 -39.92
N HIS A 859 8.26 34.05 -41.20
CA HIS A 859 9.21 33.00 -41.57
C HIS A 859 10.64 33.39 -41.22
N LYS A 860 11.00 34.67 -41.34
CA LYS A 860 12.34 35.08 -40.93
C LYS A 860 12.56 34.80 -39.44
N ARG A 861 11.59 35.20 -38.62
CA ARG A 861 11.72 35.00 -37.16
C ARG A 861 11.69 33.49 -36.84
N ARG A 862 10.91 32.72 -37.60
CA ARG A 862 10.90 31.27 -37.37
C ARG A 862 12.26 30.67 -37.67
N ASN A 863 12.94 31.13 -38.71
CA ASN A 863 14.28 30.65 -39.00
C ASN A 863 15.25 31.00 -37.87
N LEU A 864 15.18 32.24 -37.36
CA LEU A 864 16.07 32.62 -36.26
C LEU A 864 15.83 31.78 -35.01
N LEU A 865 14.55 31.60 -34.64
CA LEU A 865 14.26 30.76 -33.48
C LEU A 865 14.67 29.32 -33.72
N ALA A 866 14.56 28.84 -34.96
CA ALA A 866 15.03 27.50 -35.27
C ALA A 866 16.53 27.38 -35.04
N ALA A 867 17.29 28.40 -35.42
CA ALA A 867 18.74 28.36 -35.19
C ALA A 867 19.07 28.29 -33.71
N PHE A 868 18.44 29.15 -32.90
CA PHE A 868 18.76 29.13 -31.47
C PHE A 868 18.29 27.82 -30.83
N CYS A 869 17.15 27.29 -31.26
CA CYS A 869 16.69 26.02 -30.73
C CYS A 869 17.61 24.89 -31.15
N LYS A 870 18.22 24.99 -32.33
CA LYS A 870 19.26 24.05 -32.74
C LYS A 870 20.42 24.07 -31.75
N LEU A 871 20.94 25.25 -31.43
CA LEU A 871 22.02 25.30 -30.45
C LEU A 871 21.60 24.78 -29.09
N ILE A 872 20.35 24.98 -28.69
CA ILE A 872 19.88 24.40 -27.42
C ILE A 872 19.82 22.89 -27.47
N VAL A 873 19.24 22.30 -28.52
CA VAL A 873 19.00 20.87 -28.57
C VAL A 873 20.29 20.09 -28.75
N TYR A 874 21.24 20.60 -29.54
CA TYR A 874 22.47 19.87 -29.78
C TYR A 874 23.53 20.15 -28.73
N THR A 875 23.15 20.77 -27.61
CA THR A 875 24.01 20.95 -26.44
C THR A 875 25.29 21.69 -26.81
N VAL A 876 25.14 22.94 -27.22
CA VAL A 876 26.27 23.83 -27.46
C VAL A 876 26.22 24.94 -26.43
N VAL A 877 25.02 25.41 -26.12
CA VAL A 877 24.78 26.38 -25.06
C VAL A 877 24.09 25.68 -23.92
N GLU A 878 24.18 26.27 -22.73
CA GLU A 878 23.62 25.64 -21.56
C GLU A 878 22.11 25.50 -21.70
N MET A 879 21.58 24.34 -21.27
CA MET A 879 20.13 24.07 -21.44
C MET A 879 19.30 25.08 -20.66
N ASN A 880 19.80 25.57 -19.53
CA ASN A 880 19.00 26.45 -18.70
C ASN A 880 18.42 27.63 -19.46
N THR A 881 19.01 28.00 -20.60
CA THR A 881 18.50 29.11 -21.39
C THR A 881 17.19 28.77 -22.10
N ALA A 882 16.78 27.50 -22.07
CA ALA A 882 15.54 27.10 -22.71
C ALA A 882 14.31 27.50 -21.89
N ALA A 883 14.51 27.96 -20.66
CA ALA A 883 13.37 28.44 -19.87
C ALA A 883 12.75 29.67 -20.49
N ASP A 884 13.58 30.59 -20.96
CA ASP A 884 13.11 31.83 -21.57
C ASP A 884 12.47 31.61 -22.93
N ILE A 885 12.54 30.39 -23.48
CA ILE A 885 11.81 30.03 -24.68
C ILE A 885 10.56 29.22 -24.33
N PHE A 886 10.65 28.33 -23.35
CA PHE A 886 9.49 27.56 -22.92
C PHE A 886 8.45 28.44 -22.24
N LYS A 887 8.86 29.64 -21.82
CA LYS A 887 7.98 30.58 -21.15
C LYS A 887 6.87 31.08 -22.08
N GLN A 888 7.01 30.84 -23.38
CA GLN A 888 6.11 31.45 -24.35
C GLN A 888 5.47 30.39 -25.25
N TYR A 889 5.08 29.26 -24.68
CA TYR A 889 4.46 28.19 -25.51
C TYR A 889 3.07 28.62 -25.90
N MET A 890 2.24 28.96 -24.91
CA MET A 890 0.83 29.30 -25.21
C MET A 890 0.74 30.65 -25.93
N LYS A 891 1.48 31.67 -25.46
CA LYS A 891 1.33 33.03 -26.06
C LYS A 891 1.60 32.99 -27.57
N TYR A 892 2.28 31.97 -28.08
CA TYR A 892 2.63 31.89 -29.50
C TYR A 892 2.40 30.48 -30.02
N TYR A 893 1.30 29.85 -29.62
CA TYR A 893 1.04 28.49 -30.09
C TYR A 893 0.88 28.41 -31.60
N ASN A 894 0.47 29.51 -32.24
CA ASN A 894 0.29 29.55 -33.69
C ASN A 894 1.54 30.10 -34.39
N ASP A 895 2.08 31.21 -33.89
CA ASP A 895 3.27 31.79 -34.50
C ASP A 895 4.46 30.86 -34.39
N TYR A 896 4.93 30.59 -33.15
CA TYR A 896 6.05 29.67 -32.92
C TYR A 896 5.62 28.70 -31.81
N GLY A 897 4.87 27.66 -32.18
CA GLY A 897 4.51 26.68 -31.18
C GLY A 897 5.03 25.31 -31.52
N ASP A 898 5.02 24.98 -32.81
CA ASP A 898 5.46 23.65 -33.21
C ASP A 898 6.97 23.57 -33.26
N ILE A 899 7.66 24.71 -33.31
CA ILE A 899 9.10 24.70 -33.07
C ILE A 899 9.39 24.37 -31.63
N ILE A 900 8.76 25.11 -30.70
CA ILE A 900 9.05 24.94 -29.28
C ILE A 900 8.68 23.55 -28.79
N LYS A 901 7.59 22.98 -29.33
CA LYS A 901 7.23 21.62 -28.95
C LYS A 901 8.34 20.63 -29.35
N GLU A 902 8.91 20.81 -30.54
CA GLU A 902 10.00 19.94 -30.96
C GLU A 902 11.24 20.16 -30.10
N THR A 903 11.54 21.41 -29.75
CA THR A 903 12.67 21.66 -28.86
C THR A 903 12.45 20.95 -27.53
N MET A 904 11.23 20.98 -27.02
CA MET A 904 10.95 20.29 -25.73
C MET A 904 11.14 18.78 -25.94
N SER A 905 10.61 18.24 -27.02
CA SER A 905 10.70 16.81 -27.25
C SER A 905 12.15 16.35 -27.37
N LYS A 906 13.01 17.19 -27.93
CA LYS A 906 14.43 16.87 -28.02
C LYS A 906 15.18 17.13 -26.72
N THR A 907 14.76 18.14 -25.97
CA THR A 907 15.51 18.51 -24.77
C THR A 907 15.16 17.56 -23.64
N ARG A 908 14.02 16.87 -23.74
CA ARG A 908 13.69 15.81 -22.80
C ARG A 908 14.66 14.63 -22.92
N GLN A 909 15.00 14.24 -24.16
CA GLN A 909 15.82 13.06 -24.36
C GLN A 909 17.25 13.26 -23.84
N ILE A 910 17.79 14.47 -24.03
CA ILE A 910 19.18 14.73 -23.63
C ILE A 910 19.32 14.59 -22.12
N ASP A 911 18.60 15.43 -21.37
CA ASP A 911 18.63 15.39 -19.90
C ASP A 911 17.24 15.71 -19.38
N LYS A 912 16.52 14.67 -18.94
CA LYS A 912 15.16 14.87 -18.38
C LYS A 912 15.26 15.72 -17.10
N ILE A 913 16.23 15.44 -16.23
CA ILE A 913 16.32 16.16 -14.98
C ILE A 913 16.43 17.66 -15.26
N GLN A 914 17.40 18.02 -16.10
CA GLN A 914 17.62 19.44 -16.38
C GLN A 914 16.46 20.02 -17.20
N CYS A 915 15.77 19.19 -17.98
CA CYS A 915 14.57 19.66 -18.68
C CYS A 915 13.47 20.04 -17.70
N ALA A 916 13.25 19.22 -16.67
CA ALA A 916 12.29 19.56 -15.63
C ALA A 916 12.72 20.85 -14.92
N LYS A 917 14.02 20.98 -14.66
CA LYS A 917 14.51 22.22 -14.03
C LYS A 917 14.20 23.43 -14.89
N THR A 918 14.42 23.33 -16.21
CA THR A 918 14.12 24.46 -17.10
C THR A 918 12.63 24.76 -17.13
N LEU A 919 11.81 23.71 -17.20
CA LEU A 919 10.35 23.90 -17.20
C LEU A 919 9.90 24.68 -15.97
N ILE A 920 10.30 24.21 -14.79
CA ILE A 920 9.86 24.85 -13.57
C ILE A 920 10.59 26.14 -13.28
N LEU A 921 11.69 26.42 -13.96
CA LEU A 921 12.25 27.76 -13.89
C LEU A 921 11.46 28.74 -14.73
N SER A 922 10.97 28.32 -15.89
CA SER A 922 10.07 29.17 -16.67
C SER A 922 8.79 29.45 -15.90
N LEU A 923 8.23 28.42 -15.27
CA LEU A 923 7.03 28.61 -14.48
C LEU A 923 7.26 29.51 -13.27
N GLN A 924 8.48 29.56 -12.76
CA GLN A 924 8.81 30.43 -11.64
C GLN A 924 9.22 31.83 -12.06
N GLN A 925 9.54 32.03 -13.34
CA GLN A 925 9.76 33.40 -13.83
C GLN A 925 8.48 34.06 -14.28
N LEU A 926 7.50 33.32 -14.80
CA LEU A 926 6.17 33.91 -14.98
C LEU A 926 5.60 34.39 -13.64
N PHE A 927 5.70 33.57 -12.59
CA PHE A 927 5.09 33.94 -11.29
C PHE A 927 5.75 35.24 -10.83
N ASN A 928 7.07 35.27 -10.98
CA ASN A 928 7.82 36.48 -10.57
C ASN A 928 7.43 37.64 -11.49
N GLU A 929 7.07 37.37 -12.74
CA GLU A 929 6.61 38.46 -13.65
C GLU A 929 5.38 39.14 -13.04
N MET A 930 4.41 38.34 -12.60
CA MET A 930 3.20 38.91 -11.93
C MET A 930 3.64 39.66 -10.67
N ILE A 931 4.49 39.05 -9.84
CA ILE A 931 4.84 39.72 -8.56
C ILE A 931 5.52 41.06 -8.85
N GLN A 932 6.16 41.18 -10.02
CA GLN A 932 6.96 42.40 -10.36
C GLN A 932 6.08 43.63 -10.63
N GLU A 933 4.79 43.47 -10.90
CA GLU A 933 3.99 44.68 -11.06
C GLU A 933 2.57 44.53 -10.53
N ASN A 934 1.92 43.42 -10.88
CA ASN A 934 0.49 43.22 -10.62
C ASN A 934 0.17 43.45 -9.14
N GLY A 935 0.98 42.91 -8.25
CA GLY A 935 0.73 43.08 -6.84
C GLY A 935 0.56 41.75 -6.12
N TYR A 936 1.03 41.66 -4.87
CA TYR A 936 1.01 40.34 -4.19
C TYR A 936 -0.43 39.92 -3.89
N ASN A 937 -1.33 40.88 -3.66
CA ASN A 937 -2.73 40.55 -3.42
C ASN A 937 -3.47 40.36 -4.72
N PHE A 938 -2.78 39.85 -5.74
CA PHE A 938 -3.38 39.59 -7.04
C PHE A 938 -4.62 38.72 -6.89
N ASP A 939 -5.48 38.77 -7.91
CA ASP A 939 -6.81 38.17 -7.86
C ASP A 939 -6.76 36.71 -7.43
N ARG A 940 -5.73 36.00 -7.88
CA ARG A 940 -5.54 34.58 -7.56
C ARG A 940 -6.70 33.72 -8.08
N SER A 941 -7.61 34.31 -8.83
CA SER A 941 -8.74 33.58 -9.37
C SER A 941 -9.11 34.01 -10.79
N SER A 942 -8.35 34.89 -11.42
CA SER A 942 -8.72 35.39 -12.74
C SER A 942 -7.48 35.84 -13.49
N SER A 943 -7.62 35.95 -14.81
CA SER A 943 -6.64 36.51 -15.74
C SER A 943 -5.41 35.63 -15.90
N THR A 944 -4.23 36.19 -15.64
CA THR A 944 -2.98 35.56 -16.05
C THR A 944 -2.62 34.37 -15.18
N PHE A 945 -3.18 34.29 -13.97
CA PHE A 945 -3.00 33.09 -13.17
C PHE A 945 -3.66 31.89 -13.85
N SER A 946 -4.83 32.11 -14.44
CA SER A 946 -5.48 31.06 -15.21
C SER A 946 -4.62 30.62 -16.39
N GLY A 947 -3.96 31.58 -17.03
CA GLY A 947 -3.04 31.26 -18.11
C GLY A 947 -1.86 30.44 -17.65
N ILE A 948 -1.33 30.76 -16.48
CA ILE A 948 -0.22 29.97 -15.92
C ILE A 948 -0.67 28.55 -15.65
N LYS A 949 -1.86 28.38 -15.06
CA LYS A 949 -2.38 27.05 -14.81
C LYS A 949 -2.60 26.28 -16.11
N GLU A 950 -3.10 26.99 -17.14
CA GLU A 950 -3.34 26.36 -18.43
C GLU A 950 -2.03 25.91 -19.07
N LEU A 951 -0.98 26.71 -18.94
CA LEU A 951 0.35 26.31 -19.41
C LEU A 951 0.85 25.10 -18.63
N ALA A 952 0.65 25.11 -17.31
CA ALA A 952 1.15 24.03 -16.46
C ALA A 952 0.49 22.71 -16.82
N ARG A 953 -0.80 22.75 -17.18
CA ARG A 953 -1.47 21.53 -17.57
C ARG A 953 -0.77 20.85 -18.75
N ARG A 954 -0.55 21.61 -19.82
CA ARG A 954 0.13 21.07 -21.02
C ARG A 954 1.54 20.60 -20.64
N PHE A 955 2.30 21.45 -19.96
CA PHE A 955 3.68 21.08 -19.60
C PHE A 955 3.72 19.81 -18.75
N ALA A 956 2.62 19.51 -18.07
CA ALA A 956 2.55 18.25 -17.30
C ALA A 956 2.20 17.12 -18.26
N LEU A 957 1.36 17.41 -19.26
CA LEU A 957 0.96 16.39 -20.26
C LEU A 957 2.20 15.99 -21.09
N THR A 958 3.12 16.94 -21.33
CA THR A 958 4.32 16.65 -22.13
C THR A 958 5.11 15.56 -21.45
N PHE A 959 5.24 15.62 -20.13
CA PHE A 959 6.00 14.60 -19.36
C PHE A 959 5.13 13.36 -19.21
N GLY A 960 4.96 12.61 -20.31
CA GLY A 960 4.15 11.38 -20.28
C GLY A 960 4.75 10.35 -19.34
N LEU A 961 3.96 9.38 -18.88
CA LEU A 961 4.48 8.42 -17.87
C LEU A 961 5.23 7.28 -18.57
N ASP A 962 6.38 7.57 -19.18
CA ASP A 962 7.21 6.49 -19.77
C ASP A 962 7.75 5.68 -18.59
N GLN A 963 7.83 6.29 -17.40
CA GLN A 963 8.33 5.60 -16.18
C GLN A 963 9.84 5.36 -16.33
N LEU A 964 10.42 5.86 -17.41
CA LEU A 964 11.90 5.72 -17.62
C LEU A 964 12.59 6.81 -16.79
N LYS A 965 12.55 6.68 -15.47
CA LYS A 965 13.16 7.71 -14.56
C LYS A 965 12.32 9.00 -14.66
N THR A 966 11.12 8.93 -15.22
CA THR A 966 10.24 10.12 -15.23
C THR A 966 9.88 10.44 -13.80
N ARG A 967 9.96 9.44 -12.91
CA ARG A 967 9.69 9.65 -11.47
C ARG A 967 10.66 10.71 -10.89
N GLU A 968 11.95 10.57 -11.18
CA GLU A 968 12.94 11.51 -10.59
C GLU A 968 12.70 12.91 -11.16
N ALA A 969 12.48 13.00 -12.48
CA ALA A 969 12.25 14.31 -13.12
C ALA A 969 11.09 15.03 -12.42
N ILE A 970 9.95 14.35 -12.28
CA ILE A 970 8.75 15.01 -11.68
C ILE A 970 8.97 15.23 -10.17
N ALA A 971 9.71 14.34 -9.50
CA ALA A 971 10.02 14.55 -8.07
C ALA A 971 10.92 15.79 -7.91
N MET A 972 12.01 15.86 -8.67
CA MET A 972 12.93 17.01 -8.58
C MET A 972 12.16 18.27 -8.99
N LEU A 973 11.16 18.13 -9.85
CA LEU A 973 10.31 19.27 -10.27
C LEU A 973 9.51 19.77 -9.05
N HIS A 974 8.88 18.84 -8.31
CA HIS A 974 8.09 19.23 -7.11
C HIS A 974 9.04 19.83 -6.06
N LYS A 975 10.20 19.19 -5.87
CA LYS A 975 11.20 19.72 -4.90
C LYS A 975 11.45 21.20 -5.21
N ASP A 976 11.77 21.52 -6.47
CA ASP A 976 12.02 22.90 -6.85
C ASP A 976 10.80 23.78 -6.53
N GLY A 977 9.60 23.27 -6.80
CA GLY A 977 8.41 24.03 -6.49
C GLY A 977 8.27 24.30 -5.00
N ILE A 978 8.52 23.30 -4.17
CA ILE A 978 8.41 23.47 -2.72
C ILE A 978 9.43 24.47 -2.22
N GLU A 979 10.69 24.33 -2.65
CA GLU A 979 11.75 25.21 -2.20
C GLU A 979 11.52 26.65 -2.67
N PHE A 980 10.93 26.85 -3.85
CA PHE A 980 10.55 28.17 -4.29
C PHE A 980 9.35 28.73 -3.54
N ALA A 981 8.43 27.86 -3.11
CA ALA A 981 7.25 28.32 -2.38
C ALA A 981 7.63 28.81 -0.99
N PHE A 982 8.48 28.07 -0.29
CA PHE A 982 8.85 28.43 1.08
C PHE A 982 10.19 29.16 1.12
N LYS A 983 10.45 29.99 0.10
CA LYS A 983 11.75 30.64 -0.02
C LYS A 983 11.86 31.87 0.88
N GLU A 984 10.93 32.82 0.71
CA GLU A 984 11.00 34.09 1.45
C GLU A 984 9.87 34.16 2.47
N PRO A 985 10.14 33.99 3.76
CA PRO A 985 9.16 34.29 4.79
C PRO A 985 8.52 35.67 4.61
N ASN A 986 7.29 35.79 5.11
CA ASN A 986 6.54 37.07 4.99
C ASN A 986 7.00 38.07 6.03
N PRO A 987 7.13 39.37 5.70
CA PRO A 987 7.63 40.35 6.65
C PRO A 987 6.61 40.64 7.76
N GLN A 988 5.32 40.70 7.39
CA GLN A 988 4.27 41.05 8.38
C GLN A 988 4.49 40.23 9.66
N GLY A 989 4.47 38.90 9.54
CA GLY A 989 4.72 38.06 10.72
C GLY A 989 4.77 36.59 10.36
N GLU A 990 5.41 35.78 11.20
CA GLU A 990 5.49 34.32 10.95
C GLU A 990 4.20 33.64 11.40
N SER A 991 3.24 34.43 11.88
CA SER A 991 1.91 33.87 12.24
C SER A 991 1.03 33.91 11.00
N HIS A 992 1.60 34.34 9.87
CA HIS A 992 0.82 34.45 8.60
C HIS A 992 1.47 33.55 7.54
N PRO A 993 0.74 33.16 6.48
CA PRO A 993 1.27 32.28 5.46
C PRO A 993 2.61 32.68 4.89
N PRO A 994 3.45 31.72 4.46
CA PRO A 994 4.71 32.04 3.80
C PRO A 994 4.47 32.66 2.43
N LEU A 995 5.39 33.51 1.99
CA LEU A 995 5.19 34.22 0.71
C LEU A 995 5.19 33.21 -0.45
N ASN A 996 4.76 33.64 -1.63
CA ASN A 996 4.80 32.76 -2.82
C ASN A 996 4.29 31.36 -2.45
N LEU A 997 3.12 31.27 -1.84
CA LEU A 997 2.53 29.94 -1.47
C LEU A 997 1.40 29.61 -2.44
N ALA A 998 0.83 30.62 -3.10
CA ALA A 998 -0.26 30.38 -4.08
C ALA A 998 0.29 29.55 -5.23
N PHE A 999 1.61 29.49 -5.35
CA PHE A 999 2.24 28.74 -6.47
C PHE A 999 1.86 27.29 -6.33
N LEU A 1000 1.81 26.81 -5.09
CA LEU A 1000 1.51 25.36 -4.86
C LEU A 1000 0.23 25.00 -5.64
N ASP A 1001 -0.68 25.95 -5.85
CA ASP A 1001 -1.87 25.67 -6.64
C ASP A 1001 -1.50 25.30 -8.07
N ILE A 1002 -0.52 26.01 -8.65
CA ILE A 1002 0.00 25.61 -9.96
C ILE A 1002 0.70 24.26 -9.87
N LEU A 1003 1.50 24.10 -8.80
CA LEU A 1003 2.29 22.85 -8.66
C LEU A 1003 1.34 21.65 -8.60
N SER A 1004 0.06 21.89 -8.34
CA SER A 1004 -0.91 20.77 -8.17
C SER A 1004 -1.05 20.00 -9.50
N GLU A 1005 -0.97 20.69 -10.65
CA GLU A 1005 -1.19 20.03 -11.95
C GLU A 1005 -0.19 18.88 -12.15
N PHE A 1006 0.97 18.94 -11.49
CA PHE A 1006 2.01 17.91 -11.73
C PHE A 1006 1.87 16.76 -10.75
N SER A 1007 0.94 16.85 -9.80
CA SER A 1007 0.83 15.79 -8.75
C SER A 1007 0.51 14.43 -9.36
N SER A 1008 -0.45 14.36 -10.27
CA SER A 1008 -0.88 13.09 -10.84
C SER A 1008 0.27 12.30 -11.44
N LYS A 1009 1.35 12.98 -11.83
CA LYS A 1009 2.46 12.30 -12.49
C LYS A 1009 3.18 11.36 -11.54
N LEU A 1010 3.36 11.77 -10.28
CA LEU A 1010 3.92 10.88 -9.29
C LEU A 1010 2.96 9.73 -8.99
N LEU A 1011 3.52 8.61 -8.58
CA LEU A 1011 2.72 7.53 -8.03
C LEU A 1011 2.68 7.68 -6.50
N ARG A 1012 2.09 6.69 -5.84
CA ARG A 1012 1.74 6.84 -4.42
C ARG A 1012 2.96 7.04 -3.55
N GLN A 1013 4.01 6.24 -3.77
CA GLN A 1013 5.19 6.30 -2.91
C GLN A 1013 5.87 7.66 -3.02
N ASP A 1014 6.00 8.17 -4.25
CA ASP A 1014 6.59 9.49 -4.42
C ASP A 1014 5.70 10.58 -3.88
N LYS A 1015 4.38 10.39 -3.94
CA LYS A 1015 3.48 11.36 -3.31
C LYS A 1015 3.74 11.43 -1.81
N ARG A 1016 3.88 10.28 -1.17
CA ARG A 1016 4.16 10.27 0.27
C ARG A 1016 5.51 10.91 0.57
N THR A 1017 6.53 10.61 -0.24
CA THR A 1017 7.85 11.18 -0.01
C THR A 1017 7.83 12.71 -0.16
N VAL A 1018 7.14 13.21 -1.18
CA VAL A 1018 7.03 14.65 -1.35
C VAL A 1018 6.22 15.26 -0.21
N TYR A 1019 5.24 14.52 0.33
CA TYR A 1019 4.54 15.03 1.50
C TYR A 1019 5.46 15.16 2.70
N VAL A 1020 6.31 14.16 2.93
CA VAL A 1020 7.24 14.25 4.06
C VAL A 1020 8.24 15.38 3.85
N TYR A 1021 8.68 15.62 2.62
CA TYR A 1021 9.49 16.80 2.37
C TYR A 1021 8.71 18.09 2.51
N LEU A 1022 7.39 18.05 2.30
CA LEU A 1022 6.56 19.23 2.56
C LEU A 1022 6.47 19.52 4.05
N GLU A 1023 6.49 18.49 4.88
CA GLU A 1023 6.51 18.68 6.32
C GLU A 1023 7.78 19.39 6.80
N LYS A 1024 8.81 19.45 5.97
CA LYS A 1024 10.06 20.12 6.32
C LYS A 1024 9.93 21.63 6.34
N PHE A 1025 8.83 22.17 5.81
CA PHE A 1025 8.57 23.60 5.87
C PHE A 1025 7.21 23.95 6.44
N MET A 1026 6.33 22.98 6.68
CA MET A 1026 4.95 23.28 7.03
C MET A 1026 4.79 23.60 8.51
N THR A 1027 5.10 22.63 9.38
CA THR A 1027 4.91 22.79 10.85
C THR A 1027 3.46 22.50 11.20
N PHE A 1028 3.22 21.72 12.26
CA PHE A 1028 1.84 21.31 12.62
C PHE A 1028 0.91 22.52 12.74
N GLN A 1029 1.31 23.54 13.50
CA GLN A 1029 0.41 24.70 13.72
C GLN A 1029 -0.07 25.24 12.36
N MET A 1030 0.83 25.30 11.37
CA MET A 1030 0.45 25.81 10.02
C MET A 1030 -0.42 24.76 9.31
N SER A 1031 -0.21 23.47 9.60
CA SER A 1031 -1.07 22.45 9.00
C SER A 1031 -2.52 22.59 9.48
N LEU A 1032 -2.70 22.81 10.78
CA LEU A 1032 -4.05 22.98 11.33
C LEU A 1032 -4.63 24.36 11.07
N ARG A 1033 -3.84 25.29 10.53
CA ARG A 1033 -4.32 26.64 10.30
C ARG A 1033 -5.23 26.71 9.08
N ARG A 1034 -6.54 26.78 9.31
CA ARG A 1034 -7.50 26.77 8.18
C ARG A 1034 -8.05 28.20 7.94
N GLU A 1035 -7.47 28.93 7.00
CA GLU A 1035 -7.96 30.30 6.65
C GLU A 1035 -8.06 30.42 5.13
N ASP A 1036 -8.61 31.52 4.63
CA ASP A 1036 -8.72 31.75 3.16
C ASP A 1036 -7.32 31.93 2.56
N VAL A 1037 -6.42 32.60 3.28
CA VAL A 1037 -5.05 32.86 2.75
C VAL A 1037 -4.27 31.54 2.65
N TRP A 1038 -4.78 30.46 3.25
CA TRP A 1038 -4.08 29.15 3.23
C TRP A 1038 -4.75 28.20 2.23
N LEU A 1039 -5.81 28.66 1.57
CA LEU A 1039 -6.53 27.80 0.59
C LEU A 1039 -5.53 27.05 -0.32
N PRO A 1040 -4.51 27.69 -0.95
CA PRO A 1040 -3.61 26.95 -1.85
C PRO A 1040 -2.85 25.84 -1.15
N LEU A 1041 -2.45 26.04 0.10
CA LEU A 1041 -1.73 24.97 0.81
C LEU A 1041 -2.68 23.80 1.09
N MET A 1042 -3.92 24.11 1.40
CA MET A 1042 -4.90 23.02 1.61
C MET A 1042 -5.07 22.26 0.29
N SER A 1043 -5.16 22.98 -0.83
CA SER A 1043 -5.34 22.34 -2.13
C SER A 1043 -4.15 21.46 -2.48
N TYR A 1044 -2.94 21.95 -2.23
CA TYR A 1044 -1.75 21.14 -2.51
C TYR A 1044 -1.74 19.88 -1.66
N ARG A 1045 -2.04 20.02 -0.37
CA ARG A 1045 -2.04 18.84 0.50
C ARG A 1045 -3.07 17.83 0.00
N ASN A 1046 -4.28 18.28 -0.32
CA ASN A 1046 -5.28 17.35 -0.83
C ASN A 1046 -4.83 16.74 -2.16
N SER A 1047 -4.02 17.46 -2.93
CA SER A 1047 -3.48 16.91 -4.17
C SER A 1047 -2.51 15.77 -3.88
N LEU A 1048 -1.66 15.93 -2.87
CA LEU A 1048 -0.66 14.92 -2.54
C LEU A 1048 -1.24 13.75 -1.76
N LEU A 1049 -2.44 13.88 -1.21
CA LEU A 1049 -3.14 12.77 -0.57
C LEU A 1049 -3.95 11.96 -1.58
N LYS B 12 -33.15 -7.14 -23.66
CA LYS B 12 -32.43 -6.01 -24.24
C LYS B 12 -32.14 -6.23 -25.72
N ARG B 13 -33.19 -6.51 -26.49
CA ARG B 13 -33.05 -6.73 -27.92
C ARG B 13 -32.54 -5.46 -28.60
N LYS B 14 -31.32 -5.52 -29.12
CA LYS B 14 -30.66 -4.36 -29.72
C LYS B 14 -31.07 -4.20 -31.18
N LEU B 15 -32.37 -3.97 -31.38
CA LEU B 15 -32.90 -3.86 -32.73
C LEU B 15 -32.69 -2.48 -33.35
N ILE B 16 -32.29 -1.49 -32.55
CA ILE B 16 -32.06 -0.13 -33.00
C ILE B 16 -33.33 0.41 -33.66
N VAL B 17 -34.47 -0.13 -33.26
CA VAL B 17 -35.76 0.33 -33.78
C VAL B 17 -36.05 1.72 -33.26
N ASP B 18 -36.21 2.68 -34.16
CA ASP B 18 -36.50 4.06 -33.81
C ASP B 18 -37.73 4.52 -34.56
N SER B 19 -38.50 5.42 -33.95
CA SER B 19 -39.73 5.90 -34.57
C SER B 19 -39.45 6.67 -35.86
N VAL B 20 -38.32 7.37 -35.93
CA VAL B 20 -38.00 8.21 -37.08
C VAL B 20 -37.45 7.30 -38.18
N LYS B 21 -38.29 6.99 -39.17
CA LYS B 21 -37.87 6.27 -40.37
C LYS B 21 -38.20 7.04 -41.64
N GLU B 22 -38.43 8.35 -41.50
CA GLU B 22 -38.80 9.24 -42.60
C GLU B 22 -38.16 10.59 -42.37
N LEU B 23 -38.63 11.59 -43.11
CA LEU B 23 -38.18 12.96 -42.95
C LEU B 23 -39.37 13.90 -43.04
N ASP B 24 -39.25 15.02 -42.34
CA ASP B 24 -40.29 16.04 -42.34
C ASP B 24 -40.18 16.86 -43.61
N SER B 25 -41.33 17.19 -44.23
CA SER B 25 -41.30 18.03 -45.42
C SER B 25 -40.76 19.42 -45.10
N LYS B 26 -40.98 19.90 -43.88
CA LYS B 26 -40.38 21.16 -43.45
C LYS B 26 -38.86 21.09 -43.51
N THR B 27 -38.29 20.00 -42.99
CA THR B 27 -36.84 19.81 -43.05
C THR B 27 -36.37 19.62 -44.49
N ILE B 28 -37.19 18.96 -45.31
CA ILE B 28 -36.82 18.75 -46.71
C ILE B 28 -36.70 20.10 -47.43
N ARG B 29 -37.69 20.97 -47.23
CA ARG B 29 -37.60 22.29 -47.87
C ARG B 29 -36.51 23.14 -47.24
N ALA B 30 -36.25 22.97 -45.94
CA ALA B 30 -35.15 23.70 -45.31
C ALA B 30 -33.82 23.31 -45.93
N GLN B 31 -33.62 22.01 -46.18
CA GLN B 31 -32.41 21.56 -46.87
C GLN B 31 -32.39 22.07 -48.31
N LEU B 32 -33.55 22.07 -48.96
CA LEU B 32 -33.62 22.53 -50.35
C LEU B 32 -33.21 23.99 -50.48
N SER B 33 -33.57 24.82 -49.52
CA SER B 33 -33.27 26.25 -49.57
C SER B 33 -31.91 26.60 -48.98
N ASP B 34 -31.57 26.09 -47.80
CA ASP B 34 -30.34 26.43 -47.12
C ASP B 34 -29.18 25.52 -47.52
N TYR B 35 -28.72 25.67 -48.77
CA TYR B 35 -27.57 24.92 -49.26
C TYR B 35 -26.25 25.66 -49.02
N SER B 36 -26.24 26.62 -48.09
CA SER B 36 -25.04 27.39 -47.78
C SER B 36 -24.24 26.79 -46.64
N ASP B 37 -24.63 25.62 -46.13
CA ASP B 37 -23.90 24.95 -45.07
C ASP B 37 -23.14 23.73 -45.54
N ILE B 38 -23.36 23.32 -46.80
CA ILE B 38 -22.69 22.08 -47.31
C ILE B 38 -21.56 22.50 -48.27
N VAL B 39 -21.62 23.72 -48.80
CA VAL B 39 -20.55 24.24 -49.69
C VAL B 39 -19.42 24.81 -48.83
N THR B 40 -18.24 25.05 -49.42
CA THR B 40 -17.09 25.61 -48.68
C THR B 40 -16.38 26.60 -49.59
N THR B 41 -15.27 27.19 -49.12
CA THR B 41 -14.48 28.15 -49.93
C THR B 41 -13.44 27.41 -50.73
N LEU B 42 -12.41 28.11 -51.23
CA LEU B 42 -11.38 27.48 -52.10
C LEU B 42 -10.04 27.41 -51.36
N ASP B 43 -9.42 26.23 -51.30
CA ASP B 43 -8.07 26.12 -50.70
C ASP B 43 -7.05 26.34 -51.81
N LEU B 44 -6.38 27.49 -51.81
CA LEU B 44 -5.40 27.84 -52.88
C LEU B 44 -4.01 27.33 -52.50
N ALA B 45 -3.15 27.10 -53.49
CA ALA B 45 -1.76 26.66 -53.23
C ALA B 45 -0.85 27.90 -53.25
N PRO B 46 0.44 27.82 -52.82
CA PRO B 46 1.29 29.00 -52.78
C PRO B 46 1.07 29.93 -53.97
N PRO B 47 0.79 31.22 -53.73
CA PRO B 47 0.56 32.17 -54.81
C PRO B 47 1.83 32.76 -55.42
N THR B 48 2.97 32.58 -54.74
CA THR B 48 4.25 33.08 -55.27
C THR B 48 5.34 32.05 -55.06
N LYS B 49 6.52 32.27 -55.63
CA LYS B 49 7.65 31.31 -55.51
C LYS B 49 8.17 31.29 -54.07
N LYS B 50 8.37 32.46 -53.47
CA LYS B 50 8.90 32.51 -52.11
C LYS B 50 8.05 31.69 -51.15
N LEU B 51 6.72 31.76 -51.28
CA LEU B 51 5.87 30.95 -50.42
C LEU B 51 5.97 29.48 -50.76
N MET B 52 6.20 29.17 -52.04
CA MET B 52 6.41 27.75 -52.43
C MET B 52 7.68 27.25 -51.72
N MET B 53 8.74 28.06 -51.74
CA MET B 53 10.02 27.67 -51.08
C MET B 53 9.75 27.47 -49.60
N TRP B 54 9.12 28.46 -48.96
CA TRP B 54 8.87 28.37 -47.53
C TRP B 54 7.93 27.23 -47.15
N LYS B 55 7.11 26.75 -48.07
CA LYS B 55 6.39 25.51 -47.82
C LYS B 55 7.28 24.30 -48.01
N GLU B 56 8.31 24.42 -48.85
CA GLU B 56 9.27 23.34 -49.00
C GLU B 56 10.13 23.20 -47.75
N THR B 57 10.67 24.30 -47.24
CA THR B 57 11.64 24.26 -46.15
C THR B 57 11.07 24.71 -44.81
N GLY B 58 9.81 25.16 -44.76
CA GLY B 58 9.29 25.69 -43.52
C GLY B 58 8.96 24.62 -42.49
N GLY B 59 8.80 23.38 -42.92
CA GLY B 59 8.56 22.28 -42.01
C GLY B 59 9.67 22.17 -41.00
N VAL B 60 9.32 21.93 -39.73
CA VAL B 60 10.33 21.97 -38.66
C VAL B 60 11.38 20.90 -38.84
N GLU B 61 11.03 19.78 -39.47
CA GLU B 61 12.02 18.73 -39.72
C GLU B 61 13.14 19.27 -40.59
N LYS B 62 12.79 20.08 -41.60
CA LYS B 62 13.82 20.71 -42.42
C LYS B 62 14.44 21.90 -41.70
N LEU B 63 13.66 22.59 -40.86
CA LEU B 63 14.19 23.72 -40.08
C LEU B 63 15.28 23.28 -39.12
N PHE B 64 15.26 22.03 -38.68
CA PHE B 64 16.25 21.51 -37.74
C PHE B 64 17.28 20.63 -38.42
N SER B 65 17.33 20.66 -39.76
CA SER B 65 18.31 19.86 -40.49
C SER B 65 18.95 20.63 -41.64
N LEU B 66 18.96 21.96 -41.58
CA LEU B 66 19.49 22.79 -42.64
C LEU B 66 20.15 24.01 -42.02
N PRO B 67 21.11 24.60 -42.70
CA PRO B 67 21.74 25.82 -42.19
C PRO B 67 20.78 27.02 -42.24
N ALA B 68 21.05 27.98 -41.38
CA ALA B 68 20.28 29.22 -41.38
C ALA B 68 20.71 30.12 -42.53
N GLN B 69 22.00 30.41 -42.63
CA GLN B 69 22.53 31.07 -43.81
C GLN B 69 22.60 30.05 -44.93
N PRO B 70 21.89 30.24 -46.05
CA PRO B 70 21.79 29.18 -47.05
C PRO B 70 23.13 28.88 -47.69
N LEU B 71 23.54 27.62 -47.61
CA LEU B 71 24.76 27.14 -48.26
C LEU B 71 24.36 26.17 -49.36
N TRP B 72 24.77 26.47 -50.58
CA TRP B 72 24.29 25.76 -51.76
C TRP B 72 25.15 24.55 -52.12
N ASN B 73 26.46 24.65 -51.95
CA ASN B 73 27.33 23.56 -52.33
C ASN B 73 27.19 22.40 -51.35
N ASN B 74 27.15 21.18 -51.90
CA ASN B 74 26.99 20.01 -51.05
C ASN B 74 28.20 19.81 -50.14
N ARG B 75 29.37 20.30 -50.55
CA ARG B 75 30.53 20.25 -49.67
C ARG B 75 30.28 20.97 -48.35
N LEU B 76 29.84 22.22 -48.44
CA LEU B 76 29.60 23.01 -47.23
C LEU B 76 28.36 22.52 -46.49
N LEU B 77 27.35 22.02 -47.22
CA LEU B 77 26.21 21.40 -46.56
C LEU B 77 26.63 20.20 -45.73
N LYS B 78 27.57 19.39 -46.24
CA LYS B 78 28.09 18.28 -45.45
C LYS B 78 28.89 18.80 -44.26
N LEU B 79 29.66 19.85 -44.48
CA LEU B 79 30.46 20.46 -43.39
C LEU B 79 29.53 20.82 -42.23
N PHE B 80 28.33 21.32 -42.54
CA PHE B 80 27.38 21.63 -41.48
C PHE B 80 26.69 20.39 -40.93
N THR B 81 26.03 19.62 -41.80
CA THR B 81 25.14 18.54 -41.39
C THR B 81 25.87 17.35 -40.77
N ARG B 82 27.18 17.20 -40.97
CA ARG B 82 27.89 16.15 -40.27
C ARG B 82 27.96 16.42 -38.77
N CYS B 83 27.69 17.66 -38.35
CA CYS B 83 27.63 18.00 -36.94
C CYS B 83 26.26 17.70 -36.33
N LEU B 84 25.30 17.29 -37.15
CA LEU B 84 23.99 16.84 -36.67
C LEU B 84 24.13 15.41 -36.20
N THR B 85 24.18 15.21 -34.88
CA THR B 85 24.26 13.86 -34.34
C THR B 85 22.87 13.25 -34.27
N PRO B 86 22.75 12.10 -33.62
CA PRO B 86 21.47 11.40 -33.51
C PRO B 86 20.45 12.23 -32.73
N ASN B 103 16.22 5.04 -7.24
CA ASN B 103 15.20 6.11 -7.48
C ASN B 103 15.14 7.03 -6.27
N LEU B 104 14.70 8.27 -6.47
CA LEU B 104 14.54 9.24 -5.35
C LEU B 104 15.85 9.30 -4.54
N ASP B 105 16.92 8.70 -5.06
CA ASP B 105 18.22 8.67 -4.34
C ASP B 105 18.72 10.11 -4.19
N GLU B 106 18.67 10.89 -5.27
CA GLU B 106 19.13 12.31 -5.23
C GLU B 106 18.21 13.12 -4.30
N PHE B 107 16.90 12.82 -4.29
CA PHE B 107 15.96 13.52 -3.38
C PHE B 107 16.25 13.14 -1.94
N LEU B 108 16.58 11.86 -1.70
CA LEU B 108 16.81 11.38 -0.31
C LEU B 108 18.09 12.00 0.24
N LYS B 109 18.93 12.56 -0.64
CA LYS B 109 20.14 13.28 -0.16
C LYS B 109 19.72 14.50 0.67
N GLU B 110 18.63 15.17 0.27
CA GLU B 110 18.20 16.42 0.97
C GLU B 110 17.60 16.06 2.33
N PHE B 111 17.13 14.82 2.50
CA PHE B 111 16.48 14.41 3.78
C PHE B 111 17.48 14.52 4.93
N GLU B 112 16.98 14.60 6.18
CA GLU B 112 17.85 14.80 7.37
C GLU B 112 18.54 13.50 7.78
N ASN B 113 19.57 13.58 8.64
CA ASN B 113 20.30 12.40 9.06
C ASN B 113 19.41 11.53 9.95
N PRO B 114 19.69 10.23 10.00
CA PRO B 114 18.83 9.32 10.77
C PRO B 114 18.82 9.66 12.26
N GLU B 115 17.70 9.34 12.89
CA GLU B 115 17.49 9.59 14.31
C GLU B 115 18.03 8.40 15.11
N VAL B 116 17.73 8.43 16.43
CA VAL B 116 18.20 7.37 17.36
C VAL B 116 17.00 6.82 18.14
N PRO B 117 16.91 5.53 18.53
CA PRO B 117 15.71 5.03 19.18
C PRO B 117 15.58 5.40 20.65
N ARG B 118 14.35 5.35 21.16
CA ARG B 118 14.13 5.74 22.58
C ARG B 118 14.01 4.45 23.40
N GLU B 119 14.92 3.49 23.18
CA GLU B 119 14.93 2.22 23.95
C GLU B 119 16.35 2.00 24.50
N ASP B 120 16.45 1.47 25.72
CA ASP B 120 17.79 1.29 26.37
C ASP B 120 18.67 0.34 25.57
N GLN B 121 18.12 -0.78 25.13
CA GLN B 121 18.90 -1.80 24.38
C GLN B 121 20.10 -2.24 25.26
N GLN B 122 19.82 -2.57 26.53
CA GLN B 122 20.88 -3.00 27.46
C GLN B 122 20.36 -4.16 28.33
N GLU B 137 7.51 -7.85 51.11
CA GLU B 137 7.39 -6.92 52.22
C GLU B 137 8.43 -7.26 53.29
N GLU B 138 8.95 -6.23 53.95
CA GLU B 138 9.94 -6.43 54.99
C GLU B 138 9.30 -7.21 56.15
N PRO B 139 9.93 -8.28 56.61
CA PRO B 139 9.36 -9.05 57.73
C PRO B 139 9.23 -8.17 58.98
N SER B 140 8.07 -8.29 59.64
CA SER B 140 7.74 -7.44 60.76
C SER B 140 8.42 -7.94 62.04
N ARG B 141 8.33 -7.12 63.08
CA ARG B 141 8.92 -7.43 64.38
C ARG B 141 7.82 -7.97 65.28
N LEU B 142 7.73 -9.29 65.40
CA LEU B 142 6.77 -9.90 66.30
C LEU B 142 7.12 -9.58 67.75
N GLN B 143 6.09 -9.37 68.56
CA GLN B 143 6.31 -9.16 69.99
C GLN B 143 6.98 -10.37 70.59
N GLU B 144 8.01 -10.14 71.39
CA GLU B 144 8.74 -11.23 72.01
C GLU B 144 7.82 -12.03 72.92
N SER B 145 8.05 -13.35 72.97
CA SER B 145 7.26 -14.23 73.82
C SER B 145 7.27 -13.74 75.25
N VAL B 146 6.10 -13.33 75.76
CA VAL B 146 6.02 -12.72 77.08
C VAL B 146 5.80 -13.80 78.13
N MET B 147 6.77 -13.95 79.03
CA MET B 147 6.70 -14.89 80.15
C MET B 147 6.39 -16.30 79.66
N GLU B 148 7.04 -16.69 78.56
CA GLU B 148 6.86 -18.01 77.99
C GLU B 148 8.20 -18.69 77.74
N TRP C 631 35.78 -31.71 99.28
CA TRP C 631 35.40 -33.11 99.50
C TRP C 631 35.99 -33.99 98.42
N ASP C 632 35.53 -35.24 98.35
CA ASP C 632 36.03 -36.16 97.36
C ASP C 632 35.67 -35.69 95.96
N PRO C 633 36.62 -35.69 95.01
CA PRO C 633 36.33 -35.12 93.68
C PRO C 633 35.23 -35.85 92.92
N GLU C 634 34.96 -37.11 93.24
CA GLU C 634 33.89 -37.83 92.56
C GLU C 634 32.54 -37.15 92.78
N THR C 635 32.28 -36.73 94.04
CA THR C 635 31.05 -36.00 94.32
C THR C 635 31.06 -34.65 93.60
N LEU C 636 32.21 -33.99 93.56
CA LEU C 636 32.32 -32.71 92.89
C LEU C 636 31.99 -32.80 91.41
N ALA C 637 32.38 -33.90 90.76
CA ALA C 637 32.08 -34.09 89.34
C ALA C 637 30.58 -34.10 89.11
N LEU C 638 29.86 -34.92 89.87
CA LEU C 638 28.42 -35.01 89.71
C LEU C 638 27.74 -33.68 90.05
N LEU C 639 28.22 -33.00 91.09
CA LEU C 639 27.62 -31.73 91.47
C LEU C 639 27.78 -30.69 90.37
N LEU C 640 29.00 -30.57 89.82
CA LEU C 640 29.26 -29.60 88.77
C LEU C 640 28.53 -29.97 87.49
N ARG C 641 28.25 -31.26 87.27
CA ARG C 641 27.47 -31.67 86.11
C ARG C 641 25.99 -31.31 86.28
N GLU C 642 25.46 -31.53 87.47
CA GLU C 642 24.07 -31.09 87.70
C GLU C 642 24.03 -29.58 87.54
N GLU C 643 25.12 -28.90 87.92
CA GLU C 643 25.14 -27.42 87.87
C GLU C 643 24.81 -26.96 86.44
N LEU C 644 25.51 -27.52 85.46
CA LEU C 644 25.30 -27.10 84.05
C LEU C 644 23.87 -27.45 83.63
N GLN C 645 23.45 -28.70 83.83
CA GLN C 645 22.11 -29.13 83.36
C GLN C 645 21.06 -28.07 83.76
N ALA C 646 21.10 -27.64 85.02
CA ALA C 646 20.13 -26.62 85.50
C ALA C 646 20.40 -25.30 84.80
N TYR C 647 21.68 -24.93 84.66
CA TYR C 647 22.04 -23.68 83.94
C TYR C 647 21.53 -23.80 82.52
N LYS C 648 21.58 -25.01 81.96
CA LYS C 648 21.08 -25.23 80.58
C LYS C 648 19.56 -25.06 80.60
N ALA C 649 18.91 -25.61 81.63
CA ALA C 649 17.45 -25.53 81.67
C ALA C 649 16.96 -24.09 81.58
N VAL C 650 17.59 -23.18 82.32
CA VAL C 650 17.07 -21.83 82.46
C VAL C 650 17.25 -21.05 81.16
N ARG C 651 16.39 -20.04 80.97
CA ARG C 651 16.50 -19.13 79.83
C ARG C 651 17.55 -18.06 80.14
N ALA C 652 17.58 -17.00 79.33
CA ALA C 652 18.55 -15.91 79.43
C ALA C 652 19.95 -16.41 79.14
N ASP C 653 20.93 -15.51 79.18
CA ASP C 653 22.30 -15.88 78.82
C ASP C 653 22.88 -16.84 79.85
N THR C 654 23.60 -17.85 79.34
CA THR C 654 24.27 -18.83 80.20
C THR C 654 25.70 -19.11 79.72
N GLY C 655 26.32 -18.18 79.01
CA GLY C 655 27.60 -18.42 78.37
C GLY C 655 28.78 -18.56 79.33
N GLN C 656 29.13 -17.47 80.00
CA GLN C 656 30.32 -17.43 80.85
C GLN C 656 30.25 -18.46 81.96
N GLU C 657 29.05 -18.65 82.52
CA GLU C 657 28.86 -19.64 83.57
C GLU C 657 29.30 -21.03 83.11
N ARG C 658 28.64 -21.54 82.07
CA ARG C 658 28.98 -22.87 81.56
C ARG C 658 30.42 -22.92 81.08
N PHE C 659 30.92 -21.84 80.48
CA PHE C 659 32.31 -21.82 80.04
C PHE C 659 33.26 -22.10 81.21
N ASN C 660 33.13 -21.33 82.29
CA ASN C 660 34.05 -21.47 83.41
C ASN C 660 33.90 -22.83 84.09
N ILE C 661 32.64 -23.25 84.24
CA ILE C 661 32.35 -24.52 84.97
C ILE C 661 32.81 -25.74 84.14
N ILE C 662 32.64 -25.70 82.82
CA ILE C 662 33.14 -26.83 81.98
C ILE C 662 34.68 -26.85 82.06
N CYS C 663 35.33 -25.67 82.05
CA CYS C 663 36.81 -25.61 82.17
C CYS C 663 37.20 -26.25 83.50
N ASP C 664 36.48 -25.94 84.58
CA ASP C 664 36.74 -26.55 85.88
C ASP C 664 36.86 -28.07 85.75
N LEU C 665 35.89 -28.71 85.09
CA LEU C 665 35.96 -30.15 84.92
C LEU C 665 37.05 -30.55 83.94
N LEU C 666 37.36 -29.70 82.97
CA LEU C 666 38.43 -29.99 82.02
C LEU C 666 39.75 -30.14 82.74
N GLU C 667 40.04 -29.24 83.67
CA GLU C 667 41.28 -29.34 84.44
C GLU C 667 41.15 -30.25 85.66
N LEU C 668 39.94 -30.62 86.05
CA LEU C 668 39.71 -31.38 87.27
C LEU C 668 39.86 -32.89 87.08
N SER C 669 40.01 -33.36 85.83
CA SER C 669 40.07 -34.80 85.59
C SER C 669 41.34 -35.18 84.86
N PRO C 670 41.93 -36.34 85.17
CA PRO C 670 43.06 -36.85 84.39
C PRO C 670 42.59 -37.48 83.08
N GLU C 671 43.51 -38.08 82.33
CA GLU C 671 43.14 -38.63 81.03
C GLU C 671 43.66 -40.05 80.81
N GLU C 672 44.70 -40.44 81.56
CA GLU C 672 45.32 -41.75 81.33
C GLU C 672 44.34 -42.89 81.62
N THR C 673 43.58 -42.78 82.71
CA THR C 673 42.63 -43.81 83.06
C THR C 673 41.50 -43.85 82.02
N PRO C 674 40.90 -45.03 81.81
CA PRO C 674 39.77 -45.10 80.85
C PRO C 674 38.62 -44.16 81.20
N ALA C 675 38.34 -43.98 82.48
CA ALA C 675 37.28 -43.05 82.88
C ALA C 675 37.68 -41.61 82.60
N GLY C 676 38.97 -41.29 82.74
CA GLY C 676 39.41 -39.92 82.55
C GLY C 676 39.22 -39.43 81.12
N ALA C 677 39.57 -40.27 80.15
CA ALA C 677 39.41 -39.88 78.75
C ALA C 677 37.93 -39.70 78.40
N TRP C 678 37.08 -40.59 78.89
CA TRP C 678 35.64 -40.49 78.72
C TRP C 678 35.10 -39.17 79.27
N ALA C 679 35.49 -38.85 80.51
CA ALA C 679 35.04 -37.62 81.13
C ALA C 679 35.55 -36.40 80.36
N ARG C 680 36.80 -36.45 79.90
CA ARG C 680 37.33 -35.34 79.12
C ARG C 680 36.59 -35.19 77.80
N ALA C 681 36.20 -36.30 77.18
CA ALA C 681 35.43 -36.22 75.93
C ALA C 681 34.07 -35.59 76.17
N THR C 682 33.41 -35.95 77.27
CA THR C 682 32.14 -35.30 77.60
C THR C 682 32.34 -33.82 77.86
N HIS C 683 33.40 -33.47 78.59
CA HIS C 683 33.70 -32.06 78.84
C HIS C 683 34.03 -31.33 77.55
N LEU C 684 34.60 -32.04 76.58
CA LEU C 684 34.94 -31.40 75.32
C LEU C 684 33.70 -31.19 74.47
N VAL C 685 32.73 -32.11 74.54
CA VAL C 685 31.49 -31.92 73.76
C VAL C 685 30.65 -30.80 74.35
N GLU C 686 30.68 -30.64 75.68
CA GLU C 686 29.96 -29.50 76.30
C GLU C 686 30.70 -28.20 75.93
N LEU C 687 32.04 -28.25 75.87
CA LEU C 687 32.79 -27.07 75.44
C LEU C 687 32.49 -26.72 73.98
N ALA C 688 32.37 -27.73 73.12
CA ALA C 688 32.00 -27.49 71.73
C ALA C 688 30.61 -26.90 71.63
N GLN C 689 29.70 -27.37 72.48
CA GLN C 689 28.31 -26.85 72.47
C GLN C 689 28.35 -25.33 72.70
N VAL C 690 29.18 -24.88 73.63
CA VAL C 690 29.27 -23.42 73.94
C VAL C 690 30.02 -22.71 72.79
N LEU C 691 31.19 -23.21 72.41
CA LEU C 691 32.00 -22.54 71.37
C LEU C 691 31.27 -22.57 70.02
N CYS C 692 30.15 -23.30 69.93
CA CYS C 692 29.47 -23.41 68.65
C CYS C 692 28.47 -22.29 68.40
N TYR C 693 28.15 -21.52 69.45
CA TYR C 693 27.13 -20.45 69.29
C TYR C 693 27.53 -19.28 70.17
N HIS C 694 28.77 -19.28 70.68
CA HIS C 694 29.28 -18.16 71.52
C HIS C 694 30.75 -17.92 71.16
N ASP C 695 31.18 -16.65 71.18
CA ASP C 695 32.58 -16.31 70.80
C ASP C 695 33.43 -16.16 72.06
N PHE C 696 34.18 -17.20 72.43
CA PHE C 696 35.08 -17.13 73.62
C PHE C 696 36.47 -17.61 73.23
N THR C 697 36.69 -17.92 71.94
CA THR C 697 37.99 -18.46 71.49
C THR C 697 39.14 -17.75 72.19
N GLN C 698 39.22 -16.43 72.04
CA GLN C 698 40.35 -15.66 72.64
C GLN C 698 40.56 -16.08 74.09
N GLN C 699 39.49 -16.50 74.78
CA GLN C 699 39.59 -16.88 76.21
C GLN C 699 39.63 -18.41 76.34
N THR C 700 39.38 -19.15 75.25
CA THR C 700 39.35 -20.62 75.31
C THR C 700 40.53 -21.19 74.56
N ASN C 701 41.01 -20.47 73.54
CA ASN C 701 42.17 -20.94 72.72
C ASN C 701 41.83 -22.29 72.08
N CYS C 702 40.58 -22.47 71.65
CA CYS C 702 40.17 -23.73 70.98
C CYS C 702 39.03 -23.42 69.99
N SER C 703 38.89 -24.22 68.92
CA SER C 703 37.75 -23.99 68.00
C SER C 703 36.75 -25.15 68.10
N ALA C 704 35.50 -24.90 67.76
CA ALA C 704 34.45 -25.91 67.93
C ALA C 704 34.83 -27.23 67.27
N LEU C 705 35.24 -27.17 65.99
CA LEU C 705 35.54 -28.40 65.27
C LEU C 705 36.75 -29.12 65.86
N ASP C 706 37.79 -28.39 66.27
CA ASP C 706 38.94 -29.04 66.88
C ASP C 706 38.54 -29.75 68.17
N ALA C 707 37.75 -29.07 68.99
CA ALA C 707 37.30 -29.65 70.26
C ALA C 707 36.48 -30.91 70.03
N ILE C 708 35.54 -30.86 69.09
CA ILE C 708 34.68 -32.01 68.86
C ILE C 708 35.45 -33.15 68.21
N ARG C 709 36.45 -32.84 67.37
CA ARG C 709 37.26 -33.89 66.77
C ARG C 709 38.09 -34.61 67.84
N GLU C 710 38.67 -33.85 68.77
CA GLU C 710 39.40 -34.47 69.87
C GLU C 710 38.46 -35.33 70.71
N ALA C 711 37.24 -34.84 70.97
CA ALA C 711 36.27 -35.61 71.72
C ALA C 711 35.94 -36.91 71.01
N LEU C 712 35.77 -36.87 69.69
CA LEU C 712 35.46 -38.08 68.94
C LEU C 712 36.61 -39.08 69.00
N GLN C 713 37.85 -38.61 68.86
CA GLN C 713 38.99 -39.52 68.95
C GLN C 713 39.05 -40.19 70.31
N LEU C 714 38.90 -39.39 71.37
CA LEU C 714 38.92 -39.95 72.72
C LEU C 714 37.78 -40.96 72.90
N LEU C 715 36.59 -40.62 72.42
CA LEU C 715 35.44 -41.50 72.58
C LEU C 715 35.67 -42.83 71.86
N ASP C 716 36.24 -42.79 70.66
CA ASP C 716 36.56 -44.04 69.98
C ASP C 716 37.78 -44.72 70.60
N SER C 717 38.41 -44.11 71.60
CA SER C 717 39.43 -44.81 72.36
C SER C 717 38.95 -45.18 73.77
N VAL C 718 37.71 -45.64 73.89
CA VAL C 718 37.12 -45.98 75.19
C VAL C 718 36.47 -47.36 75.11
N ARG C 719 36.68 -48.18 76.13
CA ARG C 719 36.04 -49.48 76.27
C ARG C 719 35.15 -49.49 77.51
N PRO C 720 33.86 -49.81 77.38
CA PRO C 720 32.95 -49.68 78.53
C PRO C 720 33.10 -50.79 79.56
N GLU C 721 32.21 -50.77 80.55
CA GLU C 721 32.17 -51.74 81.64
C GLU C 721 31.01 -52.71 81.48
N ALA C 722 30.45 -52.81 80.28
CA ALA C 722 29.35 -53.71 79.92
C ALA C 722 28.05 -53.32 80.60
N GLN C 723 28.09 -52.30 81.45
CA GLN C 723 26.90 -51.75 82.10
C GLN C 723 26.74 -50.27 81.81
N ALA C 724 27.79 -49.60 81.34
CA ALA C 724 27.72 -48.21 80.91
C ALA C 724 27.80 -48.10 79.39
N ARG C 725 27.40 -49.15 78.67
CA ARG C 725 27.38 -49.09 77.21
C ARG C 725 26.41 -48.02 76.71
N ASP C 726 25.25 -47.92 77.35
CA ASP C 726 24.23 -46.98 76.89
C ASP C 726 24.71 -45.54 77.00
N GLN C 727 25.44 -45.21 78.08
CA GLN C 727 25.89 -43.83 78.24
C GLN C 727 26.93 -43.48 77.20
N LEU C 728 27.82 -44.43 76.86
CA LEU C 728 28.75 -44.19 75.76
C LEU C 728 28.02 -44.01 74.45
N LEU C 729 26.97 -44.80 74.22
CA LEU C 729 26.15 -44.64 73.01
C LEU C 729 25.59 -43.22 72.94
N ASP C 730 25.00 -42.76 74.04
CA ASP C 730 24.40 -41.41 74.04
C ASP C 730 25.45 -40.33 73.84
N ASP C 731 26.62 -40.48 74.50
CA ASP C 731 27.67 -39.48 74.35
C ASP C 731 28.18 -39.41 72.93
N LYS C 732 28.40 -40.57 72.30
CA LYS C 732 28.83 -40.58 70.90
C LYS C 732 27.77 -39.97 69.99
N ALA C 733 26.50 -40.28 70.24
CA ALA C 733 25.43 -39.73 69.41
C ALA C 733 25.39 -38.21 69.51
N GLN C 734 25.49 -37.69 70.74
CA GLN C 734 25.49 -36.24 70.91
C GLN C 734 26.73 -35.58 70.31
N ALA C 735 27.89 -36.25 70.41
CA ALA C 735 29.10 -35.70 69.83
C ALA C 735 28.98 -35.60 68.31
N LEU C 736 28.47 -36.65 67.67
CA LEU C 736 28.26 -36.59 66.22
C LEU C 736 27.24 -35.52 65.86
N LEU C 737 26.16 -35.41 66.65
CA LEU C 737 25.15 -34.40 66.38
C LEU C 737 25.74 -33.00 66.42
N TRP C 738 26.55 -32.72 67.43
CA TRP C 738 27.11 -31.37 67.53
C TRP C 738 28.25 -31.13 66.56
N LEU C 739 28.95 -32.18 66.12
CA LEU C 739 29.83 -32.02 64.97
C LEU C 739 29.03 -31.54 63.76
N TYR C 740 27.89 -32.17 63.49
CA TYR C 740 27.09 -31.74 62.36
C TYR C 740 26.60 -30.31 62.54
N ILE C 741 26.15 -29.96 63.75
CA ILE C 741 25.64 -28.61 63.98
C ILE C 741 26.73 -27.57 63.80
N CYS C 742 27.93 -27.82 64.34
CA CYS C 742 29.02 -26.87 64.19
C CYS C 742 29.54 -26.78 62.77
N THR C 743 29.61 -27.89 62.03
CA THR C 743 29.98 -27.82 60.63
C THR C 743 28.96 -27.02 59.83
N LEU C 744 27.67 -27.22 60.12
CA LEU C 744 26.63 -26.47 59.43
C LEU C 744 26.70 -24.98 59.77
N GLU C 745 27.01 -24.65 61.02
CA GLU C 745 27.15 -23.24 61.40
C GLU C 745 28.35 -22.61 60.72
N ALA C 746 29.45 -23.36 60.60
CA ALA C 746 30.60 -22.85 59.84
C ALA C 746 30.23 -22.63 58.38
N LYS C 747 29.47 -23.56 57.81
CA LYS C 747 29.00 -23.40 56.44
C LYS C 747 28.16 -22.13 56.30
N MET C 748 27.24 -21.91 57.23
CA MET C 748 26.38 -20.74 57.17
C MET C 748 27.19 -19.45 57.31
N GLN C 749 28.15 -19.43 58.24
CA GLN C 749 28.96 -18.23 58.42
C GLN C 749 29.80 -17.93 57.18
N GLU C 750 30.40 -18.96 56.57
CA GLU C 750 31.21 -18.69 55.38
C GLU C 750 30.33 -18.36 54.17
N GLY C 751 29.09 -18.87 54.14
CA GLY C 751 28.18 -18.45 53.10
C GLY C 751 27.75 -17.01 53.25
N ILE C 752 27.51 -16.58 54.49
CA ILE C 752 27.22 -15.17 54.75
C ILE C 752 28.40 -14.31 54.34
N GLU C 753 29.62 -14.76 54.64
CA GLU C 753 30.81 -14.03 54.22
C GLU C 753 30.92 -13.99 52.70
N ARG C 754 30.56 -15.08 52.01
CA ARG C 754 30.59 -15.11 50.56
C ARG C 754 29.64 -14.09 49.97
N ASP C 755 28.40 -14.04 50.49
CA ASP C 755 27.47 -13.01 50.05
C ASP C 755 27.98 -11.61 50.42
N ARG C 756 28.76 -11.50 51.50
CA ARG C 756 29.38 -10.22 51.82
C ARG C 756 30.40 -9.82 50.76
N ARG C 757 31.20 -10.77 50.29
CA ARG C 757 32.16 -10.48 49.22
C ARG C 757 31.43 -10.04 47.96
N ALA C 758 30.40 -10.80 47.57
CA ALA C 758 29.69 -10.56 46.32
C ALA C 758 28.36 -9.87 46.61
N GLN C 759 28.37 -8.54 46.53
CA GLN C 759 27.14 -7.75 46.70
C GLN C 759 27.33 -6.34 46.18
N PHE C 783 25.57 -15.35 40.03
CA PHE C 783 25.02 -16.23 41.09
C PHE C 783 24.15 -17.31 40.43
N LEU C 784 23.94 -18.44 41.12
CA LEU C 784 23.18 -19.59 40.58
C LEU C 784 24.18 -20.47 39.81
N TYR C 785 25.47 -20.13 39.90
CA TYR C 785 26.53 -20.97 39.29
C TYR C 785 27.16 -21.74 40.44
N SER C 786 26.92 -21.25 41.66
CA SER C 786 27.43 -21.93 42.88
C SER C 786 26.46 -23.05 43.28
N ASN C 787 25.33 -23.17 42.56
CA ASN C 787 24.33 -24.23 42.87
C ASN C 787 25.05 -25.58 42.86
N ILE C 788 26.04 -25.74 41.97
CA ILE C 788 26.82 -27.02 41.91
C ILE C 788 28.22 -26.77 42.49
N ALA C 789 28.61 -25.50 42.66
CA ALA C 789 29.93 -25.17 43.23
C ALA C 789 30.01 -25.72 44.66
N PHE C 790 28.87 -26.01 45.28
CA PHE C 790 28.89 -26.64 46.63
C PHE C 790 29.94 -27.74 46.59
N ASN C 791 30.84 -27.79 47.57
CA ASN C 791 31.94 -28.78 47.49
C ASN C 791 31.35 -30.12 47.02
N LEU C 792 30.12 -30.42 47.44
CA LEU C 792 29.41 -31.64 46.99
C LEU C 792 30.28 -32.87 47.30
N ALA C 793 31.19 -32.72 48.26
CA ALA C 793 32.07 -33.85 48.64
C ALA C 793 31.99 -34.06 50.15
N ALA C 794 31.49 -33.05 50.86
CA ALA C 794 31.31 -33.18 52.32
C ALA C 794 29.90 -33.66 52.59
N ASP C 795 29.01 -33.50 51.60
CA ASP C 795 27.58 -33.85 51.80
C ASP C 795 27.47 -35.37 51.99
N ALA C 796 28.55 -36.08 51.70
CA ALA C 796 28.53 -37.55 51.84
C ALA C 796 29.10 -37.90 53.20
N ALA C 797 29.84 -36.98 53.84
CA ALA C 797 30.26 -37.30 55.19
C ALA C 797 29.35 -36.65 56.23
N GLN C 798 28.90 -35.42 55.95
CA GLN C 798 28.07 -34.70 56.91
C GLN C 798 26.74 -35.41 57.14
N SER C 799 26.16 -35.97 56.09
CA SER C 799 24.95 -36.76 56.24
C SER C 799 25.21 -38.03 57.04
N LYS C 800 26.36 -38.67 56.82
CA LYS C 800 26.69 -39.86 57.57
C LYS C 800 26.84 -39.57 59.06
N CYS C 801 27.27 -38.35 59.41
CA CYS C 801 27.29 -37.97 60.82
C CYS C 801 25.92 -38.14 61.46
N LEU C 802 24.90 -37.55 60.84
CA LEU C 802 23.54 -37.65 61.38
C LEU C 802 23.01 -39.07 61.30
N ASP C 803 23.36 -39.81 60.25
CA ASP C 803 22.90 -41.20 60.14
C ASP C 803 23.44 -42.04 61.29
N GLN C 804 24.73 -41.87 61.61
CA GLN C 804 25.30 -42.62 62.73
C GLN C 804 24.74 -42.16 64.06
N ALA C 805 24.47 -40.87 64.21
CA ALA C 805 23.83 -40.39 65.44
C ALA C 805 22.46 -41.04 65.63
N LEU C 806 21.67 -41.10 64.56
CA LEU C 806 20.37 -41.76 64.63
C LEU C 806 20.52 -43.24 64.93
N ALA C 807 21.51 -43.90 64.32
CA ALA C 807 21.70 -45.33 64.58
C ALA C 807 22.00 -45.58 66.05
N LEU C 808 22.90 -44.78 66.63
CA LEU C 808 23.24 -44.95 68.04
C LEU C 808 22.02 -44.69 68.93
N TRP C 809 21.28 -43.62 68.66
CA TRP C 809 20.15 -43.29 69.53
C TRP C 809 19.04 -44.33 69.40
N LYS C 810 18.83 -44.87 68.20
CA LYS C 810 17.90 -45.96 68.04
C LYS C 810 18.34 -47.17 68.85
N GLU C 811 19.61 -47.58 68.71
CA GLU C 811 20.11 -48.72 69.47
C GLU C 811 19.90 -48.51 70.95
N LEU C 812 20.01 -47.27 71.42
CA LEU C 812 19.72 -46.97 72.81
C LEU C 812 18.24 -47.14 73.13
N LEU C 813 17.35 -46.64 72.28
CA LEU C 813 15.93 -46.52 72.62
C LEU C 813 15.03 -47.45 71.82
N THR C 814 15.49 -48.65 71.47
CA THR C 814 14.56 -49.66 70.94
C THR C 814 14.66 -50.95 71.74
N LYS C 815 14.79 -50.83 73.05
CA LYS C 815 14.87 -52.03 73.89
C LYS C 815 13.94 -51.86 75.08
N GLY C 816 13.48 -53.01 75.59
CA GLY C 816 12.48 -52.98 76.65
C GLY C 816 13.00 -52.40 77.95
N GLN C 817 14.24 -52.73 78.31
CA GLN C 817 14.81 -52.25 79.55
C GLN C 817 14.90 -50.73 79.54
N ALA C 818 14.68 -50.13 80.71
CA ALA C 818 14.74 -48.68 80.81
C ALA C 818 16.16 -48.21 80.50
N PRO C 819 16.32 -47.17 79.67
CA PRO C 819 17.66 -46.66 79.37
C PRO C 819 18.44 -46.31 80.63
N ALA C 820 19.73 -46.66 80.64
CA ALA C 820 20.60 -46.41 81.78
C ALA C 820 21.32 -45.07 81.67
N VAL C 821 20.87 -44.19 80.76
CA VAL C 821 21.51 -42.90 80.63
C VAL C 821 21.25 -42.07 81.88
N ARG C 822 22.23 -41.23 82.23
CA ARG C 822 22.10 -40.38 83.41
C ARG C 822 20.93 -39.43 83.27
N CYS C 823 20.74 -38.88 82.08
CA CYS C 823 19.74 -37.86 81.82
C CYS C 823 19.05 -38.18 80.51
N LEU C 824 17.76 -38.48 80.58
CA LEU C 824 16.94 -38.78 79.41
C LEU C 824 16.23 -37.53 78.90
N GLN C 825 16.15 -36.48 79.71
CA GLN C 825 15.69 -35.17 79.24
C GLN C 825 16.58 -34.62 78.13
N GLN C 826 17.90 -34.71 78.29
CA GLN C 826 18.81 -34.23 77.26
C GLN C 826 18.69 -35.09 76.00
N THR C 827 18.49 -36.39 76.17
CA THR C 827 18.24 -37.26 75.02
C THR C 827 16.98 -36.82 74.27
N ALA C 828 15.92 -36.48 75.01
CA ALA C 828 14.71 -36.00 74.36
C ALA C 828 14.96 -34.69 73.61
N ALA C 829 15.68 -33.76 74.23
CA ALA C 829 15.95 -32.48 73.57
C ALA C 829 16.80 -32.68 72.31
N SER C 830 17.79 -33.55 72.39
CA SER C 830 18.67 -33.81 71.26
C SER C 830 17.91 -34.52 70.15
N LEU C 831 16.96 -35.39 70.50
CA LEU C 831 16.11 -35.98 69.49
C LEU C 831 15.21 -34.94 68.82
N GLN C 832 14.72 -33.96 69.58
CA GLN C 832 13.97 -32.87 68.97
C GLN C 832 14.83 -32.12 67.95
N ILE C 833 16.06 -31.79 68.32
CA ILE C 833 16.92 -31.08 67.37
C ILE C 833 17.24 -31.95 66.16
N LEU C 834 17.40 -33.26 66.35
CA LEU C 834 17.61 -34.15 65.22
C LEU C 834 16.43 -34.14 64.28
N ALA C 835 15.21 -34.18 64.81
CA ALA C 835 14.02 -34.14 63.96
C ALA C 835 13.97 -32.84 63.17
N ALA C 836 14.25 -31.71 63.83
CA ALA C 836 14.22 -30.43 63.13
C ALA C 836 15.26 -30.38 62.02
N LEU C 837 16.49 -30.82 62.30
CA LEU C 837 17.52 -30.81 61.27
C LEU C 837 17.18 -31.73 60.11
N TYR C 838 16.62 -32.91 60.39
CA TYR C 838 16.23 -33.81 59.32
C TYR C 838 15.08 -33.25 58.50
N GLN C 839 14.21 -32.44 59.10
CA GLN C 839 13.19 -31.78 58.31
C GLN C 839 13.78 -30.69 57.42
N LEU C 840 14.80 -29.97 57.91
CA LEU C 840 15.43 -28.95 57.07
C LEU C 840 16.11 -29.56 55.86
N VAL C 841 16.81 -30.68 56.04
CA VAL C 841 17.59 -31.29 54.95
C VAL C 841 16.74 -32.03 53.95
N ALA C 842 15.41 -31.97 54.09
CA ALA C 842 14.47 -32.61 53.16
C ALA C 842 14.57 -34.13 53.23
N LYS C 843 14.55 -34.66 54.45
CA LYS C 843 14.46 -36.10 54.69
C LYS C 843 13.36 -36.36 55.71
N PRO C 844 12.09 -36.20 55.31
CA PRO C 844 11.00 -36.44 56.27
C PRO C 844 10.91 -37.88 56.76
N MET C 845 11.33 -38.84 55.93
CA MET C 845 11.21 -40.25 56.31
C MET C 845 11.96 -40.55 57.60
N GLN C 846 13.19 -40.05 57.73
CA GLN C 846 13.95 -40.29 58.95
C GLN C 846 13.49 -39.40 60.10
N ALA C 847 12.95 -38.21 59.80
CA ALA C 847 12.35 -37.40 60.85
C ALA C 847 11.18 -38.12 61.51
N LEU C 848 10.45 -38.93 60.74
CA LEU C 848 9.39 -39.74 61.32
C LEU C 848 9.93 -40.70 62.37
N GLU C 849 11.03 -41.38 62.07
CA GLU C 849 11.63 -42.30 63.02
C GLU C 849 12.13 -41.57 64.26
N VAL C 850 12.75 -40.40 64.05
CA VAL C 850 13.23 -39.60 65.17
C VAL C 850 12.07 -39.23 66.09
N LEU C 851 10.95 -38.81 65.51
CA LEU C 851 9.80 -38.42 66.32
C LEU C 851 9.18 -39.61 67.03
N LEU C 852 9.19 -40.80 66.40
CA LEU C 852 8.70 -41.99 67.09
C LEU C 852 9.56 -42.32 68.31
N LEU C 853 10.89 -42.24 68.17
CA LEU C 853 11.73 -42.43 69.34
C LEU C 853 11.51 -41.36 70.39
N LEU C 854 11.21 -40.13 69.96
CA LEU C 854 10.83 -39.09 70.91
C LEU C 854 9.58 -39.47 71.69
N ARG C 855 8.58 -40.03 71.01
CA ARG C 855 7.38 -40.48 71.70
C ARG C 855 7.69 -41.58 72.72
N ILE C 856 8.58 -42.51 72.34
CA ILE C 856 8.97 -43.56 73.28
C ILE C 856 9.63 -42.98 74.52
N VAL C 857 10.58 -42.04 74.31
CA VAL C 857 11.24 -41.40 75.44
C VAL C 857 10.22 -40.64 76.29
N SER C 858 9.25 -40.00 75.64
CA SER C 858 8.26 -39.22 76.36
C SER C 858 7.40 -40.12 77.24
N GLU C 859 7.01 -41.29 76.73
CA GLU C 859 6.19 -42.19 77.52
C GLU C 859 6.97 -42.79 78.68
N ARG C 860 8.26 -43.12 78.46
CA ARG C 860 9.03 -43.72 79.54
C ARG C 860 9.41 -42.70 80.60
N LEU C 861 9.44 -41.42 80.26
CA LEU C 861 9.77 -40.37 81.20
C LEU C 861 8.52 -39.75 81.84
N LYS C 862 7.34 -40.23 81.46
CA LYS C 862 6.05 -39.85 82.06
C LYS C 862 5.77 -38.35 81.94
N ASP C 863 6.20 -37.74 80.84
CA ASP C 863 5.85 -36.36 80.54
C ASP C 863 4.73 -36.37 79.50
N HIS C 864 3.54 -35.90 79.88
CA HIS C 864 2.39 -36.00 79.01
C HIS C 864 2.30 -34.86 78.00
N SER C 865 3.02 -33.76 78.21
CA SER C 865 3.00 -32.68 77.23
C SER C 865 3.82 -33.04 76.00
N LYS C 866 4.99 -33.64 76.20
CA LYS C 866 5.87 -33.96 75.08
C LYS C 866 5.28 -35.05 74.21
N ALA C 867 4.54 -35.99 74.80
CA ALA C 867 3.87 -37.00 73.99
C ALA C 867 2.84 -36.37 73.06
N ALA C 868 2.06 -35.42 73.58
CA ALA C 868 1.08 -34.73 72.75
C ALA C 868 1.75 -33.93 71.65
N GLY C 869 2.79 -33.17 72.00
CA GLY C 869 3.53 -32.41 70.99
C GLY C 869 4.11 -33.33 69.93
N SER C 870 4.75 -34.42 70.36
CA SER C 870 5.35 -35.39 69.41
C SER C 870 4.24 -35.95 68.51
N SER C 871 3.12 -36.36 69.09
CA SER C 871 2.04 -37.00 68.29
C SER C 871 1.54 -36.02 67.23
N CYS C 872 1.45 -34.73 67.58
CA CYS C 872 0.91 -33.72 66.63
C CYS C 872 1.88 -33.56 65.44
N HIS C 873 3.18 -33.52 65.70
CA HIS C 873 4.18 -33.41 64.60
C HIS C 873 4.12 -34.67 63.74
N ILE C 874 3.94 -35.83 64.36
CA ILE C 874 3.80 -37.11 63.59
C ILE C 874 2.57 -37.01 62.67
N THR C 875 1.46 -36.43 63.17
CA THR C 875 0.25 -36.23 62.32
C THR C 875 0.56 -35.21 61.25
N GLN C 876 1.02 -34.02 61.64
CA GLN C 876 1.29 -32.97 60.66
C GLN C 876 2.16 -33.49 59.52
N LEU C 877 3.29 -34.11 59.86
CA LEU C 877 4.17 -34.66 58.84
C LEU C 877 3.46 -35.70 57.97
N LEU C 878 2.57 -36.47 58.58
CA LEU C 878 1.91 -37.54 57.86
C LEU C 878 0.89 -37.00 56.88
N LEU C 879 0.15 -35.97 57.28
CA LEU C 879 -0.82 -35.38 56.38
C LEU C 879 -0.15 -34.58 55.27
N THR C 880 0.97 -33.93 55.57
CA THR C 880 1.70 -33.21 54.51
C THR C 880 2.20 -34.18 53.44
N LEU C 881 2.53 -35.42 53.83
CA LEU C 881 2.91 -36.42 52.86
C LEU C 881 1.71 -36.93 52.08
N GLY C 882 0.59 -37.20 52.76
CA GLY C 882 -0.63 -37.55 52.06
C GLY C 882 -1.32 -38.83 52.48
N CYS C 883 -0.98 -39.37 53.66
CA CYS C 883 -1.65 -40.57 54.17
C CYS C 883 -2.50 -40.17 55.37
N PRO C 884 -3.82 -40.05 55.22
CA PRO C 884 -4.63 -39.48 56.30
C PRO C 884 -5.08 -40.48 57.36
N SER C 885 -5.13 -41.78 57.04
CA SER C 885 -5.62 -42.74 58.02
C SER C 885 -4.71 -42.81 59.24
N TYR C 886 -3.41 -43.00 59.02
CA TYR C 886 -2.46 -43.02 60.13
C TYR C 886 -2.41 -41.66 60.82
N ALA C 887 -2.65 -40.59 60.06
CA ALA C 887 -2.74 -39.26 60.65
C ALA C 887 -3.86 -39.18 61.67
N GLN C 888 -5.03 -39.75 61.33
CA GLN C 888 -6.13 -39.79 62.28
C GLN C 888 -5.79 -40.66 63.49
N LEU C 889 -5.14 -41.80 63.25
CA LEU C 889 -4.75 -42.65 64.38
C LEU C 889 -3.87 -41.88 65.36
N HIS C 890 -2.95 -41.10 64.83
CA HIS C 890 -2.02 -40.37 65.73
C HIS C 890 -2.74 -39.17 66.34
N LEU C 891 -3.76 -38.63 65.68
CA LEU C 891 -4.41 -37.41 66.23
C LEU C 891 -5.13 -37.78 67.53
N GLU C 892 -5.87 -38.89 67.53
CA GLU C 892 -6.57 -39.35 68.75
C GLU C 892 -5.51 -39.81 69.76
N GLU C 893 -4.44 -40.48 69.31
CA GLU C 893 -3.34 -40.84 70.25
C GLU C 893 -2.91 -39.55 70.97
N ALA C 894 -2.85 -38.45 70.24
CA ALA C 894 -2.56 -37.16 70.87
C ALA C 894 -3.71 -36.70 71.74
N ALA C 895 -4.96 -36.90 71.27
CA ALA C 895 -6.12 -36.49 72.03
C ALA C 895 -6.19 -37.22 73.37
N SER C 896 -5.82 -38.51 73.36
CA SER C 896 -5.78 -39.26 74.62
C SER C 896 -4.77 -38.65 75.59
N SER C 897 -3.60 -38.27 75.08
CA SER C 897 -2.57 -37.68 75.94
C SER C 897 -3.00 -36.31 76.45
N LEU C 898 -3.85 -35.62 75.69
CA LEU C 898 -4.32 -34.30 76.12
C LEU C 898 -5.09 -34.33 77.43
N LYS C 899 -5.61 -35.48 77.85
CA LYS C 899 -6.38 -35.55 79.08
C LYS C 899 -5.51 -35.64 80.33
N HIS C 900 -4.33 -36.25 80.23
CA HIS C 900 -3.48 -36.42 81.39
C HIS C 900 -2.62 -35.19 81.66
N LEU C 901 -3.21 -34.00 81.70
CA LEU C 901 -2.45 -32.80 82.03
C LEU C 901 -3.41 -31.70 82.42
N ASP C 902 -2.89 -30.75 83.19
CA ASP C 902 -3.72 -29.73 83.81
C ASP C 902 -4.43 -28.88 82.76
N GLN C 903 -5.65 -28.47 83.09
CA GLN C 903 -6.58 -27.85 82.14
C GLN C 903 -6.58 -26.32 82.27
N THR C 904 -5.46 -25.74 82.69
CA THR C 904 -5.42 -24.30 82.87
C THR C 904 -4.19 -23.67 82.22
N THR C 905 -3.11 -24.43 82.10
CA THR C 905 -1.85 -23.88 81.63
C THR C 905 -1.93 -23.54 80.13
N ASP C 906 -0.99 -22.71 79.69
CA ASP C 906 -0.90 -22.38 78.27
C ASP C 906 -0.67 -23.63 77.42
N THR C 907 0.03 -24.61 77.98
CA THR C 907 0.29 -25.85 77.25
C THR C 907 -1.01 -26.54 76.88
N TYR C 908 -1.96 -26.63 77.82
CA TYR C 908 -3.21 -27.30 77.52
C TYR C 908 -3.97 -26.57 76.42
N LEU C 909 -4.06 -25.25 76.51
CA LEU C 909 -4.79 -24.49 75.51
C LEU C 909 -4.17 -24.69 74.13
N LEU C 910 -2.84 -24.56 74.04
CA LEU C 910 -2.18 -24.66 72.74
C LEU C 910 -2.33 -26.05 72.15
N LEU C 911 -2.14 -27.09 72.98
CA LEU C 911 -2.27 -28.44 72.48
C LEU C 911 -3.70 -28.79 72.07
N SER C 912 -4.71 -28.35 72.83
CA SER C 912 -6.08 -28.60 72.44
C SER C 912 -6.45 -27.87 71.15
N LEU C 913 -5.99 -26.62 71.02
CA LEU C 913 -6.26 -25.87 69.79
C LEU C 913 -5.60 -26.55 68.60
N THR C 914 -4.37 -27.03 68.77
CA THR C 914 -3.69 -27.73 67.69
C THR C 914 -4.42 -29.01 67.33
N CYS C 915 -4.91 -29.74 68.33
CA CYS C 915 -5.65 -30.97 68.05
C CYS C 915 -6.92 -30.68 67.27
N ASP C 916 -7.65 -29.64 67.65
CA ASP C 916 -8.86 -29.27 66.92
C ASP C 916 -8.55 -28.81 65.50
N LEU C 917 -7.47 -28.05 65.32
CA LEU C 917 -7.07 -27.63 63.98
C LEU C 917 -6.72 -28.82 63.10
N LEU C 918 -6.00 -29.80 63.66
CA LEU C 918 -5.69 -31.01 62.91
C LEU C 918 -6.96 -31.78 62.58
N ARG C 919 -7.94 -31.79 63.49
CA ARG C 919 -9.22 -32.42 63.19
C ARG C 919 -9.92 -31.73 62.05
N SER C 920 -9.87 -30.39 62.02
CA SER C 920 -10.46 -29.64 60.93
C SER C 920 -9.79 -29.99 59.60
N GLN C 921 -8.47 -30.07 59.60
CA GLN C 921 -7.76 -30.43 58.38
C GLN C 921 -8.12 -31.85 57.94
N LEU C 922 -8.24 -32.76 58.89
CA LEU C 922 -8.62 -34.13 58.57
C LEU C 922 -10.01 -34.20 57.95
N TYR C 923 -10.97 -33.45 58.49
CA TYR C 923 -12.30 -33.42 57.89
C TYR C 923 -12.27 -32.77 56.52
N TRP C 924 -11.41 -31.77 56.33
CA TRP C 924 -11.20 -31.22 55.00
C TRP C 924 -10.65 -32.26 54.04
N THR C 925 -9.88 -33.22 54.54
CA THR C 925 -9.38 -34.33 53.72
C THR C 925 -10.36 -35.50 53.62
N HIS C 926 -11.27 -35.66 54.57
CA HIS C 926 -12.18 -36.80 54.59
C HIS C 926 -13.60 -36.43 54.17
N GLN C 927 -13.74 -35.39 53.34
CA GLN C 927 -15.02 -35.02 52.75
C GLN C 927 -16.09 -34.78 53.82
N LYS C 928 -15.65 -34.22 54.95
CA LYS C 928 -16.54 -33.80 56.03
C LYS C 928 -16.40 -32.31 56.25
N VAL C 929 -16.43 -31.55 55.15
CA VAL C 929 -16.11 -30.12 55.19
C VAL C 929 -17.07 -29.36 56.08
N THR C 930 -18.33 -29.81 56.14
CA THR C 930 -19.38 -29.03 56.81
C THR C 930 -19.05 -28.83 58.29
N LYS C 931 -18.69 -29.90 58.99
CA LYS C 931 -18.34 -29.79 60.40
C LYS C 931 -16.92 -29.25 60.58
N GLY C 932 -16.04 -29.58 59.64
CA GLY C 932 -14.66 -29.11 59.68
C GLY C 932 -14.57 -27.59 59.69
N VAL C 933 -15.42 -26.95 58.89
CA VAL C 933 -15.44 -25.49 58.87
C VAL C 933 -15.91 -24.95 60.22
N SER C 934 -16.85 -25.63 60.87
CA SER C 934 -17.27 -25.19 62.21
C SER C 934 -16.12 -25.29 63.21
N LEU C 935 -15.36 -26.40 63.15
CA LEU C 935 -14.20 -26.52 64.01
C LEU C 935 -13.18 -25.42 63.70
N LEU C 936 -12.98 -25.12 62.43
CA LEU C 936 -12.04 -24.08 62.03
C LEU C 936 -12.49 -22.72 62.54
N LEU C 937 -13.79 -22.43 62.45
CA LEU C 937 -14.32 -21.19 62.99
C LEU C 937 -14.11 -21.08 64.48
N SER C 938 -14.32 -22.19 65.21
CA SER C 938 -14.04 -22.19 66.64
C SER C 938 -12.56 -21.92 66.91
N VAL C 939 -11.67 -22.57 66.16
CA VAL C 939 -10.24 -22.41 66.30
C VAL C 939 -9.86 -20.94 66.10
N LEU C 940 -10.34 -20.36 65.01
CA LEU C 940 -10.01 -18.97 64.70
C LEU C 940 -10.58 -18.02 65.74
N ARG C 941 -11.81 -18.27 66.19
CA ARG C 941 -12.48 -17.33 67.09
C ARG C 941 -11.89 -17.38 68.50
N ASP C 942 -11.26 -18.49 68.86
CA ASP C 942 -10.69 -18.62 70.20
C ASP C 942 -9.57 -17.61 70.37
N PRO C 943 -9.65 -16.72 71.37
CA PRO C 943 -8.62 -15.69 71.55
C PRO C 943 -7.24 -16.23 71.83
N ALA C 944 -7.10 -17.54 72.06
CA ALA C 944 -5.80 -18.10 72.38
C ALA C 944 -4.82 -17.96 71.22
N LEU C 945 -5.32 -18.04 69.98
CA LEU C 945 -4.44 -17.86 68.82
C LEU C 945 -4.27 -16.38 68.53
N GLN C 946 -4.04 -15.57 69.56
CA GLN C 946 -3.68 -14.18 69.40
C GLN C 946 -2.62 -13.76 70.41
N LYS C 947 -2.57 -14.49 71.53
CA LYS C 947 -1.62 -14.12 72.62
C LYS C 947 -0.20 -14.07 72.06
N SER C 948 0.63 -13.16 72.58
CA SER C 948 2.00 -12.99 72.03
C SER C 948 2.93 -14.09 72.54
N SER C 949 3.13 -15.14 71.73
CA SER C 949 4.07 -16.24 72.12
C SER C 949 4.59 -16.92 70.85
N LYS C 950 5.85 -17.38 70.86
CA LYS C 950 6.46 -17.97 69.64
C LYS C 950 5.75 -19.28 69.27
N ALA C 951 5.32 -20.07 70.26
CA ALA C 951 4.58 -21.31 69.97
C ALA C 951 3.28 -20.98 69.22
N TRP C 952 2.54 -19.96 69.67
CA TRP C 952 1.29 -19.55 68.98
C TRP C 952 1.63 -18.92 67.63
N TYR C 953 2.72 -18.15 67.56
CA TYR C 953 3.12 -17.52 66.27
C TYR C 953 3.29 -18.62 65.24
N LEU C 954 3.75 -19.80 65.70
CA LEU C 954 3.88 -20.96 64.78
C LEU C 954 2.49 -21.52 64.49
N LEU C 955 1.64 -21.62 65.52
CA LEU C 955 0.29 -22.16 65.34
C LEU C 955 -0.49 -21.35 64.32
N ARG C 956 -0.32 -20.03 64.33
CA ARG C 956 -1.04 -19.19 63.38
C ARG C 956 -0.71 -19.57 61.94
N VAL C 957 0.52 -20.01 61.69
CA VAL C 957 0.90 -20.40 60.34
C VAL C 957 0.09 -21.60 59.87
N GLN C 958 -0.10 -22.58 60.76
CA GLN C 958 -0.85 -23.77 60.36
C GLN C 958 -2.32 -23.44 60.07
N VAL C 959 -2.92 -22.58 60.88
CA VAL C 959 -4.30 -22.18 60.65
C VAL C 959 -4.40 -21.36 59.36
N LEU C 960 -3.40 -20.52 59.09
CA LEU C 960 -3.41 -19.73 57.87
C LEU C 960 -3.22 -20.61 56.63
N GLN C 961 -2.52 -21.73 56.76
CA GLN C 961 -2.44 -22.67 55.67
C GLN C 961 -3.76 -23.44 55.50
N LEU C 962 -4.38 -23.81 56.62
CA LEU C 962 -5.64 -24.54 56.55
C LEU C 962 -6.76 -23.69 55.99
N VAL C 963 -6.68 -22.38 56.18
CA VAL C 963 -7.73 -21.46 55.64
C VAL C 963 -7.65 -21.54 54.11
N ALA C 964 -6.45 -21.75 53.58
CA ALA C 964 -6.26 -21.78 52.12
C ALA C 964 -6.68 -23.15 51.59
N ALA C 965 -6.54 -24.20 52.38
CA ALA C 965 -7.05 -25.53 51.93
C ALA C 965 -8.57 -25.44 51.78
N TYR C 966 -9.25 -24.74 52.68
CA TYR C 966 -10.73 -24.54 52.56
C TYR C 966 -11.00 -23.58 51.41
N LEU C 967 -10.22 -22.49 51.31
CA LEU C 967 -10.52 -21.47 50.28
C LEU C 967 -10.28 -22.04 48.88
N SER C 968 -9.53 -23.14 48.76
CA SER C 968 -9.39 -23.71 47.42
C SER C 968 -10.60 -24.54 47.01
N LEU C 969 -11.57 -24.71 47.91
CA LEU C 969 -12.69 -25.59 47.62
C LEU C 969 -13.70 -24.90 46.70
N PRO C 970 -14.45 -25.66 45.91
CA PRO C 970 -15.52 -25.07 45.11
C PRO C 970 -16.70 -24.67 45.97
N SER C 971 -17.63 -23.95 45.35
CA SER C 971 -18.83 -23.48 46.04
C SER C 971 -19.90 -24.55 46.17
N ASN C 972 -19.64 -25.78 45.71
CA ASN C 972 -20.60 -26.86 45.83
C ASN C 972 -20.35 -27.77 47.01
N ASN C 973 -19.08 -27.93 47.43
CA ASN C 973 -18.78 -28.75 48.61
C ASN C 973 -18.88 -27.95 49.91
N LEU C 974 -19.97 -27.19 50.07
CA LEU C 974 -20.23 -26.43 51.29
C LEU C 974 -21.57 -25.72 51.13
N SER C 975 -21.99 -24.99 52.17
CA SER C 975 -23.13 -24.10 52.10
C SER C 975 -22.64 -22.66 51.90
N HIS C 976 -23.58 -21.76 51.63
CA HIS C 976 -23.24 -20.36 51.41
C HIS C 976 -22.88 -19.68 52.72
N SER C 977 -23.62 -19.99 53.80
CA SER C 977 -23.40 -19.33 55.07
C SER C 977 -22.02 -19.67 55.64
N LEU C 978 -21.57 -20.91 55.45
CA LEU C 978 -20.22 -21.25 55.91
C LEU C 978 -19.17 -20.50 55.10
N TRP C 979 -19.41 -20.31 53.80
CA TRP C 979 -18.46 -19.57 52.97
C TRP C 979 -18.35 -18.11 53.41
N GLU C 980 -19.47 -17.45 53.65
CA GLU C 980 -19.40 -16.07 54.14
C GLU C 980 -18.75 -16.02 55.51
N GLN C 981 -19.04 -17.00 56.37
CA GLN C 981 -18.42 -17.03 57.69
C GLN C 981 -16.91 -17.15 57.59
N LEU C 982 -16.42 -18.00 56.68
CA LEU C 982 -14.99 -18.15 56.51
C LEU C 982 -14.34 -16.91 55.92
N CYS C 983 -15.02 -16.25 54.96
CA CYS C 983 -14.43 -15.07 54.33
C CYS C 983 -14.51 -13.84 55.21
N ALA C 984 -15.44 -13.82 56.18
CA ALA C 984 -15.69 -12.60 56.95
C ALA C 984 -14.45 -12.18 57.74
N GLN C 985 -13.79 -13.15 58.38
CA GLN C 985 -12.62 -12.82 59.19
C GLN C 985 -11.48 -12.30 58.33
N GLY C 986 -11.41 -12.74 57.08
CA GLY C 986 -10.36 -12.31 56.18
C GLY C 986 -10.07 -13.40 55.18
N TRP C 987 -8.87 -13.33 54.60
CA TRP C 987 -8.39 -14.35 53.69
C TRP C 987 -9.35 -14.53 52.51
N GLN C 988 -9.38 -13.52 51.63
CA GLN C 988 -10.34 -13.56 50.49
C GLN C 988 -9.97 -14.70 49.53
N THR C 989 -8.84 -14.57 48.82
CA THR C 989 -8.41 -15.61 47.86
C THR C 989 -7.30 -16.44 48.48
N PRO C 990 -7.21 -17.76 48.19
CA PRO C 990 -6.19 -18.60 48.80
C PRO C 990 -4.79 -18.02 48.76
N GLU C 991 -4.43 -17.34 47.67
CA GLU C 991 -3.05 -16.79 47.52
C GLU C 991 -2.72 -15.88 48.70
N ILE C 992 -3.69 -15.08 49.17
CA ILE C 992 -3.43 -14.12 50.27
C ILE C 992 -3.00 -14.88 51.53
N ALA C 993 -3.74 -15.93 51.90
CA ALA C 993 -3.45 -16.69 53.14
C ALA C 993 -2.00 -17.16 53.15
N LEU C 994 -1.51 -17.70 52.02
CA LEU C 994 -0.13 -18.26 51.97
C LEU C 994 0.90 -17.12 52.09
N ILE C 995 0.68 -15.97 51.45
CA ILE C 995 1.59 -14.80 51.63
C ILE C 995 1.45 -14.33 53.08
N ASP C 996 0.23 -14.37 53.63
CA ASP C 996 0.05 -13.99 55.05
C ASP C 996 0.91 -14.91 55.94
N SER C 997 1.08 -16.16 55.53
CA SER C 997 1.91 -17.12 56.29
C SER C 997 3.41 -16.82 56.11
N HIS C 998 3.87 -16.71 54.86
CA HIS C 998 5.33 -16.51 54.61
C HIS C 998 5.80 -15.24 55.31
N LYS C 999 4.90 -14.28 55.51
CA LYS C 999 5.29 -13.09 56.27
C LYS C 999 5.50 -13.42 57.74
N LEU C 1000 4.58 -14.18 58.33
CA LEU C 1000 4.73 -14.57 59.73
C LEU C 1000 5.99 -15.41 59.93
N LEU C 1001 6.27 -16.30 58.98
CA LEU C 1001 7.45 -17.16 59.08
C LEU C 1001 8.74 -16.32 59.04
N ARG C 1002 8.81 -15.36 58.12
CA ARG C 1002 9.98 -14.50 58.05
C ARG C 1002 10.12 -13.65 59.31
N SER C 1003 9.00 -13.21 59.88
CA SER C 1003 9.06 -12.44 61.12
C SER C 1003 9.62 -13.31 62.25
N ILE C 1004 9.20 -14.57 62.33
CA ILE C 1004 9.73 -15.46 63.36
C ILE C 1004 11.22 -15.69 63.14
N ILE C 1005 11.66 -15.83 61.89
CA ILE C 1005 13.08 -15.96 61.60
C ILE C 1005 13.84 -14.74 62.10
N LEU C 1006 13.32 -13.54 61.83
CA LEU C 1006 13.98 -12.33 62.32
C LEU C 1006 14.05 -12.31 63.84
N LEU C 1007 13.01 -12.81 64.50
CA LEU C 1007 13.05 -12.89 65.95
C LEU C 1007 14.10 -13.87 66.46
N LEU C 1008 14.31 -15.00 65.75
CA LEU C 1008 15.17 -16.06 66.27
C LEU C 1008 16.59 -15.88 65.78
N MET C 1009 16.87 -16.06 64.48
CA MET C 1009 18.24 -16.05 63.95
C MET C 1009 18.70 -14.72 63.34
N GLY C 1010 18.45 -13.62 64.01
CA GLY C 1010 18.86 -12.36 63.43
C GLY C 1010 18.22 -12.13 62.07
N SER C 1011 18.99 -11.55 61.15
CA SER C 1011 18.47 -11.26 59.82
C SER C 1011 19.45 -11.54 58.69
N ASP C 1012 20.64 -12.06 58.98
CA ASP C 1012 21.64 -12.26 57.93
C ASP C 1012 21.23 -13.35 56.96
N ILE C 1013 20.56 -14.39 57.45
CA ILE C 1013 20.20 -15.53 56.61
C ILE C 1013 19.15 -15.18 55.56
N LEU C 1014 18.45 -14.06 55.72
CA LEU C 1014 17.43 -13.64 54.77
C LEU C 1014 17.89 -12.53 53.84
N SER C 1015 18.66 -11.57 54.34
CA SER C 1015 19.16 -10.47 53.54
C SER C 1015 20.65 -10.31 53.74
N THR C 1016 21.32 -9.82 52.70
CA THR C 1016 22.77 -9.61 52.74
C THR C 1016 23.15 -8.24 53.25
N GLN C 1017 22.17 -7.44 53.70
CA GLN C 1017 22.43 -6.10 54.21
C GLN C 1017 23.24 -6.15 55.51
N THR C 1023 20.99 -10.64 65.49
CA THR C 1023 20.71 -10.94 66.89
C THR C 1023 21.33 -12.28 67.29
N SER C 1024 21.77 -12.38 68.54
CA SER C 1024 22.34 -13.62 69.04
C SER C 1024 21.26 -14.70 69.07
N PHE C 1025 21.69 -15.95 68.89
CA PHE C 1025 20.74 -17.05 68.81
C PHE C 1025 19.99 -17.25 70.11
N LEU C 1026 20.67 -17.11 71.25
CA LEU C 1026 20.08 -17.28 72.58
C LEU C 1026 19.47 -18.69 72.72
N ASP C 1027 20.36 -19.66 72.68
CA ASP C 1027 19.97 -21.06 72.75
C ASP C 1027 19.56 -21.43 74.18
N TYR C 1028 18.30 -21.83 74.34
CA TYR C 1028 17.80 -22.32 75.62
C TYR C 1028 16.92 -23.55 75.41
N GLY C 1029 17.32 -24.44 74.52
CA GLY C 1029 16.59 -25.67 74.28
C GLY C 1029 15.49 -25.54 73.26
N GLU C 1030 14.44 -24.78 73.60
CA GLU C 1030 13.32 -24.59 72.67
C GLU C 1030 13.77 -23.83 71.44
N ASN C 1031 14.61 -22.80 71.63
CA ASN C 1031 15.04 -21.96 70.52
C ASN C 1031 15.79 -22.77 69.47
N LEU C 1032 16.61 -23.71 69.93
CA LEU C 1032 17.41 -24.52 69.01
C LEU C 1032 16.52 -25.26 68.02
N VAL C 1033 15.50 -25.96 68.52
CA VAL C 1033 14.61 -26.71 67.65
C VAL C 1033 13.77 -25.76 66.79
N GLN C 1034 13.31 -24.65 67.39
CA GLN C 1034 12.41 -23.75 66.68
C GLN C 1034 13.11 -23.11 65.49
N LYS C 1035 14.41 -22.85 65.60
CA LYS C 1035 15.19 -22.29 64.50
C LYS C 1035 15.09 -23.16 63.24
N TRP C 1036 15.41 -24.44 63.39
CA TRP C 1036 15.40 -25.33 62.24
C TRP C 1036 13.97 -25.57 61.76
N GLN C 1037 13.02 -25.62 62.69
CA GLN C 1037 11.62 -25.79 62.30
C GLN C 1037 11.13 -24.62 61.46
N VAL C 1038 11.46 -23.39 61.86
CA VAL C 1038 10.97 -22.24 61.12
C VAL C 1038 11.64 -22.15 59.76
N LEU C 1039 12.92 -22.52 59.67
CA LEU C 1039 13.55 -22.55 58.35
C LEU C 1039 12.86 -23.56 57.43
N SER C 1040 12.57 -24.75 57.95
CA SER C 1040 11.89 -25.76 57.13
C SER C 1040 10.51 -25.28 56.70
N GLU C 1041 9.77 -24.66 57.62
CA GLU C 1041 8.44 -24.17 57.30
C GLU C 1041 8.50 -23.05 56.27
N VAL C 1042 9.51 -22.18 56.35
CA VAL C 1042 9.68 -21.14 55.35
C VAL C 1042 9.85 -21.77 53.98
N LEU C 1043 10.71 -22.78 53.89
CA LEU C 1043 10.95 -23.42 52.60
C LEU C 1043 9.67 -24.08 52.05
N SER C 1044 8.93 -24.78 52.91
CA SER C 1044 7.72 -25.46 52.46
C SER C 1044 6.65 -24.46 52.02
N CYS C 1045 6.47 -23.37 52.78
CA CYS C 1045 5.50 -22.36 52.40
C CYS C 1045 5.87 -21.72 51.08
N SER C 1046 7.17 -21.44 50.87
CA SER C 1046 7.60 -20.91 49.58
C SER C 1046 7.30 -21.87 48.45
N GLU C 1047 7.52 -23.17 48.68
CA GLU C 1047 7.20 -24.15 47.64
C GLU C 1047 5.72 -24.10 47.27
N LYS C 1048 4.83 -24.13 48.28
CA LYS C 1048 3.40 -24.10 47.99
C LYS C 1048 3.01 -22.80 47.27
N LEU C 1049 3.58 -21.68 47.71
CA LEU C 1049 3.27 -20.40 47.10
C LEU C 1049 3.70 -20.35 45.65
N VAL C 1050 4.91 -20.84 45.34
CA VAL C 1050 5.37 -20.85 43.95
C VAL C 1050 4.44 -21.70 43.10
N CYS C 1051 4.11 -22.90 43.59
CA CYS C 1051 3.25 -23.79 42.81
C CYS C 1051 1.90 -23.12 42.52
N HIS C 1052 1.24 -22.63 43.55
CA HIS C 1052 -0.10 -22.06 43.37
C HIS C 1052 -0.06 -20.79 42.52
N LEU C 1053 0.89 -19.90 42.78
CA LEU C 1053 0.96 -18.65 42.03
C LEU C 1053 1.26 -18.89 40.56
N GLY C 1054 2.19 -19.81 40.27
CA GLY C 1054 2.45 -20.14 38.89
C GLY C 1054 1.25 -20.78 38.22
N ARG C 1055 0.45 -21.53 38.98
CA ARG C 1055 -0.73 -22.14 38.41
C ARG C 1055 -1.74 -21.08 37.97
N LEU C 1056 -1.98 -20.07 38.80
CA LEU C 1056 -2.98 -19.05 38.48
C LEU C 1056 -2.57 -18.25 37.25
N GLY C 1057 -1.32 -17.85 37.17
CA GLY C 1057 -0.86 -17.06 36.05
C GLY C 1057 0.16 -15.99 36.44
N SER C 1058 0.37 -15.81 37.74
CA SER C 1058 1.35 -14.85 38.24
C SER C 1058 2.72 -15.50 38.27
N VAL C 1059 3.33 -15.62 37.09
CA VAL C 1059 4.62 -16.28 36.96
C VAL C 1059 5.73 -15.41 37.56
N SER C 1060 5.61 -14.09 37.44
CA SER C 1060 6.67 -13.20 37.93
C SER C 1060 6.83 -13.32 39.45
N GLU C 1061 5.71 -13.31 40.18
CA GLU C 1061 5.77 -13.46 41.63
C GLU C 1061 6.33 -14.82 42.01
N ALA C 1062 5.94 -15.86 41.27
CA ALA C 1062 6.47 -17.20 41.54
C ALA C 1062 7.97 -17.23 41.37
N LYS C 1063 8.47 -16.57 40.31
CA LYS C 1063 9.92 -16.49 40.11
C LYS C 1063 10.59 -15.73 41.24
N ALA C 1064 9.96 -14.66 41.74
CA ALA C 1064 10.54 -13.93 42.85
C ALA C 1064 10.68 -14.82 44.09
N PHE C 1065 9.60 -15.52 44.45
CA PHE C 1065 9.68 -16.43 45.60
C PHE C 1065 10.70 -17.52 45.37
N CYS C 1066 10.77 -18.05 44.15
CA CYS C 1066 11.72 -19.10 43.84
C CYS C 1066 13.16 -18.62 44.00
N LEU C 1067 13.45 -17.40 43.53
CA LEU C 1067 14.80 -16.86 43.69
C LEU C 1067 15.15 -16.65 45.16
N GLU C 1068 14.20 -16.16 45.95
CA GLU C 1068 14.46 -16.01 47.38
C GLU C 1068 14.78 -17.35 48.02
N ALA C 1069 13.97 -18.38 47.69
CA ALA C 1069 14.20 -19.71 48.25
C ALA C 1069 15.54 -20.28 47.81
N LEU C 1070 15.90 -20.06 46.54
CA LEU C 1070 17.18 -20.55 46.04
C LEU C 1070 18.35 -19.89 46.75
N LYS C 1071 18.25 -18.58 47.00
CA LYS C 1071 19.30 -17.90 47.76
C LYS C 1071 19.43 -18.49 49.16
N LEU C 1072 18.29 -18.69 49.83
CA LEU C 1072 18.34 -19.25 51.18
C LEU C 1072 18.96 -20.64 51.18
N THR C 1073 18.59 -21.46 50.20
CA THR C 1073 19.13 -22.82 50.14
C THR C 1073 20.61 -22.82 49.80
N THR C 1074 21.04 -21.92 48.92
CA THR C 1074 22.47 -21.81 48.59
C THR C 1074 23.28 -21.40 49.81
N LYS C 1075 22.73 -20.53 50.66
CA LYS C 1075 23.43 -20.15 51.88
C LYS C 1075 23.65 -21.35 52.79
N LEU C 1076 22.62 -22.20 52.95
CA LEU C 1076 22.74 -23.36 53.81
C LEU C 1076 23.50 -24.51 53.17
N GLN C 1077 23.66 -24.50 51.85
CA GLN C 1077 24.31 -25.58 51.11
C GLN C 1077 23.62 -26.92 51.35
N ILE C 1078 22.33 -26.95 51.01
CA ILE C 1078 21.52 -28.16 51.01
C ILE C 1078 21.14 -28.45 49.55
N PRO C 1079 21.66 -29.53 48.95
CA PRO C 1079 21.44 -29.72 47.50
C PRO C 1079 20.01 -30.02 47.12
N ARG C 1080 19.26 -30.76 47.94
CA ARG C 1080 17.94 -31.23 47.53
C ARG C 1080 16.96 -30.07 47.36
N GLN C 1081 16.97 -29.17 48.34
CA GLN C 1081 16.05 -28.01 48.29
C GLN C 1081 16.43 -27.13 47.09
N CYS C 1082 17.73 -26.95 46.83
CA CYS C 1082 18.15 -26.15 45.64
C CYS C 1082 17.58 -26.83 44.40
N ALA C 1083 17.53 -28.16 44.39
CA ALA C 1083 17.02 -28.90 43.22
C ALA C 1083 15.53 -28.64 43.03
N LEU C 1084 14.75 -28.68 44.10
CA LEU C 1084 13.30 -28.40 44.02
C LEU C 1084 13.11 -26.95 43.57
N PHE C 1085 13.91 -26.04 44.11
CA PHE C 1085 13.74 -24.60 43.78
C PHE C 1085 14.39 -24.30 42.44
N LEU C 1086 15.04 -25.29 41.81
CA LEU C 1086 15.62 -25.08 40.46
C LEU C 1086 14.65 -25.62 39.41
N VAL C 1087 13.97 -26.73 39.71
CA VAL C 1087 12.99 -27.26 38.77
C VAL C 1087 11.76 -26.37 38.73
N LEU C 1088 11.40 -25.76 39.88
CA LEU C 1088 10.30 -24.80 39.87
C LEU C 1088 10.62 -23.61 38.96
N LYS C 1089 11.85 -23.09 39.06
CA LYS C 1089 12.24 -21.97 38.21
C LYS C 1089 12.25 -22.36 36.75
N GLY C 1090 12.69 -23.59 36.44
CA GLY C 1090 12.64 -24.06 35.07
C GLY C 1090 11.24 -24.12 34.52
N GLU C 1091 10.29 -24.61 35.33
CA GLU C 1091 8.90 -24.63 34.90
C GLU C 1091 8.39 -23.22 34.63
N LEU C 1092 8.73 -22.27 35.51
CA LEU C 1092 8.29 -20.90 35.29
C LEU C 1092 8.91 -20.30 34.03
N GLU C 1093 10.19 -20.59 33.77
CA GLU C 1093 10.83 -20.08 32.57
C GLU C 1093 10.19 -20.66 31.31
N LEU C 1094 9.81 -21.94 31.36
CA LEU C 1094 9.04 -22.50 30.25
C LEU C 1094 7.71 -21.77 30.09
N ALA C 1095 7.08 -21.41 31.20
CA ALA C 1095 5.82 -20.66 31.14
C ALA C 1095 6.02 -19.31 30.46
N ARG C 1096 7.17 -18.67 30.70
CA ARG C 1096 7.49 -17.41 30.05
C ARG C 1096 8.08 -17.57 28.66
N ASN C 1097 8.24 -18.81 28.19
CA ASN C 1097 8.77 -19.11 26.86
C ASN C 1097 10.20 -18.57 26.69
N ASP C 1098 11.10 -19.08 27.53
CA ASP C 1098 12.53 -18.77 27.47
C ASP C 1098 13.26 -20.12 27.53
N ILE C 1099 13.58 -20.67 26.35
CA ILE C 1099 14.07 -22.05 26.28
C ILE C 1099 15.48 -22.15 26.84
N ASP C 1100 16.33 -21.18 26.57
CA ASP C 1100 17.75 -21.29 26.93
C ASP C 1100 17.93 -21.34 28.45
N LEU C 1101 17.31 -20.40 29.16
CA LEU C 1101 17.46 -20.36 30.62
C LEU C 1101 16.83 -21.60 31.26
N CYS C 1102 15.70 -22.06 30.71
CA CYS C 1102 15.08 -23.27 31.20
C CYS C 1102 16.00 -24.48 31.04
N GLN C 1103 16.66 -24.59 29.88
CA GLN C 1103 17.58 -25.69 29.65
C GLN C 1103 18.76 -25.62 30.61
N SER C 1104 19.29 -24.42 30.85
CA SER C 1104 20.40 -24.28 31.79
C SER C 1104 19.99 -24.72 33.18
N ASP C 1105 18.79 -24.33 33.62
CA ASP C 1105 18.33 -24.72 34.95
C ASP C 1105 18.14 -26.22 35.05
N LEU C 1106 17.58 -26.83 34.00
CA LEU C 1106 17.40 -28.29 34.02
C LEU C 1106 18.74 -29.01 34.04
N GLN C 1107 19.76 -28.41 33.40
CA GLN C 1107 21.13 -28.99 33.41
C GLN C 1107 21.76 -28.74 34.79
N GLN C 1108 21.58 -27.57 35.40
CA GLN C 1108 22.16 -27.41 36.75
C GLN C 1108 21.60 -28.54 37.64
N VAL C 1109 20.37 -28.98 37.45
CA VAL C 1109 19.78 -30.00 38.34
C VAL C 1109 20.43 -31.36 38.04
N LEU C 1110 20.70 -31.72 36.78
CA LEU C 1110 21.19 -33.10 36.53
C LEU C 1110 22.54 -33.24 37.25
N PHE C 1111 23.26 -32.14 37.44
CA PHE C 1111 24.54 -32.19 38.20
C PHE C 1111 24.24 -32.54 39.65
N LEU C 1112 23.32 -31.79 40.27
CA LEU C 1112 22.97 -32.03 41.69
C LEU C 1112 22.46 -33.47 41.85
N LEU C 1113 21.57 -33.91 40.96
CA LEU C 1113 21.00 -35.28 41.04
C LEU C 1113 22.14 -36.30 40.97
N GLU C 1114 23.06 -36.13 40.02
CA GLU C 1114 24.19 -37.08 39.86
C GLU C 1114 24.99 -37.13 41.17
N SER C 1115 25.28 -35.97 41.75
CA SER C 1115 26.05 -35.92 43.03
C SER C 1115 25.24 -36.61 44.14
N CYS C 1116 23.94 -36.36 44.19
CA CYS C 1116 23.07 -36.96 45.25
C CYS C 1116 23.11 -38.50 45.12
N THR C 1117 23.11 -39.02 43.88
CA THR C 1117 23.19 -40.48 43.67
C THR C 1117 24.63 -40.87 43.40
N ILE C 1191 22.12 -36.35 29.20
CA ILE C 1191 21.20 -37.47 29.22
C ILE C 1191 20.86 -37.85 30.66
N PRO C 1192 19.57 -37.99 30.96
CA PRO C 1192 19.17 -38.39 32.31
C PRO C 1192 19.54 -39.84 32.59
N ASN C 1193 20.23 -40.05 33.71
CA ASN C 1193 20.63 -41.39 34.13
C ASN C 1193 19.78 -41.95 35.25
N PHE C 1194 18.99 -41.11 35.94
CA PHE C 1194 18.09 -41.61 36.97
C PHE C 1194 16.92 -42.40 36.39
N LEU C 1195 16.73 -42.36 35.08
CA LEU C 1195 15.73 -43.17 34.42
C LEU C 1195 16.25 -44.60 34.24
N SER C 1196 15.37 -45.46 33.75
CA SER C 1196 15.66 -46.89 33.56
C SER C 1196 15.95 -47.62 34.86
N HIS C 1197 15.67 -46.98 36.00
CA HIS C 1197 15.79 -47.64 37.30
C HIS C 1197 14.65 -48.64 37.46
N SER C 1198 14.89 -49.62 38.32
CA SER C 1198 13.86 -50.59 38.62
C SER C 1198 12.69 -49.89 39.32
N PRO C 1199 11.46 -50.38 39.16
CA PRO C 1199 10.32 -49.76 39.85
C PRO C 1199 10.53 -49.69 41.36
N THR C 1200 11.23 -50.67 41.91
CA THR C 1200 11.59 -50.69 43.33
C THR C 1200 13.10 -50.76 43.45
N CYS C 1201 13.68 -49.80 44.17
CA CYS C 1201 15.12 -49.78 44.41
C CYS C 1201 15.40 -48.88 45.60
N ASP C 1202 16.66 -48.86 46.02
CA ASP C 1202 17.09 -48.10 47.19
C ASP C 1202 17.93 -46.88 46.82
N CYS C 1203 17.84 -46.40 45.58
CA CYS C 1203 18.61 -45.24 45.16
C CYS C 1203 18.25 -44.04 46.02
N SER C 1204 19.24 -43.18 46.28
CA SER C 1204 18.98 -41.96 47.04
C SER C 1204 17.94 -41.10 46.33
N LEU C 1205 18.01 -41.06 45.00
CA LEU C 1205 17.02 -40.29 44.20
C LEU C 1205 15.69 -41.07 44.15
N CYS C 1206 15.67 -42.33 44.58
CA CYS C 1206 14.48 -43.14 44.48
C CYS C 1206 13.94 -43.60 45.82
N ALA C 1207 14.75 -43.59 46.88
CA ALA C 1207 14.27 -43.89 48.22
C ALA C 1207 13.79 -42.65 48.97
N SER C 1208 13.98 -41.46 48.40
CA SER C 1208 13.53 -40.23 49.03
C SER C 1208 12.39 -39.64 48.22
N PRO C 1209 11.22 -39.42 48.82
CA PRO C 1209 10.10 -38.85 48.05
C PRO C 1209 10.40 -37.49 47.45
N VAL C 1210 11.15 -36.65 48.15
CA VAL C 1210 11.44 -35.30 47.66
C VAL C 1210 12.26 -35.39 46.37
N LEU C 1211 13.30 -36.24 46.37
CA LEU C 1211 14.13 -36.38 45.18
C LEU C 1211 13.34 -36.99 44.03
N THR C 1212 12.44 -37.93 44.32
CA THR C 1212 11.61 -38.50 43.26
C THR C 1212 10.71 -37.44 42.64
N ALA C 1213 10.12 -36.59 43.46
CA ALA C 1213 9.29 -35.49 42.93
C ALA C 1213 10.13 -34.55 42.09
N VAL C 1214 11.36 -34.27 42.54
CA VAL C 1214 12.26 -33.40 41.78
C VAL C 1214 12.55 -34.00 40.40
N CYS C 1215 12.85 -35.30 40.37
CA CYS C 1215 13.14 -35.96 39.10
C CYS C 1215 11.93 -35.95 38.18
N LEU C 1216 10.75 -36.22 38.72
CA LEU C 1216 9.56 -36.24 37.89
C LEU C 1216 9.24 -34.86 37.33
N ARG C 1217 9.38 -33.82 38.15
CA ARG C 1217 9.15 -32.46 37.65
C ARG C 1217 10.19 -32.08 36.61
N TRP C 1218 11.44 -32.53 36.78
CA TRP C 1218 12.46 -32.28 35.79
C TRP C 1218 12.10 -32.92 34.46
N VAL C 1219 11.60 -34.16 34.50
CA VAL C 1219 11.23 -34.83 33.25
C VAL C 1219 10.03 -34.14 32.62
N LEU C 1220 9.08 -33.67 33.44
CA LEU C 1220 7.91 -32.97 32.91
C LEU C 1220 8.32 -31.68 32.20
N VAL C 1221 9.17 -30.88 32.82
CA VAL C 1221 9.62 -29.64 32.20
C VAL C 1221 10.48 -29.93 30.98
N THR C 1222 11.26 -31.00 31.01
CA THR C 1222 12.05 -31.40 29.84
C THR C 1222 11.14 -31.77 28.67
N ALA C 1223 10.05 -32.49 28.95
CA ALA C 1223 9.09 -32.79 27.90
C ALA C 1223 8.45 -31.51 27.36
N GLY C 1224 8.15 -30.58 28.25
CA GLY C 1224 7.61 -29.31 27.80
C GLY C 1224 8.55 -28.54 26.90
N VAL C 1225 9.84 -28.52 27.25
CA VAL C 1225 10.81 -27.79 26.44
C VAL C 1225 11.04 -28.51 25.12
N ARG C 1226 10.89 -29.83 25.11
CA ARG C 1226 10.93 -30.58 23.86
C ARG C 1226 9.77 -30.17 22.96
N LEU C 1227 8.56 -30.10 23.52
CA LEU C 1227 7.39 -29.77 22.72
C LEU C 1227 7.45 -28.34 22.22
N ALA C 1228 7.96 -27.42 23.03
CA ALA C 1228 8.04 -26.02 22.62
C ALA C 1228 9.02 -25.82 21.48
N MET C 1229 10.15 -26.52 21.52
CA MET C 1229 11.16 -26.39 20.46
C MET C 1229 10.67 -26.91 19.12
N GLY C 1230 9.57 -27.65 19.09
CA GLY C 1230 9.08 -28.29 17.90
C GLY C 1230 9.46 -29.74 17.77
N HIS C 1231 10.50 -30.18 18.50
CA HIS C 1231 10.92 -31.58 18.50
C HIS C 1231 9.95 -32.37 19.36
N GLN C 1232 8.88 -32.86 18.72
CA GLN C 1232 7.93 -33.74 19.37
C GLN C 1232 8.49 -35.14 19.44
N ALA C 1233 7.63 -36.12 19.71
CA ALA C 1233 8.01 -37.52 19.91
C ALA C 1233 8.79 -37.67 21.20
N GLN C 1234 9.97 -37.04 21.30
CA GLN C 1234 10.75 -37.14 22.53
C GLN C 1234 9.98 -36.58 23.72
N GLY C 1235 9.34 -35.41 23.54
CA GLY C 1235 8.57 -34.84 24.62
C GLY C 1235 7.40 -35.72 25.03
N LEU C 1236 6.73 -36.31 24.04
CA LEU C 1236 5.60 -37.19 24.34
C LEU C 1236 6.07 -38.42 25.12
N ASP C 1237 7.20 -39.01 24.73
CA ASP C 1237 7.75 -40.14 25.48
C ASP C 1237 8.13 -39.75 26.90
N LEU C 1238 8.72 -38.55 27.08
CA LEU C 1238 9.06 -38.11 28.42
C LEU C 1238 7.81 -37.97 29.28
N LEU C 1239 6.73 -37.42 28.70
CA LEU C 1239 5.47 -37.32 29.43
C LEU C 1239 4.90 -38.70 29.76
N GLN C 1240 5.07 -39.66 28.86
CA GLN C 1240 4.65 -41.03 29.17
C GLN C 1240 5.44 -41.58 30.35
N VAL C 1241 6.74 -41.28 30.40
CA VAL C 1241 7.56 -41.71 31.53
C VAL C 1241 7.04 -41.12 32.83
N VAL C 1242 6.69 -39.83 32.81
CA VAL C 1242 6.13 -39.21 34.02
C VAL C 1242 4.83 -39.90 34.43
N LEU C 1243 3.91 -40.08 33.47
CA LEU C 1243 2.61 -40.65 33.74
C LEU C 1243 2.72 -42.09 34.26
N LYS C 1244 3.70 -42.85 33.80
CA LYS C 1244 3.96 -44.18 34.32
C LYS C 1244 4.64 -44.16 35.69
N GLY C 1245 5.56 -43.21 35.91
CA GLY C 1245 6.38 -43.27 37.11
C GLY C 1245 5.69 -42.80 38.36
N CYS C 1246 4.75 -41.84 38.24
CA CYS C 1246 4.13 -41.30 39.44
C CYS C 1246 3.44 -42.34 40.32
N PRO C 1247 2.59 -43.24 39.81
CA PRO C 1247 1.95 -44.22 40.70
C PRO C 1247 2.94 -45.16 41.41
N GLU C 1248 4.01 -45.55 40.73
CA GLU C 1248 5.00 -46.44 41.36
C GLU C 1248 5.76 -45.70 42.46
N ALA C 1249 6.02 -44.41 42.26
CA ALA C 1249 6.61 -43.61 43.33
C ALA C 1249 5.67 -43.55 44.53
N ALA C 1250 4.36 -43.39 44.27
CA ALA C 1250 3.40 -43.43 45.36
C ALA C 1250 3.42 -44.77 46.10
N GLU C 1251 3.53 -45.87 45.34
CA GLU C 1251 3.58 -47.19 45.95
C GLU C 1251 4.81 -47.34 46.84
N ARG C 1252 5.96 -46.86 46.36
CA ARG C 1252 7.18 -46.93 47.17
C ARG C 1252 7.05 -46.09 48.44
N LEU C 1253 6.45 -44.90 48.34
CA LEU C 1253 6.27 -44.08 49.53
C LEU C 1253 5.33 -44.76 50.52
N THR C 1254 4.29 -45.42 50.03
CA THR C 1254 3.40 -46.19 50.90
C THR C 1254 4.16 -47.28 51.64
N GLN C 1255 4.96 -48.06 50.91
CA GLN C 1255 5.73 -49.12 51.55
C GLN C 1255 6.70 -48.56 52.58
N ALA C 1256 7.34 -47.43 52.26
CA ALA C 1256 8.27 -46.81 53.20
C ALA C 1256 7.56 -46.35 54.47
N LEU C 1257 6.38 -45.77 54.32
CA LEU C 1257 5.63 -45.32 55.49
C LEU C 1257 5.24 -46.49 56.37
N GLN C 1258 4.81 -47.60 55.77
CA GLN C 1258 4.51 -48.78 56.57
C GLN C 1258 5.75 -49.33 57.26
N ALA C 1259 6.89 -49.33 56.57
CA ALA C 1259 8.12 -49.79 57.19
C ALA C 1259 8.49 -48.93 58.39
N SER C 1260 8.34 -47.61 58.27
CA SER C 1260 8.72 -46.71 59.35
C SER C 1260 7.76 -46.79 60.52
N LEU C 1261 6.46 -46.79 60.26
CA LEU C 1261 5.46 -46.69 61.32
C LEU C 1261 5.05 -48.04 61.90
N ASN C 1262 5.34 -49.14 61.22
CA ASN C 1262 5.12 -50.50 61.72
C ASN C 1262 3.65 -50.82 62.00
N HIS C 1263 2.73 -50.11 61.35
CA HIS C 1263 1.32 -50.51 61.42
C HIS C 1263 1.08 -51.78 60.62
N LYS C 1264 0.10 -52.57 61.05
CA LYS C 1264 -0.20 -53.82 60.38
C LYS C 1264 -0.92 -53.59 59.05
N THR C 1265 -2.09 -52.97 59.10
CA THR C 1265 -2.90 -52.80 57.91
C THR C 1265 -2.26 -51.77 56.98
N PRO C 1266 -2.29 -52.01 55.66
CA PRO C 1266 -1.74 -51.04 54.72
C PRO C 1266 -2.60 -49.79 54.65
N PRO C 1267 -2.05 -48.66 54.18
CA PRO C 1267 -2.82 -47.41 54.20
C PRO C 1267 -4.12 -47.50 53.45
N SER C 1268 -5.21 -47.09 54.08
CA SER C 1268 -6.52 -47.09 53.41
C SER C 1268 -6.53 -46.11 52.25
N LEU C 1269 -5.91 -44.96 52.42
CA LEU C 1269 -5.83 -43.93 51.39
C LEU C 1269 -4.39 -43.79 50.93
N VAL C 1270 -4.17 -43.87 49.61
CA VAL C 1270 -2.84 -43.73 49.03
C VAL C 1270 -2.39 -42.28 49.16
N PRO C 1271 -1.09 -42.01 49.23
CA PRO C 1271 -0.63 -40.61 49.28
C PRO C 1271 -1.04 -39.84 48.05
N SER C 1272 -1.34 -38.56 48.24
CA SER C 1272 -1.77 -37.68 47.16
C SER C 1272 -0.75 -36.57 46.89
N LEU C 1273 0.53 -36.81 47.21
CA LEU C 1273 1.54 -35.78 46.99
C LEU C 1273 1.93 -35.66 45.52
N LEU C 1274 1.77 -36.74 44.74
CA LEU C 1274 2.17 -36.77 43.35
C LEU C 1274 1.00 -36.63 42.39
N ASP C 1275 -0.20 -36.34 42.90
CA ASP C 1275 -1.37 -36.29 42.04
C ASP C 1275 -1.34 -35.09 41.10
N GLU C 1276 -0.78 -33.97 41.57
CA GLU C 1276 -0.70 -32.78 40.73
C GLU C 1276 0.16 -33.03 39.50
N ILE C 1277 1.26 -33.77 39.67
CA ILE C 1277 2.14 -34.10 38.54
C ILE C 1277 1.37 -34.90 37.51
N LEU C 1278 0.61 -35.91 37.96
CA LEU C 1278 -0.17 -36.72 37.05
C LEU C 1278 -1.22 -35.89 36.32
N ALA C 1279 -1.87 -34.98 37.03
CA ALA C 1279 -2.90 -34.15 36.41
C ALA C 1279 -2.31 -33.23 35.36
N GLN C 1280 -1.16 -32.60 35.65
CA GLN C 1280 -0.51 -31.74 34.67
C GLN C 1280 -0.05 -32.55 33.46
N ALA C 1281 0.50 -33.74 33.68
CA ALA C 1281 0.90 -34.59 32.56
C ALA C 1281 -0.29 -34.96 31.70
N TYR C 1282 -1.41 -35.30 32.33
CA TYR C 1282 -2.62 -35.64 31.58
C TYR C 1282 -3.10 -34.44 30.76
N THR C 1283 -3.02 -33.24 31.35
CA THR C 1283 -3.40 -32.04 30.61
C THR C 1283 -2.53 -31.85 29.38
N LEU C 1284 -1.22 -32.02 29.54
CA LEU C 1284 -0.31 -31.85 28.40
C LEU C 1284 -0.58 -32.89 27.32
N LEU C 1285 -0.82 -34.14 27.72
CA LEU C 1285 -1.09 -35.19 26.73
C LEU C 1285 -2.38 -34.90 25.98
N ALA C 1286 -3.43 -34.48 26.68
CA ALA C 1286 -4.69 -34.16 26.01
C ALA C 1286 -4.53 -32.96 25.07
N LEU C 1287 -3.79 -31.94 25.50
CA LEU C 1287 -3.56 -30.78 24.64
C LEU C 1287 -2.80 -31.17 23.38
N GLU C 1288 -1.79 -32.02 23.51
CA GLU C 1288 -1.07 -32.50 22.33
C GLU C 1288 -1.97 -33.33 21.44
N GLY C 1289 -2.83 -34.16 22.03
CA GLY C 1289 -3.75 -34.96 21.24
C GLY C 1289 -4.75 -34.11 20.46
N LEU C 1290 -5.08 -32.94 20.99
CA LEU C 1290 -6.01 -32.06 20.27
C LEU C 1290 -5.49 -31.68 18.90
N ASN C 1291 -4.20 -31.34 18.81
CA ASN C 1291 -3.64 -30.92 17.52
C ASN C 1291 -3.29 -32.10 16.62
N GLN C 1292 -3.38 -33.33 17.12
CA GLN C 1292 -3.15 -34.53 16.32
C GLN C 1292 -4.35 -35.46 16.47
N PRO C 1293 -5.48 -35.13 15.85
CA PRO C 1293 -6.68 -35.97 16.00
C PRO C 1293 -6.53 -37.37 15.43
N SER C 1294 -5.50 -37.61 14.61
CA SER C 1294 -5.34 -38.90 13.97
C SER C 1294 -5.15 -40.01 15.01
N ASN C 1295 -4.36 -39.75 16.04
CA ASN C 1295 -4.04 -40.76 17.04
C ASN C 1295 -5.26 -41.05 17.91
N GLU C 1296 -5.41 -42.32 18.30
CA GLU C 1296 -6.51 -42.75 19.17
C GLU C 1296 -6.08 -42.95 20.61
N SER C 1297 -4.79 -43.27 20.82
CA SER C 1297 -4.26 -43.39 22.20
C SER C 1297 -4.33 -42.02 22.87
N LEU C 1298 -3.90 -40.97 22.16
CA LEU C 1298 -4.00 -39.60 22.70
C LEU C 1298 -5.48 -39.27 22.95
N GLN C 1299 -6.36 -39.73 22.07
CA GLN C 1299 -7.82 -39.47 22.22
C GLN C 1299 -8.33 -40.14 23.51
N LYS C 1300 -7.97 -41.40 23.74
CA LYS C 1300 -8.47 -42.12 24.94
C LYS C 1300 -7.86 -41.49 26.21
N VAL C 1301 -6.66 -40.92 26.09
CA VAL C 1301 -6.03 -40.24 27.26
C VAL C 1301 -7.07 -39.31 27.90
N LEU C 1302 -7.82 -38.57 27.08
CA LEU C 1302 -8.80 -37.63 27.61
C LEU C 1302 -9.71 -38.29 28.65
N GLN C 1303 -10.26 -39.45 28.30
CA GLN C 1303 -11.13 -40.15 29.25
C GLN C 1303 -10.35 -40.58 30.48
N SER C 1304 -9.12 -41.07 30.30
CA SER C 1304 -8.34 -41.51 31.45
C SER C 1304 -8.09 -40.36 32.41
N GLY C 1305 -7.70 -39.20 31.88
CA GLY C 1305 -7.52 -38.03 32.72
C GLY C 1305 -8.80 -37.57 33.37
N LEU C 1306 -9.93 -37.69 32.66
CA LEU C 1306 -11.21 -37.31 33.23
C LEU C 1306 -11.57 -38.16 34.44
N LYS C 1307 -11.41 -39.48 34.33
CA LYS C 1307 -11.67 -40.33 35.49
C LYS C 1307 -10.68 -40.04 36.61
N PHE C 1308 -9.41 -39.77 36.27
CA PHE C 1308 -8.43 -39.49 37.31
C PHE C 1308 -8.77 -38.23 38.08
N VAL C 1309 -9.22 -37.17 37.39
CA VAL C 1309 -9.51 -35.92 38.07
C VAL C 1309 -10.85 -36.00 38.80
N ALA C 1310 -11.85 -36.66 38.22
CA ALA C 1310 -13.16 -36.72 38.85
C ALA C 1310 -13.19 -37.70 40.02
N ALA C 1311 -12.34 -38.72 40.00
CA ALA C 1311 -12.30 -39.69 41.09
C ALA C 1311 -11.86 -39.07 42.40
N ARG C 1312 -11.17 -37.93 42.35
CA ARG C 1312 -10.72 -37.22 43.55
C ARG C 1312 -11.25 -35.79 43.45
N ILE C 1313 -12.47 -35.57 43.91
CA ILE C 1313 -13.05 -34.24 43.99
C ILE C 1313 -13.11 -33.82 45.45
N PRO C 1314 -12.79 -32.58 45.78
CA PRO C 1314 -12.33 -31.51 44.90
C PRO C 1314 -10.82 -31.32 44.95
N HIS C 1315 -10.07 -32.43 45.03
CA HIS C 1315 -8.62 -32.31 45.17
C HIS C 1315 -7.99 -31.70 43.93
N LEU C 1316 -8.47 -32.06 42.74
CA LEU C 1316 -7.91 -31.56 41.48
C LEU C 1316 -9.04 -30.97 40.65
N GLU C 1317 -9.42 -29.72 40.96
CA GLU C 1317 -10.49 -29.02 40.26
C GLU C 1317 -10.02 -28.27 39.01
N PRO C 1318 -8.96 -27.45 39.07
CA PRO C 1318 -8.54 -26.74 37.85
C PRO C 1318 -8.14 -27.66 36.71
N TRP C 1319 -7.53 -28.80 37.03
CA TRP C 1319 -7.23 -29.78 36.00
C TRP C 1319 -8.51 -30.37 35.41
N ARG C 1320 -9.52 -30.59 36.26
CA ARG C 1320 -10.82 -31.03 35.76
C ARG C 1320 -11.39 -30.00 34.80
N ALA C 1321 -11.25 -28.72 35.13
CA ALA C 1321 -11.75 -27.67 34.24
C ALA C 1321 -11.00 -27.64 32.91
N SER C 1322 -9.67 -27.81 32.96
CA SER C 1322 -8.90 -27.86 31.72
C SER C 1322 -9.34 -29.02 30.85
N LEU C 1323 -9.50 -30.20 31.45
CA LEU C 1323 -9.93 -31.36 30.68
C LEU C 1323 -11.36 -31.21 30.18
N LEU C 1324 -12.23 -30.54 30.94
CA LEU C 1324 -13.60 -30.31 30.47
C LEU C 1324 -13.62 -29.35 29.28
N LEU C 1325 -12.79 -28.30 29.32
CA LEU C 1325 -12.70 -27.40 28.17
C LEU C 1325 -12.16 -28.14 26.96
N ILE C 1326 -11.17 -29.01 27.17
CA ILE C 1326 -10.65 -29.83 26.08
C ILE C 1326 -11.75 -30.72 25.52
N TRP C 1327 -12.56 -31.31 26.39
CA TRP C 1327 -13.65 -32.19 25.96
C TRP C 1327 -14.67 -31.42 25.13
N ALA C 1328 -15.02 -30.22 25.58
CA ALA C 1328 -16.01 -29.43 24.84
C ALA C 1328 -15.48 -28.98 23.49
N LEU C 1329 -14.23 -28.50 23.43
CA LEU C 1329 -13.66 -28.13 22.15
C LEU C 1329 -13.49 -29.35 21.24
N THR C 1330 -13.28 -30.54 21.82
CA THR C 1330 -13.24 -31.76 21.01
C THR C 1330 -14.59 -32.06 20.40
N LYS C 1331 -15.66 -31.97 21.21
CA LYS C 1331 -17.00 -32.19 20.68
C LYS C 1331 -17.43 -31.09 19.72
N LEU C 1332 -16.77 -29.93 19.75
CA LEU C 1332 -17.09 -28.86 18.81
C LEU C 1332 -16.81 -29.30 17.37
N GLY C 1333 -15.64 -29.87 17.13
CA GLY C 1333 -15.29 -30.32 15.80
C GLY C 1333 -15.49 -31.81 15.60
N THR C 1340 -21.86 -25.97 9.24
CA THR C 1340 -21.18 -24.78 9.76
C THR C 1340 -21.04 -24.85 11.28
N GLN C 1341 -20.49 -23.80 11.86
CA GLN C 1341 -20.33 -23.74 13.31
C GLN C 1341 -21.70 -23.66 13.99
N LEU C 1342 -21.86 -24.45 15.06
CA LEU C 1342 -23.12 -24.43 15.80
C LEU C 1342 -23.32 -23.11 16.55
N PHE C 1343 -22.27 -22.28 16.65
CA PHE C 1343 -22.42 -21.00 17.32
C PHE C 1343 -23.35 -20.07 16.55
N ALA C 1344 -23.28 -20.08 15.22
CA ALA C 1344 -24.07 -19.16 14.41
C ALA C 1344 -25.56 -19.30 14.68
N SER C 1345 -26.01 -20.51 15.03
CA SER C 1345 -27.40 -20.74 15.40
C SER C 1345 -27.71 -20.27 16.82
N SER C 1346 -26.76 -19.64 17.50
CA SER C 1346 -26.96 -19.12 18.84
C SER C 1346 -26.93 -17.59 18.93
N TRP C 1347 -26.35 -16.92 17.93
CA TRP C 1347 -26.44 -15.48 17.81
C TRP C 1347 -27.52 -15.16 16.77
N GLY C 1348 -27.68 -13.87 16.45
CA GLY C 1348 -28.70 -13.47 15.52
C GLY C 1348 -28.20 -13.13 14.13
N TRP C 1349 -26.94 -13.45 13.83
CA TRP C 1349 -26.32 -13.02 12.59
C TRP C 1349 -25.25 -14.00 12.16
N GLN C 1350 -25.05 -14.11 10.85
CA GLN C 1350 -23.94 -14.85 10.27
C GLN C 1350 -23.29 -14.02 9.19
N PRO C 1351 -22.01 -14.25 8.90
CA PRO C 1351 -21.32 -13.47 7.86
C PRO C 1351 -21.99 -13.65 6.51
N PRO C 1352 -22.06 -12.58 5.70
CA PRO C 1352 -22.64 -12.63 4.35
C PRO C 1352 -21.86 -13.54 3.41
N SER C 1584 -29.08 -31.54 22.28
CA SER C 1584 -28.11 -31.72 21.22
C SER C 1584 -26.68 -31.75 21.75
N THR C 1585 -25.71 -31.88 20.85
CA THR C 1585 -24.31 -31.85 21.24
C THR C 1585 -23.95 -30.50 21.85
N LEU C 1586 -24.41 -29.41 21.23
CA LEU C 1586 -24.18 -28.08 21.78
C LEU C 1586 -24.82 -27.93 23.16
N ASP C 1587 -26.01 -28.52 23.34
CA ASP C 1587 -26.72 -28.42 24.61
C ASP C 1587 -25.91 -29.06 25.74
N SER C 1588 -25.32 -30.23 25.47
CA SER C 1588 -24.49 -30.88 26.49
C SER C 1588 -23.17 -30.13 26.67
N ILE C 1589 -22.65 -29.55 25.58
CA ILE C 1589 -21.39 -28.80 25.68
C ILE C 1589 -21.55 -27.63 26.62
N CYS C 1590 -22.66 -26.91 26.50
CA CYS C 1590 -22.89 -25.76 27.37
C CYS C 1590 -23.01 -26.18 28.83
N ASP C 1591 -23.67 -27.31 29.09
CA ASP C 1591 -23.76 -27.81 30.47
C ASP C 1591 -22.40 -28.18 31.02
N SER C 1592 -21.56 -28.84 30.22
CA SER C 1592 -20.24 -29.22 30.70
C SER C 1592 -19.39 -27.98 30.98
N LEU C 1593 -19.48 -26.96 30.12
CA LEU C 1593 -18.78 -25.71 30.39
C LEU C 1593 -19.32 -25.04 31.65
N SER C 1594 -20.63 -25.14 31.88
CA SER C 1594 -21.20 -24.60 33.11
C SER C 1594 -20.64 -25.31 34.34
N VAL C 1595 -20.48 -26.63 34.25
CA VAL C 1595 -19.92 -27.39 35.38
C VAL C 1595 -18.48 -26.96 35.63
N ALA C 1596 -17.70 -26.83 34.55
CA ALA C 1596 -16.29 -26.40 34.67
C ALA C 1596 -16.24 -25.00 35.28
N PHE C 1597 -17.15 -24.12 34.85
CA PHE C 1597 -17.17 -22.73 35.36
C PHE C 1597 -17.31 -22.77 36.88
N ARG C 1598 -18.30 -23.53 37.38
CA ARG C 1598 -18.48 -23.67 38.85
C ARG C 1598 -17.19 -24.22 39.45
N GLY C 1599 -16.59 -25.22 38.81
CA GLY C 1599 -15.37 -25.85 39.36
C GLY C 1599 -14.25 -24.87 39.59
N ILE C 1600 -14.15 -23.79 38.81
CA ILE C 1600 -12.99 -22.92 38.98
C ILE C 1600 -13.35 -21.46 39.20
N SER C 1601 -14.64 -21.08 39.23
CA SER C 1601 -14.98 -19.66 39.29
C SER C 1601 -14.38 -18.98 40.51
N HIS C 1602 -14.33 -19.68 41.64
CA HIS C 1602 -13.88 -19.05 42.88
C HIS C 1602 -12.41 -18.66 42.82
N CYS C 1603 -11.58 -19.49 42.18
CA CYS C 1603 -10.15 -19.19 42.01
C CYS C 1603 -9.72 -19.69 40.64
N PRO C 1604 -9.96 -18.92 39.60
CA PRO C 1604 -9.77 -19.42 38.24
C PRO C 1604 -8.37 -19.14 37.73
N PRO C 1605 -7.73 -20.13 37.10
CA PRO C 1605 -6.55 -19.82 36.29
C PRO C 1605 -6.92 -18.87 35.15
N SER C 1606 -6.03 -17.92 34.87
CA SER C 1606 -6.34 -16.87 33.84
C SER C 1606 -6.67 -17.50 32.48
N GLY C 1607 -5.70 -18.13 31.82
CA GLY C 1607 -5.93 -18.66 30.47
C GLY C 1607 -7.15 -19.57 30.42
N LEU C 1608 -7.25 -20.51 31.37
CA LEU C 1608 -8.38 -21.48 31.36
C LEU C 1608 -9.71 -20.73 31.42
N TYR C 1609 -9.84 -19.77 32.34
CA TYR C 1609 -11.11 -19.03 32.51
C TYR C 1609 -11.44 -18.30 31.21
N ALA C 1610 -10.45 -17.59 30.64
CA ALA C 1610 -10.70 -16.80 29.42
C ALA C 1610 -11.18 -17.71 28.29
N HIS C 1611 -10.51 -18.85 28.09
CA HIS C 1611 -10.92 -19.81 27.04
C HIS C 1611 -12.35 -20.29 27.34
N LEU C 1612 -12.61 -20.67 28.59
CA LEU C 1612 -13.94 -21.21 28.97
C LEU C 1612 -15.01 -20.13 28.77
N CYS C 1613 -14.87 -18.98 29.43
CA CYS C 1613 -15.90 -17.96 29.35
C CYS C 1613 -16.27 -17.67 27.90
N ARG C 1614 -15.28 -17.49 27.04
CA ARG C 1614 -15.59 -17.13 25.67
C ARG C 1614 -16.17 -18.30 24.89
N PHE C 1615 -15.75 -19.54 25.20
CA PHE C 1615 -16.34 -20.70 24.54
C PHE C 1615 -17.79 -20.91 24.96
N LEU C 1616 -18.10 -20.66 26.25
CA LEU C 1616 -19.48 -20.69 26.68
C LEU C 1616 -20.29 -19.61 26.00
N ALA C 1617 -19.70 -18.43 25.81
CA ALA C 1617 -20.37 -17.38 25.06
C ALA C 1617 -20.64 -17.83 23.63
N LEU C 1618 -19.69 -18.53 23.02
CA LEU C 1618 -19.90 -19.04 21.67
C LEU C 1618 -21.07 -20.02 21.65
N CYS C 1619 -21.13 -20.93 22.60
CA CYS C 1619 -22.19 -21.94 22.60
C CYS C 1619 -23.54 -21.38 23.04
N LEU C 1620 -23.57 -20.18 23.62
CA LEU C 1620 -24.82 -19.59 24.08
C LEU C 1620 -25.36 -18.53 23.12
N GLY C 1621 -24.57 -17.50 22.81
CA GLY C 1621 -25.03 -16.47 21.90
C GLY C 1621 -26.18 -15.68 22.47
N HIS C 1622 -27.16 -15.36 21.63
CA HIS C 1622 -28.34 -14.61 22.03
C HIS C 1622 -29.43 -15.48 22.64
N ARG C 1623 -29.12 -16.75 22.93
CA ARG C 1623 -30.09 -17.60 23.63
C ARG C 1623 -30.42 -17.03 25.00
N ASP C 1624 -29.45 -16.37 25.63
CA ASP C 1624 -29.61 -15.72 26.93
C ASP C 1624 -28.64 -14.56 26.95
N PRO C 1625 -29.02 -13.42 26.35
CA PRO C 1625 -28.05 -12.35 26.08
C PRO C 1625 -27.29 -11.89 27.32
N TYR C 1626 -27.99 -11.87 28.45
CA TYR C 1626 -27.34 -11.52 29.70
C TYR C 1626 -26.22 -12.50 30.03
N ALA C 1627 -26.47 -13.80 29.84
CA ALA C 1627 -25.43 -14.79 30.10
C ALA C 1627 -24.22 -14.59 29.20
N THR C 1628 -24.46 -14.32 27.92
CA THR C 1628 -23.36 -14.13 26.97
C THR C 1628 -22.52 -12.92 27.35
N ALA C 1629 -23.18 -11.81 27.71
CA ALA C 1629 -22.44 -10.63 28.12
C ALA C 1629 -21.63 -10.90 29.38
N PHE C 1630 -22.23 -11.57 30.35
CA PHE C 1630 -21.52 -11.96 31.56
C PHE C 1630 -20.25 -12.73 31.23
N LEU C 1631 -20.40 -13.77 30.40
CA LEU C 1631 -19.27 -14.64 30.10
C LEU C 1631 -18.18 -13.87 29.36
N VAL C 1632 -18.56 -13.04 28.39
CA VAL C 1632 -17.56 -12.32 27.62
C VAL C 1632 -16.78 -11.36 28.52
N THR C 1633 -17.48 -10.63 29.39
CA THR C 1633 -16.79 -9.69 30.27
C THR C 1633 -16.07 -10.36 31.42
N GLU C 1634 -16.27 -11.67 31.61
CA GLU C 1634 -15.56 -12.45 32.62
C GLU C 1634 -14.34 -13.15 32.05
N SER C 1635 -13.91 -12.78 30.84
CA SER C 1635 -12.81 -13.45 30.17
C SER C 1635 -11.63 -12.52 29.85
N VAL C 1636 -11.57 -11.34 30.46
CA VAL C 1636 -10.52 -10.37 30.18
C VAL C 1636 -9.93 -9.88 31.48
N SER C 1637 -8.60 -9.86 31.56
CA SER C 1637 -7.86 -9.26 32.67
C SER C 1637 -8.20 -9.93 34.01
N ILE C 1638 -7.82 -11.20 34.10
CA ILE C 1638 -8.10 -11.96 35.31
C ILE C 1638 -6.93 -11.89 36.30
N THR C 1639 -5.70 -12.02 35.80
CA THR C 1639 -4.54 -11.85 36.67
C THR C 1639 -4.49 -10.44 37.25
N CYS C 1640 -4.95 -9.46 36.47
CA CYS C 1640 -5.12 -8.11 36.97
C CYS C 1640 -6.01 -8.10 38.21
N ARG C 1641 -7.10 -8.86 38.18
CA ARG C 1641 -8.04 -8.89 39.30
C ARG C 1641 -7.46 -9.63 40.49
N HIS C 1642 -6.72 -10.72 40.24
CA HIS C 1642 -6.00 -11.39 41.33
C HIS C 1642 -5.06 -10.42 42.05
N GLN C 1643 -4.24 -9.71 41.27
CA GLN C 1643 -3.30 -8.77 41.86
C GLN C 1643 -4.02 -7.66 42.59
N LEU C 1644 -5.17 -7.21 42.07
CA LEU C 1644 -5.89 -6.14 42.76
C LEU C 1644 -6.46 -6.62 44.08
N LEU C 1645 -6.99 -7.84 44.14
CA LEU C 1645 -7.47 -8.36 45.41
C LEU C 1645 -6.34 -8.48 46.44
N THR C 1646 -5.18 -8.99 46.01
CA THR C 1646 -4.05 -9.10 46.95
C THR C 1646 -3.61 -7.71 47.42
N HIS C 1647 -3.53 -6.75 46.50
CA HIS C 1647 -3.17 -5.39 46.86
C HIS C 1647 -4.19 -4.79 47.83
N LEU C 1648 -5.46 -5.08 47.62
CA LEU C 1648 -6.50 -4.58 48.51
C LEU C 1648 -6.38 -5.17 49.90
N HIS C 1649 -6.02 -6.45 50.00
CA HIS C 1649 -5.79 -7.04 51.32
C HIS C 1649 -4.64 -6.36 52.02
N ARG C 1650 -3.56 -6.07 51.28
CA ARG C 1650 -2.47 -5.32 51.89
C ARG C 1650 -2.94 -3.95 52.37
N GLN C 1651 -3.76 -3.28 51.55
CA GLN C 1651 -4.28 -1.96 51.89
C GLN C 1651 -5.07 -2.00 53.19
N LEU C 1652 -5.98 -2.97 53.32
CA LEU C 1652 -6.78 -3.08 54.54
C LEU C 1652 -5.92 -3.48 55.73
N SER C 1653 -4.92 -4.33 55.51
CA SER C 1653 -4.05 -4.74 56.61
C SER C 1653 -3.28 -3.54 57.17
N LYS C 1654 -2.79 -2.67 56.30
CA LYS C 1654 -2.12 -1.47 56.80
C LYS C 1654 -3.12 -0.33 56.92
N GLN C 1656 -6.09 -0.73 59.05
CA GLN C 1656 -6.43 -1.36 60.32
C GLN C 1656 -5.24 -1.37 61.26
N ASP C 1679 -12.21 3.30 53.78
CA ASP C 1679 -12.49 2.03 54.43
C ASP C 1679 -13.75 1.40 53.86
N VAL C 1680 -14.87 2.15 53.89
CA VAL C 1680 -16.09 1.69 53.23
C VAL C 1680 -15.89 1.49 51.73
N PRO C 1681 -15.28 2.44 50.99
CA PRO C 1681 -14.97 2.14 49.59
C PRO C 1681 -14.10 0.90 49.43
N LEU C 1682 -13.15 0.70 50.35
CA LEU C 1682 -12.33 -0.50 50.29
C LEU C 1682 -13.19 -1.76 50.39
N ALA C 1683 -14.13 -1.77 51.35
CA ALA C 1683 -14.97 -2.95 51.54
C ALA C 1683 -15.86 -3.22 50.32
N ARG C 1684 -16.45 -2.16 49.76
CA ARG C 1684 -17.28 -2.39 48.59
C ARG C 1684 -16.46 -2.85 47.40
N ILE C 1685 -15.22 -2.37 47.29
CA ILE C 1685 -14.34 -2.85 46.22
C ILE C 1685 -14.01 -4.32 46.42
N GLN C 1686 -13.80 -4.74 47.67
CA GLN C 1686 -13.61 -6.17 47.94
C GLN C 1686 -14.82 -6.96 47.47
N ARG C 1687 -16.03 -6.48 47.78
CA ARG C 1687 -17.23 -7.18 47.34
C ARG C 1687 -17.32 -7.23 45.81
N LEU C 1688 -16.93 -6.14 45.15
CA LEU C 1688 -16.98 -6.11 43.69
C LEU C 1688 -16.01 -7.11 43.07
N PHE C 1689 -14.79 -7.19 43.60
CA PHE C 1689 -13.76 -8.03 43.00
C PHE C 1689 -13.78 -9.46 43.52
N SER C 1690 -14.49 -9.72 44.62
CA SER C 1690 -14.58 -11.07 45.16
C SER C 1690 -15.15 -12.03 44.13
N PHE C 1691 -14.53 -13.20 44.01
CA PHE C 1691 -15.00 -14.22 43.08
C PHE C 1691 -16.17 -15.03 43.63
N ARG C 1692 -16.67 -14.69 44.82
CA ARG C 1692 -17.72 -15.48 45.45
C ARG C 1692 -18.83 -14.64 46.06
N ALA C 1693 -18.81 -13.32 45.87
CA ALA C 1693 -19.79 -12.43 46.50
C ALA C 1693 -21.08 -12.48 45.71
N LEU C 1694 -21.90 -13.50 45.97
CA LEU C 1694 -23.16 -13.69 45.27
C LEU C 1694 -24.00 -14.72 46.02
N GLU C 1695 -25.30 -14.71 45.73
CA GLU C 1695 -26.21 -15.69 46.30
C GLU C 1695 -26.06 -17.03 45.59
N SER C 1696 -26.33 -18.11 46.32
CA SER C 1696 -26.22 -19.48 45.73
C SER C 1696 -27.47 -19.80 44.91
N GLY C 1697 -27.41 -20.85 44.09
CA GLY C 1697 -28.57 -21.25 43.25
C GLY C 1697 -28.15 -22.12 42.09
N HIS C 1698 -28.88 -22.05 40.97
CA HIS C 1698 -28.56 -22.87 39.77
C HIS C 1698 -27.48 -22.16 38.94
N PHE C 1699 -27.64 -22.13 37.62
CA PHE C 1699 -26.67 -21.40 36.75
C PHE C 1699 -26.93 -19.88 36.85
N PRO C 1700 -28.17 -19.36 36.68
CA PRO C 1700 -28.39 -17.92 36.70
C PRO C 1700 -27.98 -17.25 38.00
N GLN C 1701 -28.43 -17.79 39.14
CA GLN C 1701 -28.14 -17.14 40.45
C GLN C 1701 -26.63 -16.86 40.58
N PRO C 1702 -25.73 -17.86 40.42
CA PRO C 1702 -24.30 -17.59 40.48
C PRO C 1702 -23.71 -16.92 39.24
N GLU C 1703 -24.37 -17.04 38.08
CA GLU C 1703 -23.78 -16.49 36.83
C GLU C 1703 -24.62 -15.32 36.30
N LYS C 1704 -25.74 -15.60 35.64
CA LYS C 1704 -26.55 -14.52 35.00
C LYS C 1704 -26.94 -13.46 36.04
N GLU C 1705 -27.32 -13.86 37.26
CA GLU C 1705 -27.75 -12.88 38.28
C GLU C 1705 -26.54 -12.06 38.74
N SER C 1706 -25.57 -12.69 39.42
CA SER C 1706 -24.32 -11.98 39.81
C SER C 1706 -23.97 -11.01 38.69
N PHE C 1707 -24.05 -11.47 37.44
CA PHE C 1707 -23.83 -10.61 36.28
C PHE C 1707 -24.74 -9.41 36.32
N GLN C 1708 -26.05 -9.63 36.34
CA GLN C 1708 -26.98 -8.51 36.32
C GLN C 1708 -26.77 -7.60 37.52
N GLU C 1709 -26.45 -8.17 38.68
CA GLU C 1709 -26.15 -7.33 39.84
C GLU C 1709 -24.99 -6.39 39.54
N ARG C 1710 -23.97 -6.88 38.84
CA ARG C 1710 -22.87 -6.03 38.41
C ARG C 1710 -23.23 -5.12 37.24
N LEU C 1711 -24.14 -5.56 36.37
CA LEU C 1711 -24.45 -4.87 35.13
C LEU C 1711 -25.34 -3.67 35.37
N ALA C 1712 -26.07 -3.67 36.49
CA ALA C 1712 -26.91 -2.53 36.84
C ALA C 1712 -26.11 -1.37 37.43
N LEU C 1713 -24.79 -1.33 37.18
CA LEU C 1713 -23.89 -0.40 37.82
C LEU C 1713 -23.16 0.54 36.87
N ILE C 1714 -23.36 0.41 35.56
CA ILE C 1714 -22.59 1.24 34.62
C ILE C 1714 -22.96 2.70 34.83
N PRO C 1715 -21.99 3.62 34.86
CA PRO C 1715 -22.34 5.05 34.92
C PRO C 1715 -23.15 5.45 33.69
N SER C 1716 -24.18 6.26 33.91
CA SER C 1716 -25.10 6.60 32.82
C SER C 1716 -24.43 7.55 31.84
N GLY C 1717 -24.37 7.14 30.58
CA GLY C 1717 -23.82 7.99 29.54
C GLY C 1717 -22.51 7.52 28.96
N VAL C 1718 -22.06 6.33 29.36
CA VAL C 1718 -20.79 5.77 28.90
C VAL C 1718 -21.03 4.36 28.38
N THR C 1719 -20.43 4.07 27.24
CA THR C 1719 -20.54 2.77 26.57
C THR C 1719 -19.32 1.92 26.91
N VAL C 1720 -19.58 0.64 27.19
CA VAL C 1720 -18.52 -0.29 27.57
C VAL C 1720 -18.50 -1.45 26.58
N CYS C 1721 -17.59 -1.40 25.62
CA CYS C 1721 -17.48 -2.48 24.66
C CYS C 1721 -16.29 -3.38 24.99
N VAL C 1722 -16.44 -4.66 24.67
CA VAL C 1722 -15.40 -5.66 24.87
C VAL C 1722 -15.10 -6.31 23.53
N LEU C 1723 -13.82 -6.38 23.17
CA LEU C 1723 -13.39 -6.99 21.92
C LEU C 1723 -12.50 -8.19 22.26
N ALA C 1724 -13.12 -9.33 22.50
CA ALA C 1724 -12.40 -10.53 22.90
C ALA C 1724 -12.22 -11.44 21.71
N LEU C 1725 -10.96 -11.79 21.41
CA LEU C 1725 -10.66 -12.67 20.30
C LEU C 1725 -10.95 -14.10 20.72
N ALA C 1726 -12.06 -14.65 20.23
CA ALA C 1726 -12.42 -16.02 20.56
C ALA C 1726 -11.38 -16.98 20.01
N THR C 1727 -10.96 -17.93 20.84
CA THR C 1727 -9.90 -18.85 20.47
C THR C 1727 -10.46 -20.01 19.66
N LEU C 1728 -9.56 -20.89 19.21
CA LEU C 1728 -9.94 -22.09 18.48
C LEU C 1728 -9.28 -23.29 19.11
N GLN C 1729 -8.16 -23.06 19.80
CA GLN C 1729 -7.39 -24.08 20.50
C GLN C 1729 -6.53 -23.39 21.55
N PRO C 1730 -6.52 -23.88 22.78
CA PRO C 1730 -5.74 -23.21 23.84
C PRO C 1730 -4.27 -23.02 23.49
N GLY C 1731 -3.86 -21.76 23.33
CA GLY C 1731 -2.47 -21.46 23.03
C GLY C 1731 -2.31 -20.58 21.81
N THR C 1732 -3.15 -20.78 20.79
CA THR C 1732 -3.02 -20.06 19.54
C THR C 1732 -4.09 -18.98 19.42
N VAL C 1733 -3.79 -17.99 18.56
CA VAL C 1733 -4.75 -16.93 18.30
C VAL C 1733 -5.86 -17.46 17.39
N GLY C 1734 -7.10 -17.22 17.79
CA GLY C 1734 -8.25 -17.71 17.06
C GLY C 1734 -8.71 -16.76 15.97
N ASN C 1735 -9.73 -17.21 15.23
CA ASN C 1735 -10.25 -16.47 14.09
C ASN C 1735 -11.72 -16.08 14.28
N THR C 1736 -12.20 -16.05 15.51
CA THR C 1736 -13.51 -15.54 15.85
C THR C 1736 -13.36 -14.40 16.86
N LEU C 1737 -14.18 -13.37 16.72
CA LEU C 1737 -14.12 -12.21 17.59
C LEU C 1737 -15.49 -11.95 18.18
N LEU C 1738 -15.52 -11.62 19.48
CA LEU C 1738 -16.82 -11.39 20.19
C LEU C 1738 -16.93 -9.92 20.57
N LEU C 1739 -18.13 -9.34 20.45
CA LEU C 1739 -18.33 -7.90 20.77
C LEU C 1739 -19.61 -7.76 21.62
N THR C 1740 -19.51 -7.12 22.79
CA THR C 1740 -20.69 -6.93 23.66
C THR C 1740 -20.82 -5.46 24.02
N ARG C 1741 -21.87 -4.80 23.55
CA ARG C 1741 -22.09 -3.40 23.90
C ARG C 1741 -22.98 -3.34 25.13
N LEU C 1742 -22.34 -3.15 26.29
CA LEU C 1742 -23.07 -3.03 27.55
C LEU C 1742 -23.32 -1.57 27.86
N GLU C 1743 -24.55 -1.26 28.23
CA GLU C 1743 -24.92 0.11 28.57
C GLU C 1743 -26.08 0.08 29.56
N LYS C 1744 -26.27 1.21 30.24
CA LYS C 1744 -27.39 1.32 31.18
C LYS C 1744 -28.72 1.28 30.44
N ASP C 1745 -29.71 0.64 31.05
CA ASP C 1745 -31.06 0.53 30.44
C ASP C 1745 -30.92 -0.02 29.01
N SER C 1746 -29.81 -0.73 28.74
CA SER C 1746 -29.60 -1.32 27.39
C SER C 1746 -29.36 -2.83 27.52
N PRO C 1747 -30.25 -3.69 26.98
CA PRO C 1747 -30.02 -5.13 27.03
C PRO C 1747 -28.76 -5.49 26.27
N PRO C 1748 -27.99 -6.50 26.72
CA PRO C 1748 -26.73 -6.83 26.08
C PRO C 1748 -26.86 -7.16 24.61
N VAL C 1749 -26.12 -6.43 23.76
CA VAL C 1749 -26.11 -6.74 22.30
C VAL C 1749 -24.76 -7.40 21.98
N SER C 1750 -24.75 -8.70 21.68
CA SER C 1750 -23.50 -9.40 21.48
C SER C 1750 -23.59 -10.22 20.19
N VAL C 1751 -22.50 -10.22 19.43
CA VAL C 1751 -22.47 -10.86 18.13
C VAL C 1751 -21.09 -11.46 17.85
N GLN C 1752 -20.94 -12.09 16.70
CA GLN C 1752 -19.63 -12.64 16.30
C GLN C 1752 -19.18 -11.91 15.04
N ILE C 1753 -17.87 -11.87 14.77
CA ILE C 1753 -17.40 -11.26 13.49
C ILE C 1753 -16.32 -12.19 12.92
N PRO C 1754 -16.65 -13.43 12.50
CA PRO C 1754 -15.65 -14.38 12.03
C PRO C 1754 -14.86 -13.78 10.87
N THR C 1755 -13.53 -13.80 10.97
CA THR C 1755 -12.67 -13.24 9.90
C THR C 1755 -11.91 -14.36 9.24
N GLY C 1756 -12.14 -15.61 9.65
CA GLY C 1756 -11.49 -16.74 9.03
C GLY C 1756 -12.04 -17.12 7.69
N GLN C 1757 -13.14 -16.48 7.26
CA GLN C 1757 -13.74 -16.72 5.95
C GLN C 1757 -13.47 -15.59 4.97
N ASN C 1758 -12.78 -14.54 5.41
CA ASN C 1758 -12.49 -13.39 4.58
C ASN C 1758 -11.06 -13.44 4.06
N LYS C 1759 -10.63 -12.37 3.39
CA LYS C 1759 -9.30 -12.29 2.80
C LYS C 1759 -8.21 -11.90 3.79
N LEU C 1760 -8.52 -11.02 4.74
CA LEU C 1760 -7.53 -10.59 5.73
C LEU C 1760 -7.89 -11.25 7.05
N HIS C 1761 -7.39 -12.46 7.26
CA HIS C 1761 -7.73 -13.21 8.46
C HIS C 1761 -7.15 -12.54 9.70
N LEU C 1762 -7.75 -12.86 10.85
CA LEU C 1762 -7.38 -12.21 12.10
C LEU C 1762 -5.95 -12.49 12.52
N ARG C 1763 -5.31 -13.51 11.96
CA ARG C 1763 -3.89 -13.74 12.20
C ARG C 1763 -2.99 -13.01 11.21
N SER C 1764 -3.50 -12.69 10.01
CA SER C 1764 -2.70 -11.93 9.06
C SER C 1764 -2.33 -10.56 9.60
N VAL C 1765 -3.29 -9.87 10.21
CA VAL C 1765 -3.03 -8.56 10.79
C VAL C 1765 -2.05 -8.67 11.95
N LEU C 1766 -2.26 -9.64 12.84
CA LEU C 1766 -1.44 -9.81 14.02
C LEU C 1766 -0.03 -10.33 13.71
N ASN C 1767 0.17 -10.92 12.53
CA ASN C 1767 1.50 -11.26 12.07
C ASN C 1767 2.17 -10.14 11.29
N GLU C 1768 1.41 -9.35 10.54
CA GLU C 1768 1.96 -8.17 9.90
C GLU C 1768 2.42 -7.12 10.90
N PHE C 1769 1.73 -7.00 12.04
CA PHE C 1769 2.21 -6.12 13.09
C PHE C 1769 3.60 -6.53 13.56
N ASP C 1770 3.79 -7.83 13.83
CA ASP C 1770 5.08 -8.32 14.28
C ASP C 1770 6.14 -8.18 13.20
N ALA C 1771 5.77 -8.38 11.94
CA ALA C 1771 6.71 -8.20 10.84
C ALA C 1771 7.19 -6.75 10.76
N ILE C 1772 6.27 -5.79 10.90
CA ILE C 1772 6.66 -4.39 10.90
C ILE C 1772 7.54 -4.08 12.09
N GLN C 1773 7.25 -4.67 13.25
CA GLN C 1773 8.07 -4.42 14.43
C GLN C 1773 9.50 -4.93 14.21
N LYS C 1774 9.65 -6.13 13.65
CA LYS C 1774 10.98 -6.64 13.37
C LYS C 1774 11.70 -5.80 12.32
N ALA C 1775 10.97 -5.33 11.30
CA ALA C 1775 11.58 -4.47 10.31
C ALA C 1775 12.09 -3.18 10.93
N GLN C 1776 11.32 -2.60 11.84
CA GLN C 1776 11.76 -1.39 12.53
C GLN C 1776 13.01 -1.66 13.37
N LYS C 1777 13.02 -2.78 14.10
CA LYS C 1777 14.17 -3.10 14.97
C LYS C 1777 15.42 -3.31 14.09
N GLU C 1778 15.24 -3.89 12.91
CA GLU C 1778 16.37 -4.11 12.02
C GLU C 1778 16.88 -2.80 11.44
N ASN C 1779 15.97 -1.94 10.98
CA ASN C 1779 16.37 -0.66 10.40
C ASN C 1779 16.93 0.31 11.44
N SER C 1780 16.71 0.04 12.73
CA SER C 1780 17.14 0.98 13.76
C SER C 1780 18.65 1.20 13.77
N SER C 1781 19.44 0.33 13.13
CA SER C 1781 20.89 0.44 13.17
C SER C 1781 21.49 0.65 11.77
N CYS C 1782 20.79 1.39 10.92
CA CYS C 1782 21.30 1.67 9.55
C CYS C 1782 21.93 3.07 9.52
N THR C 1783 23.07 3.21 8.85
CA THR C 1783 23.77 4.52 8.82
C THR C 1783 23.33 5.30 7.61
N ASP C 1784 23.32 4.68 6.42
CA ASP C 1784 22.98 5.44 5.19
C ASP C 1784 21.65 6.17 5.38
N LYS C 1785 21.62 7.48 5.17
CA LYS C 1785 20.32 8.22 5.27
C LYS C 1785 19.37 7.69 4.18
N ARG C 1786 19.89 7.39 2.99
CA ARG C 1786 19.03 6.92 1.88
C ARG C 1786 18.37 5.60 2.28
N GLU C 1787 19.12 4.68 2.88
CA GLU C 1787 18.57 3.35 3.25
C GLU C 1787 17.61 3.51 4.43
N TRP C 1788 18.00 4.26 5.46
CA TRP C 1788 17.16 4.40 6.66
C TRP C 1788 15.81 5.04 6.29
N TRP C 1789 15.84 6.15 5.55
CA TRP C 1789 14.58 6.87 5.25
C TRP C 1789 13.68 6.01 4.34
N THR C 1790 14.28 5.22 3.47
CA THR C 1790 13.48 4.32 2.60
C THR C 1790 12.70 3.36 3.48
N GLY C 1791 13.34 2.80 4.50
CA GLY C 1791 12.67 1.84 5.37
C GLY C 1791 11.53 2.46 6.17
N ARG C 1792 11.74 3.65 6.71
CA ARG C 1792 10.69 4.31 7.46
C ARG C 1792 9.47 4.60 6.59
N LEU C 1793 9.69 5.07 5.37
CA LEU C 1793 8.61 5.41 4.45
C LEU C 1793 7.97 4.18 3.82
N ALA C 1794 8.64 3.02 3.87
CA ALA C 1794 8.03 1.77 3.47
C ALA C 1794 7.27 1.09 4.59
N LEU C 1795 7.57 1.42 5.85
CA LEU C 1795 6.81 0.91 6.98
C LEU C 1795 5.60 1.74 7.34
N ASP C 1796 5.67 3.06 7.16
CA ASP C 1796 4.51 3.90 7.43
C ASP C 1796 3.34 3.52 6.54
N HIS C 1797 3.60 3.24 5.27
CA HIS C 1797 2.53 2.84 4.36
C HIS C 1797 1.90 1.53 4.80
N ARG C 1798 2.70 0.58 5.26
CA ARG C 1798 2.15 -0.69 5.71
C ARG C 1798 1.29 -0.52 6.95
N MET C 1799 1.73 0.33 7.89
CA MET C 1799 0.90 0.56 9.07
C MET C 1799 -0.40 1.29 8.70
N GLU C 1800 -0.34 2.22 7.75
CA GLU C 1800 -1.56 2.87 7.27
C GLU C 1800 -2.50 1.87 6.63
N VAL C 1801 -1.95 0.92 5.87
CA VAL C 1801 -2.78 -0.14 5.28
C VAL C 1801 -3.44 -0.95 6.38
N LEU C 1802 -2.68 -1.30 7.42
CA LEU C 1802 -3.20 -2.15 8.49
C LEU C 1802 -4.33 -1.48 9.26
N ILE C 1803 -4.17 -0.19 9.60
CA ILE C 1803 -5.20 0.48 10.46
C ILE C 1803 -6.56 0.47 9.75
N ALA C 1804 -6.55 0.45 8.41
CA ALA C 1804 -7.82 0.49 7.65
C ALA C 1804 -8.30 -0.94 7.43
N SER C 1805 -7.39 -1.91 7.48
CA SER C 1805 -7.83 -3.32 7.37
C SER C 1805 -8.84 -3.62 8.48
N LEU C 1806 -8.51 -3.22 9.71
CA LEU C 1806 -9.39 -3.48 10.88
C LEU C 1806 -10.80 -2.95 10.59
N GLU C 1807 -10.92 -1.79 9.95
CA GLU C 1807 -12.24 -1.19 9.68
C GLU C 1807 -12.83 -1.85 8.43
N LYS C 1808 -11.97 -2.22 7.48
CA LYS C 1808 -12.52 -2.76 6.24
C LYS C 1808 -12.84 -4.25 6.33
N SER C 1809 -12.00 -5.03 7.04
CA SER C 1809 -12.20 -6.50 7.05
C SER C 1809 -12.73 -7.10 8.36
N VAL C 1810 -12.16 -6.78 9.54
CA VAL C 1810 -12.51 -7.47 10.82
C VAL C 1810 -13.85 -7.07 11.47
N LEU C 1811 -14.04 -5.76 11.72
CA LEU C 1811 -15.29 -5.28 12.35
C LEU C 1811 -16.42 -5.44 11.33
N GLY C 1812 -16.17 -5.08 10.08
CA GLY C 1812 -17.17 -5.26 9.02
C GLY C 1812 -18.41 -4.42 9.28
N CYS C 1813 -19.59 -5.05 9.25
CA CYS C 1813 -20.86 -4.31 9.37
C CYS C 1813 -21.23 -4.12 10.84
N TRP C 1814 -20.26 -3.84 11.71
CA TRP C 1814 -20.56 -3.74 13.14
C TRP C 1814 -19.82 -2.59 13.80
N LYS C 1815 -19.43 -1.57 13.03
CA LYS C 1815 -18.85 -0.39 13.62
C LYS C 1815 -19.89 0.51 14.28
N GLY C 1816 -21.16 0.36 13.89
CA GLY C 1816 -22.21 1.10 14.57
C GLY C 1816 -22.38 0.68 16.02
N LEU C 1817 -22.10 -0.59 16.31
CA LEU C 1817 -22.12 -1.07 17.69
C LEU C 1817 -20.98 -0.50 18.51
N LEU C 1818 -20.02 0.13 17.84
CA LEU C 1818 -18.91 0.81 18.56
C LEU C 1818 -19.20 2.31 18.58
N LEU C 1819 -19.67 2.86 17.45
CA LEU C 1819 -20.02 4.29 17.39
C LEU C 1819 -21.20 4.55 18.35
N PRO C 1820 -21.27 5.72 19.04
CA PRO C 1820 -22.32 5.98 19.99
C PRO C 1820 -23.67 5.66 19.35
N SER C 1821 -24.41 4.71 19.95
CA SER C 1821 -25.74 4.31 19.40
C SER C 1821 -26.73 5.47 19.56
N SER C 1822 -27.68 5.59 18.63
CA SER C 1822 -28.67 6.72 18.67
C SER C 1822 -29.74 6.43 19.73
N GLU C 1823 -29.64 7.06 20.90
CA GLU C 1823 -30.67 6.91 21.91
C GLU C 1823 -31.87 7.80 21.63
N GLU C 1824 -31.87 8.49 20.49
CA GLU C 1824 -33.02 9.28 20.06
C GLU C 1824 -34.20 8.35 19.76
N PRO C 1825 -35.43 8.84 19.93
CA PRO C 1825 -36.59 8.04 19.50
C PRO C 1825 -36.75 7.98 17.99
N GLY C 1826 -35.72 7.53 17.28
CA GLY C 1826 -35.80 7.33 15.85
C GLY C 1826 -35.59 5.89 15.39
N PRO C 1827 -34.73 5.13 16.08
CA PRO C 1827 -34.64 3.69 15.79
C PRO C 1827 -35.95 2.93 16.00
N ALA C 1828 -36.81 3.41 16.89
CA ALA C 1828 -38.01 2.65 17.26
C ALA C 1828 -38.91 2.37 16.06
N GLN C 1829 -38.86 3.21 15.03
CA GLN C 1829 -39.74 3.05 13.89
C GLN C 1829 -39.46 1.75 13.14
N GLU C 1830 -38.25 1.19 13.29
CA GLU C 1830 -37.81 -0.01 12.57
C GLU C 1830 -37.37 -1.13 13.50
N ALA C 1831 -37.05 -0.83 14.76
CA ALA C 1831 -36.70 -1.84 15.76
C ALA C 1831 -37.76 -2.92 15.88
N SER C 1832 -38.96 -2.67 15.35
CA SER C 1832 -39.94 -3.73 15.12
C SER C 1832 -40.41 -3.81 13.68
N ARG C 1833 -40.13 -2.83 12.83
CA ARG C 1833 -40.53 -2.94 11.43
C ARG C 1833 -39.68 -3.98 10.71
N LEU C 1834 -38.37 -3.98 10.93
CA LEU C 1834 -37.48 -4.96 10.31
C LEU C 1834 -37.32 -6.17 11.23
N GLN C 1835 -38.45 -6.68 11.70
CA GLN C 1835 -38.46 -8.00 12.31
C GLN C 1835 -39.60 -8.80 11.70
N GLU C 1836 -40.74 -8.14 11.49
CA GLU C 1836 -41.94 -8.77 10.97
C GLU C 1836 -41.78 -9.25 9.54
N LEU C 1837 -40.68 -8.85 8.89
CA LEU C 1837 -40.40 -9.35 7.52
C LEU C 1837 -39.07 -10.12 7.53
N LEU C 1838 -38.11 -9.67 8.35
CA LEU C 1838 -36.81 -10.33 8.38
C LEU C 1838 -36.91 -11.73 8.97
N GLN C 1839 -37.68 -11.89 10.05
CA GLN C 1839 -37.95 -13.21 10.59
C GLN C 1839 -38.69 -14.07 9.58
N ASP C 1840 -39.59 -13.44 8.80
CA ASP C 1840 -40.34 -14.19 7.80
C ASP C 1840 -39.44 -14.64 6.66
N CYS C 1841 -38.41 -13.86 6.34
CA CYS C 1841 -37.52 -14.18 5.23
C CYS C 1841 -36.46 -15.20 5.62
N GLY C 1842 -36.30 -15.48 6.91
CA GLY C 1842 -35.35 -16.51 7.32
C GLY C 1842 -34.62 -16.31 8.63
N TRP C 1843 -34.77 -15.16 9.28
CA TRP C 1843 -34.09 -14.90 10.55
C TRP C 1843 -34.41 -16.00 11.57
N LYS C 1844 -33.38 -16.49 12.22
CA LYS C 1844 -33.53 -17.56 13.21
C LYS C 1844 -33.77 -16.98 14.60
N TYR C 1845 -32.82 -16.19 15.09
CA TYR C 1845 -33.00 -15.52 16.36
C TYR C 1845 -33.25 -14.04 16.11
N PRO C 1846 -34.50 -13.59 16.21
CA PRO C 1846 -34.84 -12.19 15.90
C PRO C 1846 -34.58 -11.24 17.06
N ASP C 1847 -33.33 -10.83 17.20
CA ASP C 1847 -32.99 -9.83 18.20
C ASP C 1847 -33.55 -8.47 17.80
N ARG C 1848 -33.66 -7.57 18.79
CA ARG C 1848 -34.31 -6.30 18.58
C ARG C 1848 -33.43 -5.09 18.85
N THR C 1849 -32.25 -5.26 19.43
CA THR C 1849 -31.37 -4.14 19.75
C THR C 1849 -30.42 -3.78 18.61
N LEU C 1850 -30.13 -4.72 17.71
CA LEU C 1850 -29.23 -4.53 16.58
C LEU C 1850 -29.75 -3.53 15.58
N LEU C 1851 -31.04 -3.20 15.71
CA LEU C 1851 -31.69 -2.24 14.84
C LEU C 1851 -31.76 -0.85 15.47
N LYS C 1852 -31.36 -0.71 16.73
CA LYS C 1852 -31.25 0.60 17.36
C LYS C 1852 -29.82 1.01 17.64
N ILE C 1853 -28.88 0.06 17.75
CA ILE C 1853 -27.49 0.43 18.01
C ILE C 1853 -26.80 1.02 16.78
N MET C 1854 -27.49 1.11 15.63
CA MET C 1854 -26.82 1.54 14.41
C MET C 1854 -27.37 2.83 13.80
N LEU C 1855 -28.56 3.28 14.23
CA LEU C 1855 -29.21 4.42 13.57
C LEU C 1855 -28.41 5.71 13.66
N SER C 1856 -27.56 5.87 14.66
CA SER C 1856 -26.77 7.08 14.76
C SER C 1856 -25.85 7.22 13.55
N GLY C 1857 -25.78 8.43 13.01
CA GLY C 1857 -25.03 8.67 11.79
C GLY C 1857 -25.58 7.86 10.64
N ALA C 1858 -26.91 7.92 10.46
CA ALA C 1858 -27.55 7.13 9.41
C ALA C 1858 -27.00 7.49 8.03
N GLY C 1859 -26.64 8.76 7.84
CA GLY C 1859 -25.98 9.15 6.60
C GLY C 1859 -24.63 8.46 6.44
N ALA C 1860 -23.91 8.27 7.54
CA ALA C 1860 -22.63 7.58 7.49
C ALA C 1860 -22.77 6.10 7.18
N LEU C 1861 -23.96 5.53 7.37
CA LEU C 1861 -24.19 4.15 6.98
C LEU C 1861 -24.11 4.00 5.47
N THR C 1862 -23.35 3.01 5.01
CA THR C 1862 -23.05 2.86 3.59
C THR C 1862 -23.84 1.71 2.99
N PRO C 1863 -24.14 1.78 1.69
CA PRO C 1863 -24.94 0.70 1.06
C PRO C 1863 -24.30 -0.67 1.14
N GLN C 1864 -22.97 -0.76 1.06
CA GLN C 1864 -22.33 -2.07 1.17
C GLN C 1864 -22.35 -2.57 2.62
N ASP C 1865 -22.25 -1.65 3.58
CA ASP C 1865 -22.51 -1.99 4.97
C ASP C 1865 -23.92 -2.55 5.11
N ILE C 1866 -24.88 -1.89 4.47
CA ILE C 1866 -26.28 -2.31 4.50
C ILE C 1866 -26.44 -3.71 3.91
N GLN C 1867 -25.68 -4.00 2.85
CA GLN C 1867 -25.80 -5.32 2.23
C GLN C 1867 -25.44 -6.45 3.18
N ALA C 1868 -24.33 -6.31 3.91
CA ALA C 1868 -23.95 -7.32 4.89
C ALA C 1868 -24.94 -7.34 6.05
N LEU C 1869 -25.33 -6.16 6.53
CA LEU C 1869 -26.29 -6.03 7.61
C LEU C 1869 -27.62 -6.70 7.26
N ALA C 1870 -27.91 -6.80 5.97
CA ALA C 1870 -29.15 -7.38 5.50
C ALA C 1870 -29.00 -8.88 5.31
N TYR C 1871 -27.95 -9.30 4.60
CA TYR C 1871 -27.75 -10.73 4.36
C TYR C 1871 -27.60 -11.51 5.65
N GLY C 1872 -26.81 -10.98 6.59
CA GLY C 1872 -26.65 -11.66 7.87
C GLY C 1872 -27.93 -11.66 8.69
N LEU C 1873 -28.62 -10.52 8.75
CA LEU C 1873 -29.85 -10.46 9.52
C LEU C 1873 -30.96 -11.25 8.84
N CYS C 1874 -30.87 -11.42 7.52
CA CYS C 1874 -31.93 -12.06 6.74
C CYS C 1874 -31.35 -13.15 5.84
N PRO C 1875 -31.36 -14.40 6.26
CA PRO C 1875 -30.94 -15.47 5.37
C PRO C 1875 -32.06 -15.94 4.45
N THR C 1876 -31.82 -17.02 3.70
CA THR C 1876 -32.80 -17.68 2.83
C THR C 1876 -33.12 -16.73 1.68
N GLN C 1877 -34.39 -16.41 1.41
CA GLN C 1877 -34.88 -15.68 0.24
C GLN C 1877 -33.99 -14.49 -0.09
N PRO C 1878 -33.30 -14.49 -1.22
CA PRO C 1878 -32.27 -13.47 -1.48
C PRO C 1878 -32.81 -12.10 -1.85
N GLU C 1879 -34.06 -11.98 -2.29
CA GLU C 1879 -34.56 -10.68 -2.73
C GLU C 1879 -34.90 -9.78 -1.55
N ARG C 1880 -35.92 -10.17 -0.77
CA ARG C 1880 -36.35 -9.37 0.36
C ARG C 1880 -35.22 -9.18 1.37
N ALA C 1881 -34.44 -10.23 1.60
CA ALA C 1881 -33.33 -10.26 2.55
C ALA C 1881 -32.54 -8.97 2.54
N GLN C 1882 -32.07 -8.55 1.37
CA GLN C 1882 -31.40 -7.27 1.26
C GLN C 1882 -32.38 -6.14 0.96
N GLU C 1883 -33.23 -6.29 -0.06
CA GLU C 1883 -34.04 -5.19 -0.56
C GLU C 1883 -34.75 -4.43 0.56
N LEU C 1884 -35.39 -5.15 1.49
CA LEU C 1884 -36.15 -4.48 2.53
C LEU C 1884 -35.24 -3.68 3.45
N LEU C 1885 -34.16 -4.31 3.93
CA LEU C 1885 -33.24 -3.63 4.84
C LEU C 1885 -32.64 -2.41 4.16
N ASN C 1886 -32.27 -2.54 2.89
CA ASN C 1886 -31.68 -1.45 2.15
C ASN C 1886 -32.65 -0.28 1.96
N GLU C 1887 -33.89 -0.55 1.55
CA GLU C 1887 -34.82 0.56 1.35
C GLU C 1887 -35.16 1.22 2.69
N ALA C 1888 -35.35 0.41 3.74
CA ALA C 1888 -35.66 0.98 5.04
C ALA C 1888 -34.53 1.87 5.54
N VAL C 1889 -33.29 1.41 5.45
CA VAL C 1889 -32.17 2.23 5.93
C VAL C 1889 -31.97 3.44 5.03
N GLY C 1890 -32.16 3.31 3.72
CA GLY C 1890 -32.08 4.46 2.84
C GLY C 1890 -33.10 5.53 3.18
N ARG C 1891 -34.31 5.08 3.50
CA ARG C 1891 -35.40 6.03 3.87
C ARG C 1891 -34.94 6.79 5.11
N LEU C 1892 -34.22 6.10 6.01
CA LEU C 1892 -33.69 6.76 7.22
C LEU C 1892 -32.24 7.16 7.00
N GLN C 1893 -32.00 8.28 6.31
CA GLN C 1893 -30.63 8.76 6.04
C GLN C 1893 -30.52 10.22 6.51
N GLY C 1894 -29.33 10.64 6.97
CA GLY C 1894 -29.13 12.01 7.48
C GLY C 1894 -30.20 12.35 8.51
N LEU C 1895 -30.58 11.38 9.34
CA LEU C 1895 -31.69 11.61 10.29
C LEU C 1895 -31.29 12.59 11.39
N THR C 1896 -30.23 12.28 12.15
CA THR C 1896 -29.93 13.15 13.32
C THR C 1896 -28.45 13.35 13.52
N VAL C 1897 -28.09 14.00 14.64
CA VAL C 1897 -26.71 14.29 14.98
C VAL C 1897 -26.36 13.54 16.26
N PRO C 1898 -25.11 13.16 16.47
CA PRO C 1898 -24.75 12.36 17.64
C PRO C 1898 -24.42 13.21 18.85
N SER C 1899 -24.63 12.62 20.03
CA SER C 1899 -24.33 13.26 21.30
C SER C 1899 -22.91 12.93 21.75
N ASN C 1900 -22.58 13.25 23.00
CA ASN C 1900 -21.27 12.95 23.56
C ASN C 1900 -21.41 11.77 24.51
N SER C 1901 -20.62 10.72 24.28
CA SER C 1901 -20.68 9.52 25.11
C SER C 1901 -19.30 8.85 25.04
N HIS C 1902 -18.53 9.01 26.12
CA HIS C 1902 -17.18 8.50 26.15
C HIS C 1902 -17.18 6.97 26.08
N LEU C 1903 -16.11 6.43 25.50
CA LEU C 1903 -16.01 5.02 25.17
C LEU C 1903 -14.75 4.42 25.79
N VAL C 1904 -14.90 3.22 26.37
CA VAL C 1904 -13.89 2.58 27.21
C VAL C 1904 -13.49 1.20 26.69
N LEU C 1905 -13.33 1.06 25.36
CA LEU C 1905 -13.04 -0.23 24.73
C LEU C 1905 -12.13 -1.10 25.58
N VAL C 1906 -12.47 -2.38 25.66
CA VAL C 1906 -11.69 -3.39 26.37
C VAL C 1906 -11.24 -4.44 25.36
N LEU C 1907 -9.94 -4.73 25.34
CA LEU C 1907 -9.36 -5.66 24.40
C LEU C 1907 -8.60 -6.76 25.14
N ASP C 1908 -8.39 -7.89 24.46
CA ASP C 1908 -7.82 -9.07 25.10
C ASP C 1908 -6.29 -9.00 25.04
N LYS C 1909 -5.63 -10.13 25.34
CA LYS C 1909 -4.18 -10.13 25.47
C LYS C 1909 -3.47 -9.95 24.13
N ASP C 1910 -4.11 -10.32 23.02
CA ASP C 1910 -3.49 -10.20 21.71
C ASP C 1910 -4.04 -9.06 20.86
N LEU C 1911 -5.24 -8.56 21.18
CA LEU C 1911 -5.85 -7.47 20.44
C LEU C 1911 -5.54 -6.11 21.04
N GLN C 1912 -4.71 -6.07 22.08
CA GLN C 1912 -4.34 -4.82 22.73
C GLN C 1912 -3.24 -4.08 22.00
N LYS C 1913 -2.47 -4.74 21.15
CA LYS C 1913 -1.32 -4.11 20.51
C LYS C 1913 -1.63 -3.52 19.15
N LEU C 1914 -2.68 -3.99 18.51
CA LEU C 1914 -3.12 -3.37 17.27
C LEU C 1914 -3.66 -1.98 17.57
N PRO C 1915 -3.29 -0.97 16.79
CA PRO C 1915 -3.86 0.36 17.04
C PRO C 1915 -5.33 0.40 16.68
N TRP C 1916 -6.20 0.36 17.69
CA TRP C 1916 -7.63 0.41 17.49
C TRP C 1916 -8.19 1.81 17.66
N GLU C 1917 -7.33 2.79 17.89
CA GLU C 1917 -7.80 4.18 18.15
C GLU C 1917 -7.91 4.96 16.83
N SER C 1918 -7.01 4.71 15.88
CA SER C 1918 -7.00 5.51 14.62
C SER C 1918 -8.05 4.96 13.64
N MET C 1919 -8.67 3.83 13.96
CA MET C 1919 -9.71 3.24 13.08
C MET C 1919 -10.56 4.38 12.50
N PRO C 1920 -10.72 4.50 11.17
CA PRO C 1920 -11.42 5.63 10.57
C PRO C 1920 -12.91 5.63 10.85
N SER C 1921 -13.29 5.29 12.08
CA SER C 1921 -14.63 5.51 12.58
C SER C 1921 -14.58 6.07 14.00
N LEU C 1922 -13.46 5.82 14.69
CA LEU C 1922 -13.28 6.22 16.08
C LEU C 1922 -12.33 7.41 16.23
N GLN C 1923 -12.19 8.23 15.18
CA GLN C 1923 -11.22 9.31 15.22
C GLN C 1923 -11.73 10.48 16.05
N ALA C 1924 -12.95 10.93 15.78
CA ALA C 1924 -13.48 12.11 16.48
C ALA C 1924 -13.84 11.78 17.92
N LEU C 1925 -14.42 10.62 18.15
CA LEU C 1925 -14.97 10.29 19.45
C LEU C 1925 -13.86 10.12 20.49
N PRO C 1926 -14.16 10.37 21.76
CA PRO C 1926 -13.18 10.08 22.83
C PRO C 1926 -13.15 8.59 23.12
N VAL C 1927 -11.98 7.98 23.00
CA VAL C 1927 -11.80 6.54 23.17
C VAL C 1927 -10.63 6.30 24.12
N THR C 1928 -10.86 5.48 25.14
CA THR C 1928 -9.81 5.02 26.05
C THR C 1928 -9.87 3.49 26.12
N ARG C 1929 -9.13 2.93 27.06
CA ARG C 1929 -9.05 1.48 27.21
C ARG C 1929 -8.77 1.12 28.66
N LEU C 1930 -9.71 0.42 29.29
CA LEU C 1930 -9.60 -0.05 30.65
C LEU C 1930 -9.32 -1.55 30.66
N PRO C 1931 -8.69 -2.05 31.71
CA PRO C 1931 -8.46 -3.51 31.76
C PRO C 1931 -9.73 -4.33 31.76
N SER C 1932 -10.72 -3.99 32.58
CA SER C 1932 -11.95 -4.77 32.64
C SER C 1932 -13.10 -3.86 33.03
N PHE C 1933 -14.22 -4.47 33.42
CA PHE C 1933 -15.48 -3.80 33.75
C PHE C 1933 -15.59 -3.46 35.23
N ARG C 1934 -15.16 -4.39 36.09
CA ARG C 1934 -15.11 -4.12 37.52
C ARG C 1934 -14.22 -2.92 37.82
N PHE C 1935 -13.18 -2.71 37.01
CA PHE C 1935 -12.41 -1.48 37.11
C PHE C 1935 -13.28 -0.28 36.84
N LEU C 1936 -14.12 -0.35 35.80
CA LEU C 1936 -14.96 0.79 35.45
C LEU C 1936 -15.91 1.15 36.58
N LEU C 1937 -16.46 0.14 37.26
CA LEU C 1937 -17.37 0.43 38.35
C LEU C 1937 -16.67 0.81 39.65
N SER C 1938 -15.50 0.22 39.93
CA SER C 1938 -14.71 0.66 41.07
C SER C 1938 -14.27 2.11 40.90
N TYR C 1939 -14.10 2.55 39.65
CA TYR C 1939 -13.85 3.96 39.39
C TYR C 1939 -15.01 4.81 39.93
N SER C 1940 -16.25 4.37 39.74
CA SER C 1940 -17.39 5.11 40.27
C SER C 1940 -17.45 5.04 41.79
N ILE C 1941 -17.09 3.90 42.39
CA ILE C 1941 -17.07 3.81 43.85
C ILE C 1941 -16.08 4.83 44.43
N ILE C 1942 -14.86 4.83 43.89
CA ILE C 1942 -13.84 5.77 44.34
C ILE C 1942 -14.26 7.20 44.03
N LYS C 1943 -14.94 7.42 42.91
CA LYS C 1943 -15.40 8.73 42.48
C LYS C 1943 -16.54 9.25 43.34
N GLU C 1944 -17.26 8.36 44.03
CA GLU C 1944 -18.32 8.82 44.92
C GLU C 1944 -17.83 9.01 46.35
N TYR C 1945 -16.88 8.20 46.82
CA TYR C 1945 -16.36 8.44 48.18
C TYR C 1945 -15.19 9.42 48.22
N GLY C 1946 -15.32 10.57 47.55
CA GLY C 1946 -14.35 11.64 47.64
C GLY C 1946 -12.91 11.25 47.39
N ALA C 1947 -12.69 10.30 46.48
CA ALA C 1947 -11.35 9.84 46.15
C ALA C 1947 -11.09 10.04 44.66
N SER C 1948 -9.82 9.85 44.28
CA SER C 1948 -9.33 10.19 42.94
C SER C 1948 -9.68 11.64 42.61
N PRO C 1949 -9.00 12.60 43.23
CA PRO C 1949 -9.40 14.01 43.08
C PRO C 1949 -9.36 14.53 41.66
N VAL C 1950 -8.59 13.89 40.78
CA VAL C 1950 -8.49 14.36 39.40
C VAL C 1950 -9.85 14.27 38.72
N LEU C 1951 -10.52 13.14 38.87
CA LEU C 1951 -11.83 12.94 38.29
C LEU C 1951 -12.92 13.77 38.96
N SER C 1952 -12.61 14.38 40.11
CA SER C 1952 -13.55 15.25 40.81
C SER C 1952 -13.40 16.71 40.40
N GLN C 1953 -12.20 17.27 40.55
CA GLN C 1953 -11.97 18.66 40.18
C GLN C 1953 -11.41 18.77 38.76
N GLY C 1954 -10.25 18.17 38.53
CA GLY C 1954 -9.58 18.28 37.25
C GLY C 1954 -8.09 18.30 37.43
N VAL C 1955 -7.39 18.35 36.31
CA VAL C 1955 -5.93 18.34 36.30
C VAL C 1955 -5.49 19.80 36.40
N ASP C 1956 -4.96 20.16 37.56
CA ASP C 1956 -4.45 21.50 37.74
C ASP C 1956 -3.25 21.73 36.83
N PRO C 1957 -3.25 22.79 36.01
CA PRO C 1957 -2.12 23.04 35.11
C PRO C 1957 -0.86 23.55 35.80
N ARG C 1958 -0.84 23.57 37.13
CA ARG C 1958 0.34 23.95 37.90
C ARG C 1958 0.82 22.82 38.80
N SER C 1959 0.47 21.57 38.47
CA SER C 1959 0.73 20.42 39.31
C SER C 1959 1.32 19.27 38.47
N THR C 1960 2.33 19.60 37.67
CA THR C 1960 2.96 18.65 36.77
C THR C 1960 4.43 18.47 37.12
N PHE C 1961 4.89 17.23 37.05
CA PHE C 1961 6.27 16.86 37.31
C PHE C 1961 6.84 16.15 36.09
N TYR C 1962 8.07 16.51 35.71
CA TYR C 1962 8.68 15.96 34.52
C TYR C 1962 10.04 15.34 34.84
N VAL C 1963 10.37 14.27 34.12
CA VAL C 1963 11.69 13.63 34.22
C VAL C 1963 12.23 13.55 32.80
N LEU C 1964 13.09 14.51 32.44
CA LEU C 1964 13.66 14.59 31.11
C LEU C 1964 15.13 14.20 31.12
N ASN C 1965 15.51 13.31 30.20
CA ASN C 1965 16.88 12.86 30.01
C ASN C 1965 17.49 12.36 31.32
N PRO C 1966 17.01 11.25 31.87
CA PRO C 1966 17.63 10.72 33.09
C PRO C 1966 19.09 10.35 32.89
N HIS C 1967 19.44 9.82 31.72
CA HIS C 1967 20.81 9.54 31.35
C HIS C 1967 21.20 10.41 30.17
N ASN C 1968 22.46 10.86 30.16
CA ASN C 1968 22.92 11.78 29.13
C ASN C 1968 23.14 11.02 27.84
N ASN C 1969 22.06 10.72 27.14
CA ASN C 1969 22.14 10.02 25.86
C ASN C 1969 21.42 10.75 24.73
N LEU C 1970 20.29 11.40 25.02
CA LEU C 1970 19.47 12.03 24.00
C LEU C 1970 19.69 13.54 24.07
N SER C 1971 20.60 14.04 23.23
CA SER C 1971 20.86 15.48 23.20
C SER C 1971 19.78 16.24 22.47
N SER C 1972 19.14 15.63 21.46
CA SER C 1972 18.09 16.33 20.72
C SER C 1972 16.90 16.64 21.61
N THR C 1973 16.49 15.68 22.44
CA THR C 1973 15.37 15.90 23.35
C THR C 1973 15.63 17.11 24.24
N GLU C 1974 16.66 17.00 25.10
CA GLU C 1974 16.99 18.12 26.01
C GLU C 1974 17.05 19.42 25.19
N GLU C 1975 17.71 19.39 24.02
CA GLU C 1975 17.84 20.61 23.24
C GLU C 1975 16.48 21.21 22.91
N GLN C 1976 15.50 20.37 22.58
CA GLN C 1976 14.17 20.87 22.23
C GLN C 1976 13.39 21.30 23.47
N PHE C 1977 13.15 20.36 24.37
CA PHE C 1977 12.39 20.62 25.59
C PHE C 1977 13.27 21.01 26.77
N ARG C 1978 13.77 22.25 26.77
CA ARG C 1978 14.57 22.71 27.93
C ARG C 1978 13.83 23.89 28.57
N ALA C 1979 13.66 24.98 27.82
CA ALA C 1979 12.97 26.16 28.32
C ALA C 1979 11.47 25.93 28.40
N ASN C 1980 10.92 25.19 27.43
CA ASN C 1980 9.49 24.90 27.40
C ASN C 1980 9.06 24.13 28.65
N PHE C 1981 9.86 23.15 29.05
CA PHE C 1981 9.56 22.38 30.25
C PHE C 1981 10.01 23.08 31.52
N SER C 1982 10.85 24.11 31.40
CA SER C 1982 11.33 24.86 32.59
C SER C 1982 10.45 26.10 32.82
N SER C 1983 10.18 26.87 31.76
CA SER C 1983 9.39 28.13 31.90
C SER C 1983 7.95 27.82 32.34
N GLU C 1984 7.48 26.59 32.11
CA GLU C 1984 6.07 26.25 32.45
C GLU C 1984 5.79 26.70 33.90
N ALA C 1985 4.69 27.42 34.12
CA ALA C 1985 4.41 27.98 35.46
C ALA C 1985 4.10 26.88 36.48
N GLY C 1986 4.82 26.86 37.60
CA GLY C 1986 4.53 25.90 38.69
C GLY C 1986 4.90 24.48 38.35
N TRP C 1987 5.99 24.26 37.59
CA TRP C 1987 6.40 22.89 37.35
C TRP C 1987 7.78 22.64 37.95
N ARG C 1988 8.05 21.37 38.24
CA ARG C 1988 9.37 20.99 38.79
C ARG C 1988 9.76 19.63 38.20
N GLY C 1989 11.07 19.39 38.06
CA GLY C 1989 11.53 18.14 37.48
C GLY C 1989 13.04 18.02 37.57
N VAL C 1990 13.56 17.01 36.88
CA VAL C 1990 14.98 16.68 36.87
C VAL C 1990 15.43 16.47 35.43
N VAL C 1991 16.58 17.04 35.09
CA VAL C 1991 17.16 16.92 33.75
C VAL C 1991 18.63 16.58 33.89
N GLY C 1992 19.07 15.55 33.16
CA GLY C 1992 20.45 15.13 33.21
C GLY C 1992 20.72 14.06 34.23
N GLU C 1993 20.30 14.29 35.47
CA GLU C 1993 20.62 13.38 36.56
C GLU C 1993 19.43 12.43 36.76
N VAL C 1994 19.73 11.20 37.18
CA VAL C 1994 18.72 10.17 37.43
C VAL C 1994 17.99 10.48 38.74
N PRO C 1995 16.69 10.75 38.73
CA PRO C 1995 16.02 11.18 39.96
C PRO C 1995 16.07 10.11 41.03
N ARG C 1996 16.19 10.57 42.27
CA ARG C 1996 16.20 9.68 43.41
C ARG C 1996 14.80 9.11 43.66
N PRO C 1997 14.72 7.92 44.25
CA PRO C 1997 13.39 7.28 44.41
C PRO C 1997 12.36 8.10 45.18
N GLU C 1998 12.80 8.77 46.24
CA GLU C 1998 11.87 9.61 47.02
C GLU C 1998 11.19 10.60 46.09
N GLN C 1999 11.96 11.33 45.29
CA GLN C 1999 11.40 12.40 44.42
C GLN C 1999 10.31 11.86 43.49
N VAL C 2000 10.58 10.75 42.79
CA VAL C 2000 9.61 10.26 41.76
C VAL C 2000 8.32 9.77 42.42
N GLN C 2001 8.41 9.03 43.53
CA GLN C 2001 7.19 8.61 44.26
C GLN C 2001 6.37 9.87 44.60
N GLU C 2002 7.03 10.92 45.09
CA GLU C 2002 6.34 12.18 45.45
C GLU C 2002 5.56 12.71 44.24
N ALA C 2003 6.15 12.68 43.04
CA ALA C 2003 5.48 13.24 41.85
C ALA C 2003 4.13 12.56 41.63
N LEU C 2004 4.12 11.23 41.51
CA LEU C 2004 2.86 10.49 41.23
C LEU C 2004 1.86 10.65 42.39
N THR C 2005 2.33 10.98 43.59
CA THR C 2005 1.42 11.03 44.76
C THR C 2005 0.99 12.44 45.05
N LYS C 2006 1.91 13.41 45.00
CA LYS C 2006 1.55 14.80 45.39
C LYS C 2006 0.96 15.58 44.21
N HIS C 2007 1.60 15.51 43.04
CA HIS C 2007 1.16 16.33 41.87
C HIS C 2007 0.05 15.68 41.04
N ASP C 2008 -0.25 16.18 39.83
CA ASP C 2008 -1.41 15.63 39.06
C ASP C 2008 -1.00 15.18 37.64
N LEU C 2009 0.23 15.43 37.21
CA LEU C 2009 0.62 15.08 35.85
C LEU C 2009 2.10 14.71 35.84
N TYR C 2010 2.44 13.71 35.04
CA TYR C 2010 3.79 13.15 35.00
C TYR C 2010 4.21 12.97 33.55
N ILE C 2011 4.96 13.94 33.02
CA ILE C 2011 5.45 13.89 31.64
C ILE C 2011 6.84 13.27 31.68
N TYR C 2012 7.00 12.11 31.05
CA TYR C 2012 8.29 11.43 30.98
C TYR C 2012 8.84 11.52 29.56
N ALA C 2013 10.05 12.04 29.44
CA ALA C 2013 10.77 12.12 28.16
C ALA C 2013 12.09 11.37 28.34
N GLY C 2014 12.16 10.16 27.78
CA GLY C 2014 13.36 9.35 27.94
C GLY C 2014 13.18 7.97 27.34
N HIS C 2015 13.96 7.03 27.84
CA HIS C 2015 13.92 5.65 27.38
C HIS C 2015 12.91 4.85 28.19
N GLY C 2016 12.09 4.07 27.49
CA GLY C 2016 11.13 3.20 28.14
C GLY C 2016 10.10 3.96 28.93
N ALA C 2017 9.79 3.46 30.12
CA ALA C 2017 8.85 4.15 31.04
C ALA C 2017 9.56 4.52 32.33
N GLY C 2018 10.88 4.39 32.37
CA GLY C 2018 11.65 4.70 33.58
C GLY C 2018 11.54 3.56 34.55
N ALA C 2019 11.47 2.34 34.02
CA ALA C 2019 11.42 1.16 34.89
C ALA C 2019 12.76 1.00 35.60
N ARG C 2020 13.65 1.96 35.42
CA ARG C 2020 14.94 1.93 36.12
C ARG C 2020 14.85 2.82 37.37
N PHE C 2021 14.07 3.90 37.32
CA PHE C 2021 14.05 4.83 38.48
C PHE C 2021 12.73 4.70 39.23
N LEU C 2022 11.77 3.96 38.66
CA LEU C 2022 10.47 3.75 39.33
C LEU C 2022 9.85 2.47 38.76
N ASP C 2023 9.90 1.41 39.55
CA ASP C 2023 9.38 0.11 39.06
C ASP C 2023 7.93 -0.01 39.51
N GLY C 2024 7.18 -0.92 38.91
CA GLY C 2024 5.75 -1.05 39.24
C GLY C 2024 5.61 -1.35 40.71
N GLN C 2025 6.69 -1.86 41.31
CA GLN C 2025 6.62 -2.25 42.73
C GLN C 2025 6.45 -0.98 43.59
N ALA C 2026 7.26 0.05 43.34
CA ALA C 2026 7.10 1.33 44.09
C ALA C 2026 5.78 2.00 43.76
N VAL C 2027 5.29 1.82 42.54
CA VAL C 2027 4.05 2.52 42.12
C VAL C 2027 2.83 1.87 42.80
N LEU C 2028 2.85 0.56 42.97
CA LEU C 2028 1.72 -0.16 43.60
C LEU C 2028 1.68 0.23 45.08
N ARG C 2029 2.85 0.51 45.65
CA ARG C 2029 2.95 0.84 47.09
C ARG C 2029 2.69 2.33 47.31
N LEU C 2030 1.90 2.97 46.46
CA LEU C 2030 1.48 4.38 46.67
C LEU C 2030 0.12 4.54 45.98
N SER C 2031 -0.62 5.62 46.20
CA SER C 2031 -1.86 5.85 45.43
C SER C 2031 -1.61 6.88 44.33
N CYS C 2032 -2.04 6.63 43.09
CA CYS C 2032 -1.73 7.55 41.97
C CYS C 2032 -2.78 8.66 41.85
N ARG C 2033 -2.35 9.91 42.00
CA ARG C 2033 -3.27 11.07 41.91
C ARG C 2033 -2.91 11.88 40.66
N ALA C 2034 -2.04 11.33 39.79
CA ALA C 2034 -1.59 12.13 38.64
C ALA C 2034 -1.76 11.35 37.33
N VAL C 2035 -2.22 12.02 36.28
CA VAL C 2035 -2.41 11.37 34.95
C VAL C 2035 -1.03 11.10 34.35
N ALA C 2036 -0.78 9.87 33.89
CA ALA C 2036 0.57 9.53 33.38
C ALA C 2036 0.69 9.77 31.88
N LEU C 2037 1.50 10.74 31.49
CA LEU C 2037 1.78 10.97 30.05
C LEU C 2037 3.21 10.46 29.81
N LEU C 2038 3.39 9.16 29.62
CA LEU C 2038 4.77 8.59 29.54
C LEU C 2038 5.16 8.39 28.07
N PHE C 2039 5.99 9.29 27.55
CA PHE C 2039 6.34 9.28 26.11
C PHE C 2039 7.68 8.64 25.87
N GLY C 2040 7.71 7.33 25.85
CA GLY C 2040 8.95 6.57 25.58
C GLY C 2040 8.55 5.31 24.88
N SER C 2041 9.50 4.60 24.29
CA SER C 2041 9.15 3.40 23.50
C SER C 2041 8.35 2.40 24.33
N SER C 2042 7.38 1.71 23.71
CA SER C 2042 6.62 0.64 24.38
C SER C 2042 6.33 1.01 25.85
N SER C 2043 5.91 2.25 26.11
CA SER C 2043 5.67 2.71 27.50
C SER C 2043 4.32 2.19 28.00
N ALA C 2044 3.42 1.88 27.08
CA ALA C 2044 2.13 1.33 27.48
C ALA C 2044 1.87 -0.01 26.82
N ALA C 2045 2.92 -0.77 26.53
CA ALA C 2045 2.81 -2.03 25.82
C ALA C 2045 2.83 -3.17 26.83
N LEU C 2046 1.78 -3.98 26.84
CA LEU C 2046 1.69 -5.15 27.71
C LEU C 2046 2.32 -6.31 26.96
N ALA C 2047 3.60 -6.54 27.24
CA ALA C 2047 4.36 -7.56 26.52
C ALA C 2047 3.77 -8.94 26.76
N VAL C 2048 3.36 -9.60 25.68
CA VAL C 2048 2.81 -10.94 25.76
C VAL C 2048 3.95 -11.94 25.66
N HIS C 2049 4.60 -12.23 26.78
CA HIS C 2049 5.73 -13.15 26.79
C HIS C 2049 5.24 -14.58 26.84
N GLY C 2050 4.52 -15.00 25.82
CA GLY C 2050 3.99 -16.35 25.72
C GLY C 2050 2.48 -16.35 25.83
N ASN C 2051 1.94 -17.48 26.29
CA ASN C 2051 0.51 -17.59 26.51
C ASN C 2051 0.04 -16.72 27.68
N LEU C 2052 0.95 -16.22 28.49
CA LEU C 2052 0.59 -15.40 29.63
C LEU C 2052 0.00 -14.07 29.18
N GLU C 2053 -0.76 -13.45 30.08
CA GLU C 2053 -1.39 -12.17 29.79
C GLU C 2053 -0.36 -11.05 29.77
N GLY C 2054 -0.81 -9.82 29.61
CA GLY C 2054 0.10 -8.71 29.47
C GLY C 2054 0.83 -8.37 30.75
N ALA C 2055 1.88 -7.57 30.60
CA ALA C 2055 2.68 -7.12 31.75
C ALA C 2055 3.29 -5.78 31.40
N GLY C 2056 3.25 -4.85 32.35
CA GLY C 2056 3.83 -3.54 32.12
C GLY C 2056 3.49 -2.59 33.24
N ILE C 2057 4.04 -1.39 33.13
CA ILE C 2057 3.83 -0.35 34.13
C ILE C 2057 2.41 0.18 34.15
N VAL C 2058 1.70 0.14 33.02
CA VAL C 2058 0.35 0.67 32.96
C VAL C 2058 -0.59 -0.13 33.86
N LEU C 2059 -0.45 -1.45 33.87
CA LEU C 2059 -1.28 -2.34 34.67
C LEU C 2059 -0.96 -2.25 36.12
N LYS C 2060 -0.09 -1.31 36.49
CA LYS C 2060 0.21 -1.03 37.89
C LYS C 2060 0.04 0.44 38.24
N TYR C 2061 -0.02 1.33 37.25
CA TYR C 2061 -0.57 2.66 37.46
C TYR C 2061 -2.08 2.61 37.65
N ILE C 2062 -2.77 1.78 36.85
CA ILE C 2062 -4.23 1.71 36.96
C ILE C 2062 -4.64 1.15 38.32
N MET C 2063 -3.88 0.19 38.86
CA MET C 2063 -4.16 -0.32 40.20
C MET C 2063 -3.88 0.69 41.30
N ALA C 2064 -3.10 1.73 41.02
CA ALA C 2064 -2.86 2.77 42.00
C ALA C 2064 -3.90 3.88 41.96
N GLY C 2065 -4.82 3.84 41.01
CA GLY C 2065 -5.86 4.86 40.92
C GLY C 2065 -5.54 5.92 39.89
N CYS C 2066 -4.72 5.58 38.90
CA CYS C 2066 -4.36 6.54 37.87
C CYS C 2066 -5.56 6.84 36.99
N PRO C 2067 -5.94 8.11 36.83
CA PRO C 2067 -7.12 8.42 36.01
C PRO C 2067 -6.94 8.02 34.55
N LEU C 2068 -5.88 8.50 33.90
CA LEU C 2068 -5.60 8.19 32.51
C LEU C 2068 -4.13 7.83 32.37
N PHE C 2069 -3.79 7.13 31.28
CA PHE C 2069 -2.42 6.69 31.09
C PHE C 2069 -2.10 6.73 29.60
N LEU C 2070 -1.27 7.68 29.20
CA LEU C 2070 -0.90 7.85 27.80
C LEU C 2070 0.52 7.34 27.59
N GLY C 2071 0.65 6.24 26.84
CA GLY C 2071 1.95 5.68 26.54
C GLY C 2071 1.97 5.07 25.16
N ASN C 2072 3.17 5.07 24.57
CA ASN C 2072 3.35 4.53 23.23
C ASN C 2072 3.26 3.01 23.25
N LEU C 2073 2.76 2.45 22.15
CA LEU C 2073 2.56 1.01 22.05
C LEU C 2073 3.75 0.29 21.43
N TRP C 2074 4.42 0.89 20.45
CA TRP C 2074 5.61 0.32 19.84
C TRP C 2074 6.76 1.32 19.96
N ASP C 2075 7.93 0.89 19.50
CA ASP C 2075 9.12 1.73 19.61
C ASP C 2075 8.99 2.98 18.75
N VAL C 2076 9.63 4.06 19.23
CA VAL C 2076 9.59 5.35 18.55
C VAL C 2076 11.00 5.93 18.51
N THR C 2077 11.21 6.85 17.57
CA THR C 2077 12.47 7.57 17.45
C THR C 2077 12.36 8.88 18.22
N ASP C 2078 13.34 9.77 18.07
CA ASP C 2078 13.37 11.01 18.86
C ASP C 2078 12.45 12.07 18.28
N ARG C 2079 12.74 12.54 17.07
CA ARG C 2079 12.13 13.75 16.53
C ARG C 2079 10.62 13.63 16.39
N ASP C 2080 10.13 12.48 15.91
CA ASP C 2080 8.70 12.33 15.69
C ASP C 2080 7.93 12.33 17.01
N ILE C 2081 8.41 11.58 18.00
CA ILE C 2081 7.74 11.57 19.29
C ILE C 2081 7.89 12.90 20.01
N ASP C 2082 8.99 13.62 19.78
CA ASP C 2082 9.11 14.97 20.32
C ASP C 2082 8.08 15.91 19.71
N ARG C 2083 7.85 15.78 18.39
CA ARG C 2083 6.81 16.58 17.74
C ARG C 2083 5.44 16.25 18.32
N TYR C 2084 5.17 14.96 18.51
CA TYR C 2084 3.89 14.56 19.12
C TYR C 2084 3.73 15.16 20.52
N THR C 2085 4.77 15.06 21.34
CA THR C 2085 4.70 15.56 22.70
C THR C 2085 4.48 17.07 22.71
N GLU C 2086 5.21 17.80 21.87
CA GLU C 2086 5.06 19.25 21.83
C GLU C 2086 3.65 19.63 21.38
N ALA C 2087 3.16 18.96 20.33
CA ALA C 2087 1.80 19.24 19.81
C ALA C 2087 0.75 19.01 20.90
N LEU C 2088 0.73 17.81 21.48
CA LEU C 2088 -0.29 17.48 22.51
C LEU C 2088 -0.21 18.51 23.65
N LEU C 2089 0.99 18.75 24.17
CA LEU C 2089 1.09 19.64 25.35
C LEU C 2089 0.51 21.03 25.02
N GLN C 2090 0.95 21.65 23.92
CA GLN C 2090 0.47 23.02 23.61
C GLN C 2090 -1.04 22.97 23.36
N GLY C 2091 -1.51 21.92 22.66
CA GLY C 2091 -2.95 21.79 22.38
C GLY C 2091 -3.76 21.67 23.65
N TRP C 2092 -3.29 20.89 24.62
CA TRP C 2092 -4.08 20.67 25.83
C TRP C 2092 -3.89 21.79 26.84
N LEU C 2093 -2.69 22.35 26.94
CA LEU C 2093 -2.40 23.33 27.97
C LEU C 2093 -2.62 24.75 27.44
N GLY C 2094 -3.06 24.86 26.19
CA GLY C 2094 -3.42 26.16 25.65
C GLY C 2094 -4.91 26.27 25.39
N ALA C 2095 -5.60 25.14 25.38
CA ALA C 2095 -7.04 25.13 25.13
C ALA C 2095 -7.78 25.92 26.21
N GLY C 2096 -7.48 25.63 27.46
CA GLY C 2096 -8.08 26.34 28.56
C GLY C 2096 -8.83 25.43 29.50
N PRO C 2097 -9.46 26.01 30.53
CA PRO C 2097 -10.19 25.19 31.50
C PRO C 2097 -11.27 24.32 30.89
N GLY C 2098 -11.40 23.09 31.37
CA GLY C 2098 -12.37 22.16 30.83
C GLY C 2098 -12.05 21.73 29.41
N ALA C 2099 -10.92 21.08 29.22
CA ALA C 2099 -10.50 20.64 27.90
C ALA C 2099 -10.18 19.15 27.91
N PRO C 2100 -10.94 18.33 27.19
CA PRO C 2100 -10.67 16.89 27.19
C PRO C 2100 -9.29 16.58 26.64
N LEU C 2101 -8.63 15.61 27.26
CA LEU C 2101 -7.29 15.23 26.81
C LEU C 2101 -7.37 14.37 25.56
N LEU C 2102 -8.41 13.57 25.49
CA LEU C 2102 -8.52 12.62 24.36
C LEU C 2102 -8.68 13.45 23.07
N TYR C 2103 -9.39 14.57 23.14
CA TYR C 2103 -9.65 15.34 21.89
C TYR C 2103 -8.34 15.85 21.33
N TYR C 2104 -7.47 16.39 22.20
CA TYR C 2104 -6.20 17.00 21.72
C TYR C 2104 -5.22 15.89 21.32
N VAL C 2105 -5.35 14.69 21.89
CA VAL C 2105 -4.51 13.55 21.42
C VAL C 2105 -4.95 13.26 19.99
N ASN C 2106 -6.25 13.16 19.78
CA ASN C 2106 -6.75 12.81 18.42
C ASN C 2106 -6.22 13.86 17.44
N GLN C 2107 -5.92 15.06 17.92
CA GLN C 2107 -5.38 16.13 17.09
C GLN C 2107 -3.86 16.01 16.95
N ALA C 2108 -3.15 15.73 18.04
CA ALA C 2108 -1.70 15.61 18.00
C ALA C 2108 -1.23 14.39 17.23
N ARG C 2109 -2.13 13.45 16.92
CA ARG C 2109 -1.72 12.32 16.09
C ARG C 2109 -1.20 12.74 14.72
N GLN C 2110 -1.54 13.93 14.24
CA GLN C 2110 -1.15 14.39 12.90
C GLN C 2110 0.13 15.22 12.92
N ALA C 2111 0.79 15.32 14.07
CA ALA C 2111 2.05 16.05 14.16
C ALA C 2111 3.25 15.25 13.64
N PRO C 2112 3.40 13.97 13.99
CA PRO C 2112 4.58 13.23 13.52
C PRO C 2112 4.64 13.15 11.99
N ARG C 2113 5.86 13.13 11.46
CA ARG C 2113 6.04 13.07 10.02
C ARG C 2113 5.48 11.77 9.46
N LEU C 2114 5.85 10.64 10.05
CA LEU C 2114 5.25 9.35 9.69
C LEU C 2114 4.01 9.21 10.55
N LYS C 2115 2.87 9.62 10.00
CA LYS C 2115 1.65 9.80 10.79
C LYS C 2115 0.98 8.47 11.11
N TYR C 2116 1.67 7.36 10.91
CA TYR C 2116 1.07 6.08 11.21
C TYR C 2116 2.02 5.16 11.96
N LEU C 2117 3.31 5.48 11.96
CA LEU C 2117 4.30 4.68 12.67
C LEU C 2117 4.82 5.33 13.94
N ILE C 2118 4.73 6.65 14.06
CA ILE C 2118 5.04 7.33 15.32
C ILE C 2118 3.89 8.29 15.65
N GLY C 2119 2.82 8.22 14.88
CA GLY C 2119 1.67 9.07 15.12
C GLY C 2119 0.48 8.33 15.72
N ALA C 2120 0.39 7.04 15.44
CA ALA C 2120 -0.71 6.21 15.93
C ALA C 2120 -0.31 5.37 17.12
N ALA C 2121 0.86 5.62 17.71
CA ALA C 2121 1.36 4.84 18.83
C ALA C 2121 0.69 5.20 20.16
N PRO C 2122 0.56 6.50 20.53
CA PRO C 2122 0.01 6.82 21.86
C PRO C 2122 -1.41 6.32 22.09
N ILE C 2123 -1.58 5.49 23.11
CA ILE C 2123 -2.88 5.00 23.53
C ILE C 2123 -3.17 5.53 24.93
N ALA C 2124 -4.43 5.43 25.35
CA ALA C 2124 -4.87 5.93 26.65
C ALA C 2124 -5.51 4.81 27.45
N TYR C 2125 -5.17 4.75 28.74
CA TYR C 2125 -5.70 3.75 29.66
C TYR C 2125 -6.41 4.46 30.80
N GLY C 2126 -7.72 4.23 30.92
CA GLY C 2126 -8.45 4.78 32.04
C GLY C 2126 -9.75 5.47 31.69
N LEU C 2127 -10.14 6.45 32.52
CA LEU C 2127 -11.35 7.25 32.39
C LEU C 2127 -11.00 8.68 31.95
N PRO C 2128 -11.93 9.37 31.28
CA PRO C 2128 -11.59 10.67 30.69
C PRO C 2128 -11.08 11.66 31.72
N VAL C 2129 -10.04 12.40 31.36
CA VAL C 2129 -9.51 13.44 32.22
C VAL C 2129 -9.62 14.76 31.50
N SER C 2130 -9.48 15.86 32.23
CA SER C 2130 -9.63 17.19 31.68
C SER C 2130 -9.09 18.22 32.67
N LEU C 2131 -9.18 19.50 32.31
CA LEU C 2131 -8.79 20.55 33.24
C LEU C 2131 -9.98 20.90 34.13
N ARG C 2132 -9.87 22.01 34.86
CA ARG C 2132 -10.91 22.38 35.81
C ARG C 2132 -11.89 23.39 35.21
#